data_5ZCT
#
_entry.id   5ZCT
#
_cell.length_a   212.618
_cell.length_b   121.628
_cell.length_c   119.741
_cell.angle_alpha   90.000
_cell.angle_beta   118.740
_cell.angle_gamma   90.000
#
_symmetry.space_group_name_H-M   'C 1 2 1'
#
loop_
_entity.id
_entity.type
_entity.pdbx_description
1 polymer 'Ribosomal protein S6--L-glutamate ligase'
2 non-polymer 'PHOSPHOAMINOPHOSPHONIC ACID-ADENYLATE ESTER'
3 non-polymer 'MAGNESIUM ION'
4 non-polymer 'SULFATE ION'
5 water water
#
_entity_poly.entity_id   1
_entity_poly.type   'polypeptide(L)'
_entity_poly.pdbx_seq_one_letter_code
;MKIAILSRDGTLYSCKRLREAAIQRGHLVEILDPLSCYMNINPAASSIHYKGRKLPHFDAVIPRIGTAITFYGTAALRQF
EMLGSYPLNESVAIARARDKLRSMQLLARQGIDLPVTGIAHSPDDTSDLIDMVGGAPLVVKLVEGTQGIGVVLAETRQAA
ESVIDAFRGLNAHILVQEYIKEAQGCDIRCLVVGDEVVAAIERRAKEGDFRSNLHRGGAASVASITPQEREIAIKAARTM
ALDVAGVDILRANRGPLVMEVNASPGLEGIEKTTGIDIAGKMIRWIERHATTEYCLKTGGGTLVPR
;
_entity_poly.pdbx_strand_id   A,B,C,D,E,F,G,H
#
loop_
_chem_comp.id
_chem_comp.type
_chem_comp.name
_chem_comp.formula
ANP non-polymer 'PHOSPHOAMINOPHOSPHONIC ACID-ADENYLATE ESTER' 'C10 H17 N6 O12 P3'
MG non-polymer 'MAGNESIUM ION' 'Mg 2'
SO4 non-polymer 'SULFATE ION' 'O4 S -2'
#
# COMPACT_ATOMS: atom_id res chain seq x y z
N MET A 1 -28.68 2.02 -46.24
CA MET A 1 -27.49 2.79 -46.52
C MET A 1 -26.41 1.78 -46.87
N LYS A 2 -25.29 2.27 -47.38
CA LYS A 2 -24.18 1.39 -47.74
C LYS A 2 -23.12 1.43 -46.63
N ILE A 3 -22.79 0.27 -46.09
CA ILE A 3 -21.93 0.16 -44.92
C ILE A 3 -20.75 -0.77 -45.23
N ALA A 4 -19.55 -0.32 -44.95
CA ALA A 4 -18.39 -1.18 -45.02
C ALA A 4 -17.97 -1.59 -43.61
N ILE A 5 -17.65 -2.87 -43.43
CA ILE A 5 -17.01 -3.36 -42.21
C ILE A 5 -15.52 -3.53 -42.49
N LEU A 6 -14.69 -2.77 -41.77
CA LEU A 6 -13.25 -2.75 -42.03
C LEU A 6 -12.56 -3.72 -41.07
N SER A 7 -12.28 -4.94 -41.52
CA SER A 7 -11.74 -5.95 -40.62
C SER A 7 -10.95 -7.02 -41.36
N ARG A 8 -9.83 -7.45 -40.76
CA ARG A 8 -9.15 -8.67 -41.19
C ARG A 8 -10.02 -9.90 -40.98
N ASP A 9 -10.84 -9.88 -39.93
CA ASP A 9 -11.49 -11.09 -39.41
C ASP A 9 -12.91 -11.26 -39.96
N GLY A 10 -13.02 -11.21 -41.29
CA GLY A 10 -14.34 -11.20 -41.92
C GLY A 10 -15.16 -12.45 -41.65
N THR A 11 -14.50 -13.56 -41.32
CA THR A 11 -15.21 -14.82 -41.06
C THR A 11 -15.45 -15.07 -39.59
N LEU A 12 -15.01 -14.18 -38.71
CA LEU A 12 -15.20 -14.37 -37.27
C LEU A 12 -16.57 -13.85 -36.83
N TYR A 13 -16.96 -14.29 -35.64
CA TYR A 13 -18.30 -14.06 -35.13
C TYR A 13 -18.75 -12.61 -35.22
N SER A 14 -17.92 -11.68 -34.75
CA SER A 14 -18.37 -10.31 -34.58
C SER A 14 -18.67 -9.65 -35.91
N CYS A 15 -17.79 -9.85 -36.90
CA CYS A 15 -18.03 -9.25 -38.22
C CYS A 15 -19.21 -9.91 -38.92
N LYS A 16 -19.37 -11.23 -38.75
CA LYS A 16 -20.54 -11.88 -39.34
C LYS A 16 -21.82 -11.33 -38.74
N ARG A 17 -21.83 -11.16 -37.40
CA ARG A 17 -23.01 -10.61 -36.75
C ARG A 17 -23.29 -9.19 -37.21
N LEU A 18 -22.25 -8.37 -37.37
CA LEU A 18 -22.48 -7.01 -37.83
C LEU A 18 -23.05 -7.02 -39.23
N ARG A 19 -22.53 -7.90 -40.08
CA ARG A 19 -23.04 -7.97 -41.45
C ARG A 19 -24.49 -8.44 -41.46
N GLU A 20 -24.79 -9.51 -40.71
CA GLU A 20 -26.16 -10.02 -40.59
C GLU A 20 -27.10 -8.94 -40.13
N ALA A 21 -26.72 -8.24 -39.04
CA ALA A 21 -27.62 -7.27 -38.43
C ALA A 21 -27.87 -6.11 -39.36
N ALA A 22 -26.84 -5.67 -40.07
CA ALA A 22 -27.02 -4.59 -41.03
C ALA A 22 -27.90 -5.03 -42.20
N ILE A 23 -27.77 -6.29 -42.65
CA ILE A 23 -28.58 -6.75 -43.78
C ILE A 23 -30.03 -6.89 -43.35
N GLN A 24 -30.28 -7.54 -42.22
CA GLN A 24 -31.61 -7.68 -41.66
C GLN A 24 -32.32 -6.34 -41.60
N ARG A 25 -31.58 -5.30 -41.24
CA ARG A 25 -32.18 -3.99 -41.16
C ARG A 25 -32.17 -3.27 -42.49
N GLY A 26 -31.95 -3.99 -43.59
CA GLY A 26 -32.10 -3.42 -44.92
C GLY A 26 -30.89 -2.70 -45.48
N HIS A 27 -29.71 -2.82 -44.89
CA HIS A 27 -28.59 -2.08 -45.45
C HIS A 27 -27.80 -2.95 -46.42
N LEU A 28 -27.00 -2.30 -47.27
CA LEU A 28 -26.02 -2.98 -48.11
C LEU A 28 -24.65 -2.99 -47.42
N VAL A 29 -24.01 -4.16 -47.36
CA VAL A 29 -22.83 -4.37 -46.54
C VAL A 29 -21.69 -4.96 -47.35
N GLU A 30 -20.47 -4.52 -47.05
CA GLU A 30 -19.31 -5.14 -47.62
C GLU A 30 -18.22 -5.27 -46.57
N ILE A 31 -17.72 -6.48 -46.36
CA ILE A 31 -16.56 -6.67 -45.49
C ILE A 31 -15.30 -6.41 -46.30
N LEU A 32 -14.47 -5.47 -45.85
CA LEU A 32 -13.24 -5.11 -46.54
C LEU A 32 -12.06 -5.30 -45.61
N ASP A 33 -11.05 -6.00 -46.11
CA ASP A 33 -9.80 -6.18 -45.39
C ASP A 33 -9.01 -4.89 -45.50
N PRO A 34 -8.72 -4.21 -44.38
CA PRO A 34 -7.97 -2.95 -44.50
C PRO A 34 -6.64 -3.11 -45.21
N LEU A 35 -5.98 -4.25 -45.01
CA LEU A 35 -4.66 -4.46 -45.59
C LEU A 35 -4.74 -4.59 -47.11
N SER A 36 -5.89 -4.93 -47.66
CA SER A 36 -6.02 -4.95 -49.09
C SER A 36 -6.39 -3.59 -49.66
N CYS A 37 -6.64 -2.57 -48.84
CA CYS A 37 -7.00 -1.27 -49.38
C CYS A 37 -5.76 -0.51 -49.79
N TYR A 38 -5.83 0.21 -50.90
CA TYR A 38 -4.65 1.00 -51.28
C TYR A 38 -5.12 2.25 -52.02
N MET A 39 -4.33 3.31 -51.93
CA MET A 39 -4.88 4.61 -52.32
C MET A 39 -3.80 5.66 -52.46
N ASN A 40 -4.09 6.68 -53.27
CA ASN A 40 -3.31 7.90 -53.22
C ASN A 40 -3.71 8.69 -51.97
N ILE A 41 -2.73 9.25 -51.28
CA ILE A 41 -3.03 10.19 -50.21
C ILE A 41 -2.82 11.62 -50.66
N ASN A 42 -1.73 11.87 -51.38
CA ASN A 42 -1.63 13.04 -52.22
C ASN A 42 -1.81 12.61 -53.67
N PRO A 43 -2.84 13.09 -54.38
CA PRO A 43 -3.69 14.19 -53.89
C PRO A 43 -4.79 13.78 -52.90
N ALA A 44 -5.16 14.75 -52.07
CA ALA A 44 -6.06 14.50 -50.94
C ALA A 44 -7.38 13.89 -51.40
N ALA A 45 -7.83 12.89 -50.63
CA ALA A 45 -9.21 12.38 -50.68
C ALA A 45 -9.57 11.76 -52.02
N SER A 46 -8.64 11.04 -52.64
CA SER A 46 -8.99 10.29 -53.84
C SER A 46 -9.49 8.89 -53.47
N SER A 47 -10.09 8.22 -54.45
CA SER A 47 -10.80 6.96 -54.23
C SER A 47 -9.90 5.88 -53.62
N ILE A 48 -10.53 4.92 -52.97
CA ILE A 48 -9.83 3.80 -52.35
C ILE A 48 -9.95 2.59 -53.27
N HIS A 49 -8.82 2.00 -53.63
CA HIS A 49 -8.84 0.80 -54.45
C HIS A 49 -8.73 -0.44 -53.59
N TYR A 50 -9.15 -1.55 -54.18
CA TYR A 50 -9.35 -2.79 -53.43
C TYR A 50 -9.41 -3.92 -54.45
N LYS A 51 -8.38 -4.76 -54.47
CA LYS A 51 -8.30 -5.91 -55.36
C LYS A 51 -8.57 -5.51 -56.81
N GLY A 52 -7.93 -4.42 -57.24
CA GLY A 52 -8.03 -3.98 -58.61
C GLY A 52 -9.15 -3.01 -58.91
N ARG A 53 -10.15 -2.88 -58.03
CA ARG A 53 -11.30 -2.05 -58.35
C ARG A 53 -11.32 -0.79 -57.50
N LYS A 54 -12.03 0.22 -57.98
CA LYS A 54 -12.29 1.41 -57.19
C LYS A 54 -13.50 1.15 -56.30
N LEU A 55 -13.35 1.38 -55.01
CA LEU A 55 -14.45 1.12 -54.10
C LEU A 55 -15.51 2.20 -54.26
N PRO A 56 -16.79 1.84 -54.17
CA PRO A 56 -17.84 2.86 -54.15
C PRO A 56 -17.83 3.62 -52.84
N HIS A 57 -18.62 4.68 -52.83
CA HIS A 57 -18.80 5.46 -51.61
C HIS A 57 -19.57 4.62 -50.60
N PHE A 58 -19.13 4.66 -49.34
CA PHE A 58 -19.86 4.05 -48.25
C PHE A 58 -20.42 5.15 -47.37
N ASP A 59 -21.68 5.01 -46.97
CA ASP A 59 -22.27 5.99 -46.06
C ASP A 59 -21.68 5.86 -44.66
N ALA A 60 -21.35 4.64 -44.23
CA ALA A 60 -20.77 4.37 -42.93
C ALA A 60 -19.69 3.31 -43.04
N VAL A 61 -18.68 3.41 -42.18
CA VAL A 61 -17.65 2.38 -42.03
C VAL A 61 -17.61 1.94 -40.58
N ILE A 62 -17.60 0.63 -40.38
CA ILE A 62 -17.46 0.02 -39.06
C ILE A 62 -16.02 -0.52 -38.91
N PRO A 63 -15.14 0.20 -38.23
CA PRO A 63 -13.76 -0.29 -38.06
C PRO A 63 -13.67 -1.37 -36.99
N ARG A 64 -12.98 -2.44 -37.33
CA ARG A 64 -12.69 -3.53 -36.39
C ARG A 64 -11.21 -3.92 -36.60
N ILE A 65 -10.33 -3.00 -36.23
CA ILE A 65 -8.92 -3.00 -36.63
C ILE A 65 -8.08 -3.61 -35.52
N GLY A 66 -7.44 -4.75 -35.81
CA GLY A 66 -6.61 -5.42 -34.82
C GLY A 66 -5.41 -4.61 -34.38
N THR A 67 -4.90 -4.95 -33.20
CA THR A 67 -3.78 -4.21 -32.61
C THR A 67 -2.58 -4.17 -33.55
N ALA A 68 -2.21 -5.33 -34.11
CA ALA A 68 -0.99 -5.41 -34.91
C ALA A 68 -1.04 -4.51 -36.15
N ILE A 69 -2.23 -4.09 -36.57
CA ILE A 69 -2.38 -3.29 -37.78
C ILE A 69 -2.96 -1.91 -37.48
N THR A 70 -2.82 -1.46 -36.23
CA THR A 70 -3.44 -0.20 -35.85
C THR A 70 -3.07 0.93 -36.81
N PHE A 71 -1.79 1.05 -37.15
CA PHE A 71 -1.36 2.19 -37.92
C PHE A 71 -1.87 2.13 -39.35
N TYR A 72 -1.94 0.92 -39.96
CA TYR A 72 -2.39 0.94 -41.35
C TYR A 72 -3.90 0.94 -41.43
N GLY A 73 -4.57 0.13 -40.60
CA GLY A 73 -6.02 0.17 -40.53
C GLY A 73 -6.57 1.57 -40.34
N THR A 74 -6.01 2.33 -39.39
CA THR A 74 -6.56 3.67 -39.13
C THR A 74 -6.27 4.61 -40.29
N ALA A 75 -5.12 4.42 -40.97
CA ALA A 75 -4.89 5.20 -42.17
C ALA A 75 -5.97 4.90 -43.20
N ALA A 76 -6.28 3.61 -43.38
CA ALA A 76 -7.35 3.27 -44.31
C ALA A 76 -8.66 3.89 -43.82
N LEU A 77 -8.90 3.83 -42.50
CA LEU A 77 -10.14 4.37 -41.97
C LEU A 77 -10.20 5.86 -42.26
N ARG A 78 -9.08 6.55 -42.04
CA ARG A 78 -9.06 7.99 -42.23
C ARG A 78 -9.43 8.33 -43.66
N GLN A 79 -9.03 7.49 -44.60
CA GLN A 79 -9.31 7.79 -45.98
C GLN A 79 -10.81 7.71 -46.24
N PHE A 80 -11.48 6.66 -45.71
CA PHE A 80 -12.94 6.60 -45.81
C PHE A 80 -13.55 7.82 -45.16
N GLU A 81 -12.98 8.28 -44.04
CA GLU A 81 -13.51 9.45 -43.39
C GLU A 81 -13.38 10.66 -44.28
N MET A 82 -12.22 10.81 -44.94
CA MET A 82 -12.00 11.97 -45.80
C MET A 82 -12.91 11.95 -47.02
N LEU A 83 -13.33 10.76 -47.45
CA LEU A 83 -14.30 10.59 -48.52
C LEU A 83 -15.72 10.80 -48.05
N GLY A 84 -15.94 11.11 -46.78
CA GLY A 84 -17.26 11.42 -46.27
C GLY A 84 -17.98 10.30 -45.54
N SER A 85 -17.37 9.14 -45.36
CA SER A 85 -18.07 8.06 -44.64
C SER A 85 -18.15 8.37 -43.15
N TYR A 86 -19.29 8.01 -42.57
CA TYR A 86 -19.42 8.07 -41.13
C TYR A 86 -18.66 6.91 -40.50
N PRO A 87 -17.73 7.15 -39.58
CA PRO A 87 -17.07 6.03 -38.88
C PRO A 87 -17.73 5.67 -37.55
N LEU A 88 -18.02 4.38 -37.29
CA LEU A 88 -18.39 3.96 -35.94
C LEU A 88 -17.11 3.84 -35.12
N ASN A 89 -16.64 4.99 -34.60
CA ASN A 89 -15.33 5.25 -33.97
C ASN A 89 -14.38 5.92 -34.96
N GLU A 90 -13.98 7.16 -34.69
CA GLU A 90 -13.08 7.84 -35.59
C GLU A 90 -11.66 7.31 -35.47
N SER A 91 -10.93 7.43 -36.58
CA SER A 91 -9.58 6.91 -36.69
C SER A 91 -8.66 7.48 -35.62
N VAL A 92 -8.72 8.79 -35.40
CA VAL A 92 -7.89 9.42 -34.38
C VAL A 92 -8.16 8.84 -32.99
N ALA A 93 -9.43 8.55 -32.69
CA ALA A 93 -9.75 8.03 -31.36
C ALA A 93 -9.30 6.57 -31.22
N ILE A 94 -9.44 5.77 -32.27
CA ILE A 94 -8.92 4.40 -32.29
C ILE A 94 -7.40 4.40 -32.08
N ALA A 95 -6.72 5.34 -32.74
CA ALA A 95 -5.26 5.42 -32.67
C ALA A 95 -4.81 5.79 -31.28
N ARG A 96 -5.47 6.78 -30.66
CA ARG A 96 -5.17 7.09 -29.27
C ARG A 96 -5.48 5.91 -28.34
N ALA A 97 -6.62 5.23 -28.56
CA ALA A 97 -6.98 4.11 -27.68
C ALA A 97 -5.97 2.98 -27.73
N ARG A 98 -5.30 2.79 -28.88
CA ARG A 98 -4.25 1.79 -28.95
C ARG A 98 -3.06 2.13 -28.05
N ASP A 99 -2.88 3.40 -27.71
CA ASP A 99 -1.82 3.87 -26.83
C ASP A 99 -2.30 3.81 -25.38
N LYS A 100 -1.99 2.70 -24.69
CA LYS A 100 -2.60 2.48 -23.37
C LYS A 100 -2.12 3.51 -22.34
N LEU A 101 -0.84 3.88 -22.38
CA LEU A 101 -0.37 4.90 -21.46
C LEU A 101 -1.09 6.22 -21.71
N ARG A 102 -1.15 6.64 -22.97
CA ARG A 102 -1.80 7.90 -23.27
C ARG A 102 -3.27 7.88 -22.86
N SER A 103 -3.95 6.75 -23.11
CA SER A 103 -5.36 6.64 -22.76
C SER A 103 -5.58 6.68 -21.24
N MET A 104 -4.74 5.98 -20.47
CA MET A 104 -4.85 6.03 -19.01
C MET A 104 -4.55 7.43 -18.48
N GLN A 105 -3.53 8.09 -19.04
CA GLN A 105 -3.26 9.46 -18.63
C GLN A 105 -4.45 10.36 -18.91
N LEU A 106 -5.09 10.18 -20.08
CA LEU A 106 -6.25 11.01 -20.40
C LEU A 106 -7.40 10.74 -19.44
N LEU A 107 -7.75 9.47 -19.22
CA LEU A 107 -8.84 9.16 -18.30
C LEU A 107 -8.55 9.71 -16.90
N ALA A 108 -7.33 9.54 -16.41
CA ALA A 108 -6.99 10.05 -15.09
C ALA A 108 -7.10 11.57 -15.04
N ARG A 109 -6.57 12.25 -16.06
CA ARG A 109 -6.56 13.71 -16.04
C ARG A 109 -7.96 14.29 -16.14
N GLN A 110 -8.87 13.58 -16.79
CA GLN A 110 -10.26 13.94 -16.87
C GLN A 110 -11.06 13.53 -15.63
N GLY A 111 -10.39 13.04 -14.59
CA GLY A 111 -11.07 12.80 -13.34
C GLY A 111 -11.77 11.46 -13.21
N ILE A 112 -11.61 10.54 -14.16
CA ILE A 112 -12.16 9.20 -13.98
C ILE A 112 -11.28 8.44 -13.00
N ASP A 113 -11.91 7.83 -12.00
CA ASP A 113 -11.25 7.02 -10.99
C ASP A 113 -10.63 5.77 -11.62
N LEU A 114 -9.31 5.61 -11.46
CA LEU A 114 -8.60 4.40 -11.84
C LEU A 114 -7.87 3.89 -10.61
N PRO A 115 -7.36 2.66 -10.61
CA PRO A 115 -6.42 2.29 -9.54
C PRO A 115 -5.24 3.23 -9.60
N VAL A 116 -4.59 3.43 -8.44
CA VAL A 116 -3.31 4.12 -8.44
C VAL A 116 -2.36 3.35 -9.34
N THR A 117 -1.76 4.03 -10.32
CA THR A 117 -1.00 3.34 -11.35
C THR A 117 0.29 4.09 -11.62
N GLY A 118 1.42 3.43 -11.35
CA GLY A 118 2.72 3.95 -11.70
C GLY A 118 3.17 3.32 -13.01
N ILE A 119 3.90 4.07 -13.79
CA ILE A 119 4.44 3.56 -15.04
C ILE A 119 5.94 3.63 -14.96
N ALA A 120 6.59 2.72 -15.64
CA ALA A 120 8.04 2.67 -15.62
C ALA A 120 8.51 1.96 -16.87
N HIS A 121 9.80 2.13 -17.18
CA HIS A 121 10.38 1.38 -18.29
C HIS A 121 11.72 0.83 -17.84
N SER A 122 12.68 1.71 -17.52
CA SER A 122 13.97 1.35 -16.95
C SER A 122 14.17 2.07 -15.61
N PRO A 123 13.36 1.76 -14.60
CA PRO A 123 13.52 2.42 -13.31
C PRO A 123 14.81 2.00 -12.67
N ASP A 124 15.46 2.93 -11.97
CA ASP A 124 16.74 2.63 -11.33
C ASP A 124 16.62 2.54 -9.80
N ASP A 125 15.41 2.63 -9.25
CA ASP A 125 15.19 2.48 -7.80
C ASP A 125 13.87 1.71 -7.67
N THR A 126 13.98 0.38 -7.64
CA THR A 126 12.78 -0.45 -7.51
C THR A 126 12.00 -0.11 -6.24
N SER A 127 12.71 0.15 -5.16
CA SER A 127 12.07 0.47 -3.89
C SER A 127 11.30 1.77 -3.99
N ASP A 128 11.93 2.81 -4.55
CA ASP A 128 11.23 4.09 -4.73
C ASP A 128 9.98 3.91 -5.58
N LEU A 129 10.07 3.14 -6.66
CA LEU A 129 8.89 2.91 -7.50
C LEU A 129 7.77 2.22 -6.73
N ILE A 130 8.12 1.18 -5.96
CA ILE A 130 7.12 0.43 -5.19
C ILE A 130 6.44 1.35 -4.19
N ASP A 131 7.21 2.20 -3.51
CA ASP A 131 6.64 3.08 -2.51
C ASP A 131 5.83 4.18 -3.16
N MET A 132 6.28 4.65 -4.32
CA MET A 132 5.53 5.68 -5.01
C MET A 132 4.13 5.20 -5.33
N VAL A 133 3.99 3.94 -5.75
CA VAL A 133 2.63 3.47 -5.98
C VAL A 133 1.87 3.17 -4.70
N GLY A 134 2.53 3.04 -3.56
CA GLY A 134 1.83 2.77 -2.31
C GLY A 134 2.21 1.48 -1.61
N GLY A 135 3.14 0.67 -2.12
CA GLY A 135 3.55 -0.54 -1.45
C GLY A 135 2.76 -1.78 -1.85
N ALA A 136 3.30 -2.94 -1.48
CA ALA A 136 2.64 -4.20 -1.73
C ALA A 136 1.32 -4.29 -0.97
N PRO A 137 0.33 -5.08 -1.47
CA PRO A 137 0.35 -5.89 -2.69
C PRO A 137 0.19 -5.05 -3.95
N LEU A 138 0.89 -5.43 -5.02
CA LEU A 138 0.82 -4.70 -6.28
C LEU A 138 0.63 -5.66 -7.42
N VAL A 139 -0.05 -5.21 -8.45
CA VAL A 139 -0.09 -5.92 -9.72
C VAL A 139 0.93 -5.30 -10.64
N VAL A 140 1.78 -6.13 -11.24
CA VAL A 140 2.76 -5.64 -12.18
C VAL A 140 2.40 -6.22 -13.52
N LYS A 141 2.39 -5.37 -14.56
CA LYS A 141 1.98 -5.92 -15.84
C LYS A 141 2.65 -5.20 -16.99
N LEU A 142 2.84 -5.94 -18.07
CA LEU A 142 3.42 -5.37 -19.27
C LEU A 142 2.34 -4.55 -19.98
N VAL A 143 2.69 -3.32 -20.36
CA VAL A 143 1.74 -2.42 -21.00
C VAL A 143 1.21 -3.04 -22.27
N GLU A 144 2.08 -3.64 -23.08
CA GLU A 144 1.71 -4.24 -24.36
C GLU A 144 1.24 -5.69 -24.23
N GLY A 145 1.07 -6.19 -23.00
CA GLY A 145 0.62 -7.56 -22.84
C GLY A 145 -0.85 -7.72 -23.18
N THR A 146 -1.24 -8.97 -23.46
CA THR A 146 -2.62 -9.28 -23.79
C THR A 146 -3.02 -10.57 -23.11
N GLN A 147 -4.33 -10.74 -22.97
CA GLN A 147 -4.92 -11.88 -22.29
C GLN A 147 -4.31 -12.09 -20.90
N GLY A 148 -3.89 -11.00 -20.20
CA GLY A 148 -3.34 -11.45 -18.92
C GLY A 148 -1.97 -12.14 -18.91
N ILE A 149 -1.32 -12.30 -20.06
CA ILE A 149 0.07 -12.78 -20.06
C ILE A 149 0.98 -11.63 -19.64
N GLY A 150 1.79 -11.86 -18.63
CA GLY A 150 2.63 -10.79 -18.12
C GLY A 150 1.93 -9.92 -17.10
N VAL A 151 0.86 -10.43 -16.49
CA VAL A 151 0.15 -9.76 -15.41
C VAL A 151 0.33 -10.63 -14.19
N VAL A 152 0.90 -10.08 -13.14
CA VAL A 152 1.25 -10.90 -11.98
C VAL A 152 0.97 -10.12 -10.71
N LEU A 153 0.49 -10.83 -9.69
CA LEU A 153 0.26 -10.24 -8.38
C LEU A 153 1.48 -10.48 -7.48
N ALA A 154 2.11 -9.40 -7.04
CA ALA A 154 3.20 -9.44 -6.08
C ALA A 154 2.58 -9.09 -4.74
N GLU A 155 2.42 -10.10 -3.88
CA GLU A 155 1.69 -9.92 -2.63
C GLU A 155 2.54 -9.24 -1.58
N THR A 156 3.86 -9.39 -1.68
CA THR A 156 4.79 -8.85 -0.71
C THR A 156 5.76 -7.93 -1.42
N ARG A 157 6.45 -7.12 -0.61
CA ARG A 157 7.44 -6.20 -1.15
C ARG A 157 8.54 -6.94 -1.90
N GLN A 158 9.00 -8.07 -1.36
CA GLN A 158 10.09 -8.79 -2.01
C GLN A 158 9.64 -9.40 -3.33
N ALA A 159 8.42 -9.91 -3.38
CA ALA A 159 7.85 -10.34 -4.66
C ALA A 159 7.83 -9.19 -5.66
N ALA A 160 7.44 -7.99 -5.22
CA ALA A 160 7.37 -6.84 -6.13
C ALA A 160 8.75 -6.43 -6.62
N GLU A 161 9.74 -6.44 -5.71
CA GLU A 161 11.12 -6.15 -6.09
C GLU A 161 11.63 -7.12 -7.14
N SER A 162 11.43 -8.42 -6.91
CA SER A 162 11.93 -9.42 -7.84
C SER A 162 11.21 -9.33 -9.19
N VAL A 163 9.88 -9.15 -9.18
CA VAL A 163 9.15 -9.11 -10.45
C VAL A 163 9.60 -7.90 -11.26
N ILE A 164 9.78 -6.75 -10.60
CA ILE A 164 10.15 -5.54 -11.31
C ILE A 164 11.57 -5.66 -11.88
N ASP A 165 12.48 -6.22 -11.06
CA ASP A 165 13.84 -6.44 -11.55
C ASP A 165 13.85 -7.41 -12.73
N ALA A 166 13.05 -8.48 -12.66
CA ALA A 166 13.00 -9.41 -13.77
C ALA A 166 12.46 -8.76 -15.03
N PHE A 167 11.39 -7.96 -14.90
CA PHE A 167 10.80 -7.32 -16.08
C PHE A 167 11.75 -6.31 -16.72
N ARG A 168 12.66 -5.72 -15.93
CA ARG A 168 13.52 -4.69 -16.52
C ARG A 168 14.31 -5.22 -17.72
N GLY A 169 14.73 -6.49 -17.70
CA GLY A 169 15.50 -6.98 -18.84
C GLY A 169 14.72 -7.11 -20.13
N LEU A 170 13.40 -6.96 -20.08
CA LEU A 170 12.57 -7.06 -21.28
C LEU A 170 12.62 -5.80 -22.14
N ASN A 171 13.15 -4.68 -21.64
CA ASN A 171 13.13 -3.41 -22.38
C ASN A 171 11.72 -3.05 -22.84
N ALA A 172 10.79 -3.01 -21.88
CA ALA A 172 9.37 -2.83 -22.15
C ALA A 172 8.74 -1.93 -21.08
N HIS A 173 7.71 -1.20 -21.48
CA HIS A 173 6.94 -0.39 -20.54
C HIS A 173 6.16 -1.29 -19.60
N ILE A 174 6.15 -0.94 -18.31
CA ILE A 174 5.42 -1.68 -17.32
C ILE A 174 4.52 -0.76 -16.50
N LEU A 175 3.45 -1.33 -15.96
CA LEU A 175 2.61 -0.69 -14.98
C LEU A 175 2.82 -1.39 -13.65
N VAL A 176 2.82 -0.59 -12.58
CA VAL A 176 2.85 -1.06 -11.21
C VAL A 176 1.61 -0.45 -10.58
N GLN A 177 0.68 -1.29 -10.17
CA GLN A 177 -0.67 -0.81 -9.96
C GLN A 177 -1.21 -1.33 -8.64
N GLU A 178 -1.87 -0.43 -7.90
CA GLU A 178 -2.69 -0.81 -6.75
C GLU A 178 -3.48 -2.07 -7.04
N TYR A 179 -3.40 -3.05 -6.14
CA TYR A 179 -4.14 -4.30 -6.30
C TYR A 179 -5.52 -4.18 -5.67
N ILE A 180 -6.57 -4.44 -6.43
CA ILE A 180 -7.95 -4.34 -5.91
C ILE A 180 -8.30 -5.73 -5.41
N LYS A 181 -7.89 -5.99 -4.17
CA LYS A 181 -8.21 -7.26 -3.49
C LYS A 181 -9.72 -7.46 -3.39
N GLU A 182 -10.44 -6.46 -2.92
CA GLU A 182 -11.88 -6.60 -2.65
C GLU A 182 -12.69 -6.95 -3.89
N ALA A 183 -12.10 -6.92 -5.08
CA ALA A 183 -12.84 -7.35 -6.27
C ALA A 183 -12.93 -8.86 -6.37
N GLN A 184 -12.07 -9.58 -5.64
CA GLN A 184 -12.09 -11.03 -5.58
C GLN A 184 -12.02 -11.66 -6.97
N GLY A 185 -11.10 -11.14 -7.78
CA GLY A 185 -10.89 -11.71 -9.09
C GLY A 185 -12.03 -11.54 -10.08
N CYS A 186 -13.01 -10.66 -9.80
CA CYS A 186 -14.06 -10.35 -10.75
C CYS A 186 -13.84 -8.97 -11.35
N ASP A 187 -14.08 -8.87 -12.64
CA ASP A 187 -14.18 -7.57 -13.28
C ASP A 187 -15.50 -7.51 -14.04
N ILE A 188 -16.01 -6.30 -14.23
CA ILE A 188 -17.23 -6.03 -14.96
C ILE A 188 -16.81 -5.49 -16.33
N ARG A 189 -17.25 -6.15 -17.40
CA ARG A 189 -17.05 -5.66 -18.76
C ARG A 189 -18.38 -5.07 -19.24
N CYS A 190 -18.39 -3.76 -19.49
CA CYS A 190 -19.52 -3.05 -20.07
C CYS A 190 -19.25 -2.85 -21.56
N LEU A 191 -20.30 -2.91 -22.37
CA LEU A 191 -20.15 -2.53 -23.77
C LEU A 191 -21.00 -1.29 -23.97
N VAL A 192 -20.34 -0.18 -24.27
CA VAL A 192 -20.99 1.09 -24.52
C VAL A 192 -21.22 1.22 -26.02
N VAL A 193 -22.45 1.59 -26.39
CA VAL A 193 -22.77 2.11 -27.72
C VAL A 193 -23.35 3.49 -27.51
N GLY A 194 -22.65 4.49 -28.01
CA GLY A 194 -23.09 5.86 -27.90
C GLY A 194 -23.22 6.36 -26.48
N ASP A 195 -24.43 6.70 -26.08
CA ASP A 195 -24.62 7.23 -24.73
C ASP A 195 -25.25 6.21 -23.79
N GLU A 196 -25.12 4.92 -24.09
CA GLU A 196 -25.63 3.95 -23.13
C GLU A 196 -24.70 2.75 -23.04
N VAL A 197 -24.79 2.07 -21.90
CA VAL A 197 -24.27 0.71 -21.78
C VAL A 197 -25.36 -0.24 -22.24
N VAL A 198 -25.07 -1.01 -23.30
CA VAL A 198 -26.10 -1.90 -23.82
C VAL A 198 -25.98 -3.31 -23.27
N ALA A 199 -24.87 -3.66 -22.62
CA ALA A 199 -24.70 -5.01 -22.12
C ALA A 199 -23.56 -5.00 -21.11
N ALA A 200 -23.61 -5.90 -20.14
CA ALA A 200 -22.50 -6.02 -19.23
C ALA A 200 -22.44 -7.45 -18.73
N ILE A 201 -21.21 -7.91 -18.48
CA ILE A 201 -20.97 -9.25 -17.97
C ILE A 201 -19.93 -9.14 -16.88
N GLU A 202 -19.96 -10.12 -16.01
CA GLU A 202 -18.99 -10.28 -14.95
C GLU A 202 -18.07 -11.42 -15.36
N ARG A 203 -16.78 -11.20 -15.31
CA ARG A 203 -15.78 -12.23 -15.58
C ARG A 203 -15.09 -12.52 -14.26
N ARG A 204 -15.15 -13.79 -13.84
CA ARG A 204 -14.64 -14.24 -12.55
C ARG A 204 -13.45 -15.16 -12.77
N ALA A 205 -12.34 -14.86 -12.10
CA ALA A 205 -11.11 -15.64 -12.26
C ALA A 205 -11.28 -17.06 -11.70
N LYS A 206 -10.48 -17.98 -12.24
CA LYS A 206 -10.48 -19.36 -11.72
C LYS A 206 -9.92 -19.38 -10.32
N GLU A 207 -10.21 -20.45 -9.59
CA GLU A 207 -9.72 -20.59 -8.22
C GLU A 207 -8.20 -20.50 -8.19
N GLY A 208 -7.67 -19.82 -7.16
CA GLY A 208 -6.24 -19.60 -7.02
C GLY A 208 -5.66 -18.52 -7.90
N ASP A 209 -6.45 -17.94 -8.81
CA ASP A 209 -6.01 -16.90 -9.72
C ASP A 209 -6.77 -15.61 -9.41
N PHE A 210 -6.24 -14.50 -9.92
CA PHE A 210 -6.88 -13.20 -9.77
C PHE A 210 -7.24 -12.56 -11.11
N ARG A 211 -6.80 -13.14 -12.23
CA ARG A 211 -7.06 -12.62 -13.56
C ARG A 211 -8.32 -13.23 -14.15
N SER A 212 -9.25 -12.40 -14.57
CA SER A 212 -10.53 -12.87 -15.07
C SER A 212 -10.50 -13.18 -16.56
N ASN A 213 -9.35 -13.04 -17.23
CA ASN A 213 -9.29 -13.28 -18.67
C ASN A 213 -9.86 -14.64 -19.05
N LEU A 214 -10.49 -14.69 -20.22
CA LEU A 214 -11.03 -15.95 -20.74
C LEU A 214 -9.93 -17.01 -20.80
N HIS A 215 -8.82 -16.69 -21.46
CA HIS A 215 -7.75 -17.64 -21.70
C HIS A 215 -7.04 -18.10 -20.44
N ARG A 216 -7.25 -17.41 -19.31
CA ARG A 216 -6.68 -17.86 -18.05
C ARG A 216 -7.71 -18.55 -17.17
N GLY A 217 -8.79 -19.06 -17.77
CA GLY A 217 -9.81 -19.76 -17.00
C GLY A 217 -10.93 -18.90 -16.47
N GLY A 218 -11.14 -17.71 -17.03
CA GLY A 218 -12.19 -16.84 -16.53
C GLY A 218 -13.57 -17.33 -16.94
N ALA A 219 -14.52 -17.15 -16.03
CA ALA A 219 -15.91 -17.56 -16.20
C ALA A 219 -16.79 -16.32 -16.33
N ALA A 220 -17.53 -16.23 -17.43
CA ALA A 220 -18.45 -15.10 -17.65
C ALA A 220 -19.84 -15.43 -17.14
N SER A 221 -20.48 -14.44 -16.52
CA SER A 221 -21.90 -14.53 -16.20
C SER A 221 -22.53 -13.16 -16.44
N VAL A 222 -23.86 -13.08 -16.34
CA VAL A 222 -24.52 -11.79 -16.49
C VAL A 222 -24.23 -10.95 -15.26
N ALA A 223 -24.02 -9.66 -15.46
CA ALA A 223 -23.65 -8.74 -14.40
C ALA A 223 -24.85 -7.87 -14.02
N SER A 224 -24.83 -7.41 -12.77
CA SER A 224 -25.78 -6.43 -12.21
C SER A 224 -25.00 -5.14 -12.07
N ILE A 225 -25.13 -4.27 -13.01
CA ILE A 225 -24.34 -3.04 -13.04
C ILE A 225 -25.14 -1.96 -12.30
N THR A 226 -24.45 -1.14 -11.49
CA THR A 226 -25.07 -0.03 -10.75
C THR A 226 -25.24 1.19 -11.66
N PRO A 227 -26.15 2.12 -11.30
CA PRO A 227 -26.20 3.40 -12.03
C PRO A 227 -24.84 4.10 -12.12
N GLN A 228 -24.11 4.12 -11.01
CA GLN A 228 -22.77 4.70 -10.99
C GLN A 228 -21.84 4.06 -12.02
N GLU A 229 -21.85 2.72 -12.10
CA GLU A 229 -21.00 2.02 -13.06
C GLU A 229 -21.40 2.32 -14.49
N ARG A 230 -22.72 2.37 -14.76
CA ARG A 230 -23.23 2.74 -16.08
C ARG A 230 -22.70 4.09 -16.49
N GLU A 231 -22.81 5.05 -15.58
CA GLU A 231 -22.39 6.41 -15.86
C GLU A 231 -20.89 6.48 -16.12
N ILE A 232 -20.11 5.73 -15.34
CA ILE A 232 -18.67 5.78 -15.53
C ILE A 232 -18.27 5.16 -16.87
N ALA A 233 -18.87 4.03 -17.25
CA ALA A 233 -18.55 3.42 -18.53
C ALA A 233 -18.87 4.37 -19.67
N ILE A 234 -20.05 4.99 -19.65
CA ILE A 234 -20.41 5.93 -20.71
C ILE A 234 -19.45 7.11 -20.73
N LYS A 235 -19.12 7.65 -19.56
CA LYS A 235 -18.23 8.81 -19.51
C LYS A 235 -16.82 8.44 -19.98
N ALA A 236 -16.35 7.23 -19.64
CA ALA A 236 -15.04 6.78 -20.10
C ALA A 236 -14.99 6.68 -21.61
N ALA A 237 -16.05 6.12 -22.22
CA ALA A 237 -16.09 6.03 -23.67
C ALA A 237 -16.13 7.42 -24.30
N ARG A 238 -16.94 8.31 -23.74
CA ARG A 238 -17.06 9.68 -24.23
C ARG A 238 -15.73 10.42 -24.12
N THR A 239 -15.02 10.23 -23.00
CA THR A 239 -13.74 10.89 -22.80
C THR A 239 -12.73 10.48 -23.85
N MET A 240 -12.73 9.22 -24.23
CA MET A 240 -11.83 8.83 -25.30
C MET A 240 -12.47 8.99 -26.67
N ALA A 241 -13.63 9.63 -26.75
CA ALA A 241 -14.26 9.94 -28.04
C ALA A 241 -14.49 8.67 -28.85
N LEU A 242 -14.89 7.60 -28.17
CA LEU A 242 -15.29 6.38 -28.85
C LEU A 242 -16.82 6.25 -28.81
N ASP A 243 -17.40 5.85 -29.94
CA ASP A 243 -18.83 5.58 -30.05
C ASP A 243 -19.17 4.18 -29.62
N VAL A 244 -18.24 3.25 -29.81
CA VAL A 244 -18.40 1.88 -29.35
C VAL A 244 -17.16 1.51 -28.57
N ALA A 245 -17.36 0.97 -27.37
CA ALA A 245 -16.18 0.61 -26.60
C ALA A 245 -16.53 -0.40 -25.52
N GLY A 246 -15.61 -1.31 -25.25
CA GLY A 246 -15.68 -2.13 -24.05
C GLY A 246 -14.95 -1.41 -22.93
N VAL A 247 -15.59 -1.33 -21.78
CA VAL A 247 -15.02 -0.67 -20.60
C VAL A 247 -14.98 -1.69 -19.47
N ASP A 248 -13.79 -2.01 -19.02
CA ASP A 248 -13.59 -2.96 -17.93
C ASP A 248 -13.39 -2.18 -16.64
N ILE A 249 -14.10 -2.63 -15.60
CA ILE A 249 -14.23 -1.96 -14.30
C ILE A 249 -13.95 -2.94 -13.16
N LEU A 250 -13.18 -2.48 -12.17
CA LEU A 250 -13.00 -3.21 -10.91
C LEU A 250 -13.80 -2.53 -9.81
N ARG A 251 -14.46 -3.33 -8.99
CA ARG A 251 -15.23 -2.79 -7.87
C ARG A 251 -14.30 -2.70 -6.68
N ALA A 252 -13.82 -1.48 -6.40
CA ALA A 252 -13.02 -1.21 -5.21
C ALA A 252 -13.91 -0.75 -4.05
N ASN A 253 -13.36 -0.80 -2.85
CA ASN A 253 -14.08 -0.28 -1.69
C ASN A 253 -14.52 1.16 -1.89
N ARG A 254 -13.65 1.99 -2.48
CA ARG A 254 -14.00 3.38 -2.70
C ARG A 254 -14.90 3.61 -3.90
N GLY A 255 -15.19 2.60 -4.70
CA GLY A 255 -16.00 2.81 -5.86
C GLY A 255 -15.50 2.04 -7.06
N PRO A 256 -16.20 2.17 -8.18
CA PRO A 256 -15.77 1.46 -9.41
C PRO A 256 -14.59 2.17 -10.05
N LEU A 257 -13.58 1.39 -10.44
CA LEU A 257 -12.39 1.93 -11.08
C LEU A 257 -12.33 1.42 -12.51
N VAL A 258 -12.03 2.31 -13.44
CA VAL A 258 -11.89 1.89 -14.82
C VAL A 258 -10.51 1.28 -14.97
N MET A 259 -10.48 0.08 -15.53
CA MET A 259 -9.27 -0.67 -15.75
C MET A 259 -8.86 -0.68 -17.21
N GLU A 260 -9.82 -0.65 -18.13
CA GLU A 260 -9.44 -0.75 -19.54
C GLU A 260 -10.55 -0.22 -20.42
N VAL A 261 -10.16 0.34 -21.57
CA VAL A 261 -11.13 0.77 -22.59
C VAL A 261 -10.66 0.27 -23.95
N ASN A 262 -11.52 -0.44 -24.66
CA ASN A 262 -11.17 -1.15 -25.88
C ASN A 262 -12.07 -0.63 -26.98
N ALA A 263 -11.47 -0.17 -28.08
CA ALA A 263 -12.27 0.38 -29.17
C ALA A 263 -12.89 -0.69 -30.04
N SER A 264 -12.45 -1.94 -29.94
CA SER A 264 -12.99 -3.02 -30.77
C SER A 264 -13.42 -4.20 -29.91
N PRO A 265 -14.39 -4.01 -29.03
CA PRO A 265 -14.78 -5.11 -28.13
C PRO A 265 -15.34 -6.29 -28.91
N GLY A 266 -14.92 -7.48 -28.52
CA GLY A 266 -15.52 -8.68 -29.06
C GLY A 266 -16.98 -8.79 -28.68
N LEU A 267 -17.77 -9.37 -29.59
CA LEU A 267 -19.19 -9.49 -29.36
C LEU A 267 -19.61 -10.88 -28.90
N GLU A 268 -18.78 -11.91 -29.09
CA GLU A 268 -19.30 -13.26 -28.99
C GLU A 268 -19.62 -13.65 -27.56
N GLY A 269 -18.64 -13.51 -26.66
CA GLY A 269 -18.88 -13.88 -25.28
C GLY A 269 -20.00 -13.08 -24.64
N ILE A 270 -19.99 -11.77 -24.84
CA ILE A 270 -20.96 -10.91 -24.18
C ILE A 270 -22.36 -11.14 -24.76
N GLU A 271 -22.47 -11.30 -26.09
CA GLU A 271 -23.78 -11.57 -26.68
C GLU A 271 -24.31 -12.93 -26.21
N LYS A 272 -23.47 -13.97 -26.26
CA LYS A 272 -23.98 -15.28 -25.87
C LYS A 272 -24.25 -15.35 -24.38
N THR A 273 -23.49 -14.62 -23.56
CA THR A 273 -23.76 -14.64 -22.13
C THR A 273 -25.05 -13.90 -21.81
N THR A 274 -25.35 -12.83 -22.53
CA THR A 274 -26.49 -12.01 -22.15
C THR A 274 -27.74 -12.23 -23.01
N GLY A 275 -27.59 -12.66 -24.27
CA GLY A 275 -28.74 -12.71 -25.16
C GLY A 275 -29.15 -11.36 -25.73
N ILE A 276 -28.33 -10.34 -25.56
CA ILE A 276 -28.63 -9.01 -26.09
C ILE A 276 -28.09 -8.92 -27.52
N ASP A 277 -28.89 -8.30 -28.40
CA ASP A 277 -28.50 -8.07 -29.79
C ASP A 277 -27.63 -6.80 -29.83
N ILE A 278 -26.32 -6.99 -29.67
CA ILE A 278 -25.41 -5.85 -29.61
C ILE A 278 -25.09 -5.32 -31.00
N ALA A 279 -24.85 -6.23 -31.96
CA ALA A 279 -24.59 -5.81 -33.33
C ALA A 279 -25.71 -4.93 -33.83
N GLY A 280 -26.96 -5.31 -33.56
CA GLY A 280 -28.08 -4.48 -33.98
C GLY A 280 -28.04 -3.09 -33.37
N LYS A 281 -27.59 -2.97 -32.11
CA LYS A 281 -27.50 -1.66 -31.48
C LYS A 281 -26.42 -0.81 -32.13
N MET A 282 -25.31 -1.43 -32.54
CA MET A 282 -24.29 -0.69 -33.29
C MET A 282 -24.83 -0.17 -34.62
N ILE A 283 -25.57 -1.03 -35.34
CA ILE A 283 -26.17 -0.58 -36.59
C ILE A 283 -27.17 0.55 -36.33
N ARG A 284 -27.95 0.43 -35.25
CA ARG A 284 -28.93 1.47 -34.92
C ARG A 284 -28.24 2.80 -34.68
N TRP A 285 -27.11 2.78 -33.95
CA TRP A 285 -26.38 4.03 -33.74
C TRP A 285 -25.97 4.64 -35.07
N ILE A 286 -25.51 3.81 -36.00
CA ILE A 286 -25.15 4.31 -37.33
C ILE A 286 -26.36 4.96 -38.01
N GLU A 287 -27.51 4.29 -37.99
CA GLU A 287 -28.70 4.85 -38.61
C GLU A 287 -29.02 6.21 -38.03
N ARG A 288 -28.82 6.35 -36.72
CA ARG A 288 -29.17 7.61 -36.07
C ARG A 288 -28.16 8.71 -36.37
N HIS A 289 -26.94 8.36 -36.76
CA HIS A 289 -25.90 9.38 -36.87
C HIS A 289 -25.26 9.51 -38.24
N ALA A 290 -25.46 8.56 -39.14
CA ALA A 290 -24.89 8.62 -40.49
C ALA A 290 -25.92 9.16 -41.49
N THR A 291 -25.50 10.11 -42.31
CA THR A 291 -26.35 10.59 -43.40
C THR A 291 -26.28 9.61 -44.57
N THR A 292 -27.42 9.43 -45.25
CA THR A 292 -27.49 8.53 -46.42
C THR A 292 -27.53 9.30 -47.75
N MET B 1 15.36 30.47 -15.75
CA MET B 1 14.35 29.45 -15.98
C MET B 1 14.99 28.05 -15.88
N LYS B 2 14.20 27.06 -15.47
CA LYS B 2 14.68 25.69 -15.28
C LYS B 2 14.18 24.79 -16.41
N ILE B 3 15.10 24.15 -17.10
CA ILE B 3 14.84 23.49 -18.37
C ILE B 3 15.28 22.03 -18.29
N ALA B 4 14.36 21.13 -18.66
CA ALA B 4 14.65 19.72 -18.85
C ALA B 4 14.80 19.41 -20.34
N ILE B 5 15.85 18.66 -20.66
CA ILE B 5 16.06 18.11 -22.00
C ILE B 5 15.78 16.61 -21.93
N LEU B 6 14.71 16.18 -22.60
CA LEU B 6 14.25 14.80 -22.53
C LEU B 6 14.86 14.03 -23.69
N SER B 7 15.87 13.21 -23.40
CA SER B 7 16.56 12.51 -24.48
C SER B 7 17.32 11.32 -23.91
N ARG B 8 17.39 10.26 -24.72
CA ARG B 8 18.26 9.15 -24.39
C ARG B 8 19.72 9.49 -24.64
N ASP B 9 20.00 10.57 -25.37
CA ASP B 9 21.31 10.82 -25.96
C ASP B 9 21.98 12.08 -25.40
N GLY B 10 21.93 12.26 -24.08
CA GLY B 10 22.54 13.41 -23.44
C GLY B 10 24.03 13.45 -23.66
N THR B 11 24.52 12.41 -24.33
CA THR B 11 25.92 12.29 -24.68
C THR B 11 26.25 13.01 -25.98
N LEU B 12 25.31 13.01 -26.93
CA LEU B 12 25.59 13.39 -28.31
C LEU B 12 25.51 14.91 -28.52
N TYR B 13 25.93 15.33 -29.72
CA TYR B 13 26.19 16.75 -29.99
C TYR B 13 24.96 17.61 -29.71
N SER B 14 23.81 17.23 -30.25
CA SER B 14 22.64 18.13 -30.19
C SER B 14 22.24 18.42 -28.75
N CYS B 15 22.27 17.42 -27.88
CA CYS B 15 21.84 17.63 -26.51
C CYS B 15 22.88 18.43 -25.72
N LYS B 16 24.16 18.09 -25.86
CA LYS B 16 25.20 18.88 -25.22
C LYS B 16 25.11 20.33 -25.66
N ARG B 17 24.89 20.56 -26.96
CA ARG B 17 24.84 21.90 -27.48
C ARG B 17 23.61 22.64 -26.99
N LEU B 18 22.48 21.94 -26.82
CA LEU B 18 21.29 22.59 -26.25
C LEU B 18 21.51 22.95 -24.79
N ARG B 19 22.13 22.05 -24.01
CA ARG B 19 22.43 22.37 -22.62
C ARG B 19 23.42 23.51 -22.50
N GLU B 20 24.51 23.45 -23.28
CA GLU B 20 25.47 24.53 -23.38
C GLU B 20 24.80 25.87 -23.68
N ALA B 21 24.01 25.92 -24.75
CA ALA B 21 23.36 27.15 -25.15
C ALA B 21 22.42 27.66 -24.06
N ALA B 22 21.72 26.75 -23.36
CA ALA B 22 20.79 27.22 -22.34
C ALA B 22 21.54 27.76 -21.12
N ILE B 23 22.60 27.08 -20.70
CA ILE B 23 23.39 27.57 -19.57
C ILE B 23 23.98 28.94 -19.90
N GLN B 24 24.50 29.09 -21.12
CA GLN B 24 24.98 30.36 -21.64
C GLN B 24 24.03 31.51 -21.34
N ARG B 25 22.72 31.26 -21.41
CA ARG B 25 21.71 32.30 -21.24
C ARG B 25 21.13 32.31 -19.83
N GLY B 26 21.82 31.71 -18.86
CA GLY B 26 21.44 31.81 -17.47
C GLY B 26 20.38 30.85 -17.01
N HIS B 27 20.23 29.70 -17.68
CA HIS B 27 19.23 28.71 -17.33
C HIS B 27 19.90 27.51 -16.65
N LEU B 28 19.14 26.85 -15.79
CA LEU B 28 19.58 25.62 -15.15
C LEU B 28 18.98 24.43 -15.91
N VAL B 29 19.84 23.59 -16.44
CA VAL B 29 19.45 22.51 -17.36
C VAL B 29 19.68 21.17 -16.69
N GLU B 30 18.75 20.24 -16.92
CA GLU B 30 18.97 18.84 -16.57
C GLU B 30 18.60 17.97 -17.77
N ILE B 31 19.48 17.05 -18.12
CA ILE B 31 19.24 16.10 -19.21
C ILE B 31 18.68 14.82 -18.58
N LEU B 32 17.51 14.39 -19.03
CA LEU B 32 16.80 13.29 -18.41
C LEU B 32 16.48 12.24 -19.47
N ASP B 33 16.94 11.01 -19.24
CA ASP B 33 16.56 9.87 -20.06
C ASP B 33 15.09 9.56 -19.81
N PRO B 34 14.22 9.70 -20.82
CA PRO B 34 12.79 9.41 -20.59
C PRO B 34 12.55 8.02 -20.02
N LEU B 35 13.34 7.02 -20.44
CA LEU B 35 13.13 5.65 -19.96
C LEU B 35 13.47 5.51 -18.48
N SER B 36 14.25 6.44 -17.92
CA SER B 36 14.55 6.43 -16.50
C SER B 36 13.51 7.17 -15.67
N CYS B 37 12.60 7.90 -16.30
CA CYS B 37 11.51 8.53 -15.57
C CYS B 37 10.46 7.49 -15.19
N TYR B 38 9.94 7.56 -13.95
CA TYR B 38 8.79 6.77 -13.56
C TYR B 38 7.84 7.63 -12.74
N MET B 39 6.55 7.31 -12.75
CA MET B 39 5.59 8.28 -12.21
C MET B 39 4.23 7.61 -12.08
N ASN B 40 3.41 8.12 -11.16
CA ASN B 40 1.98 7.80 -11.14
C ASN B 40 1.25 8.63 -12.19
N ILE B 41 0.47 7.95 -13.05
CA ILE B 41 -0.38 8.67 -13.98
C ILE B 41 -1.74 8.95 -13.36
N ASN B 42 -2.10 8.17 -12.37
CA ASN B 42 -3.22 8.31 -11.46
C ASN B 42 -2.69 8.02 -10.06
N PRO B 43 -2.70 8.99 -9.13
CA PRO B 43 -3.19 10.37 -9.18
C PRO B 43 -2.77 11.17 -10.41
N ALA B 44 -3.77 11.70 -11.10
CA ALA B 44 -3.63 12.69 -12.15
C ALA B 44 -2.43 13.60 -11.92
N ALA B 45 -1.49 13.59 -12.88
CA ALA B 45 -0.37 14.53 -12.96
C ALA B 45 0.56 14.47 -11.76
N SER B 46 0.75 13.29 -11.16
CA SER B 46 1.66 13.14 -10.04
C SER B 46 3.08 13.52 -10.43
N SER B 47 3.90 13.77 -9.42
CA SER B 47 5.27 14.19 -9.71
C SER B 47 6.06 13.04 -10.33
N ILE B 48 6.99 13.41 -11.19
CA ILE B 48 7.85 12.45 -11.91
C ILE B 48 9.09 12.16 -11.07
N HIS B 49 9.40 10.87 -10.89
CA HIS B 49 10.58 10.40 -10.21
C HIS B 49 11.63 9.97 -11.22
N TYR B 50 12.88 9.96 -10.76
CA TYR B 50 14.04 9.77 -11.63
C TYR B 50 15.19 9.33 -10.75
N LYS B 51 15.69 8.11 -10.95
CA LYS B 51 16.81 7.56 -10.19
C LYS B 51 16.69 7.86 -8.70
N GLY B 52 15.52 7.53 -8.15
CA GLY B 52 15.35 7.55 -6.71
C GLY B 52 14.89 8.85 -6.11
N ARG B 53 14.75 9.92 -6.90
CA ARG B 53 14.33 11.20 -6.35
C ARG B 53 13.14 11.76 -7.12
N LYS B 54 12.39 12.62 -6.43
CA LYS B 54 11.32 13.40 -7.03
C LYS B 54 11.93 14.56 -7.80
N LEU B 55 11.59 14.69 -9.08
CA LEU B 55 12.16 15.77 -9.86
C LEU B 55 11.50 17.10 -9.46
N PRO B 56 12.24 18.22 -9.55
CA PRO B 56 11.61 19.52 -9.35
C PRO B 56 10.74 19.90 -10.55
N HIS B 57 9.94 20.94 -10.36
CA HIS B 57 9.20 21.49 -11.47
C HIS B 57 10.14 22.06 -12.51
N PHE B 58 9.87 21.81 -13.79
CA PHE B 58 10.61 22.43 -14.87
C PHE B 58 9.70 23.40 -15.60
N ASP B 59 10.19 24.61 -15.84
CA ASP B 59 9.38 25.58 -16.55
C ASP B 59 9.25 25.22 -18.03
N ALA B 60 10.24 24.55 -18.58
CA ALA B 60 10.18 24.09 -19.96
C ALA B 60 10.82 22.71 -20.06
N VAL B 61 10.38 21.94 -21.04
CA VAL B 61 11.01 20.66 -21.33
C VAL B 61 11.32 20.63 -22.81
N ILE B 62 12.52 20.16 -23.16
CA ILE B 62 12.86 20.04 -24.58
C ILE B 62 12.84 18.57 -24.97
N PRO B 63 11.83 18.09 -25.68
CA PRO B 63 11.81 16.67 -26.06
C PRO B 63 12.71 16.42 -27.25
N ARG B 64 13.60 15.43 -27.12
CA ARG B 64 14.41 14.92 -28.22
C ARG B 64 14.24 13.40 -28.27
N ILE B 65 13.00 12.96 -28.55
CA ILE B 65 12.58 11.57 -28.35
C ILE B 65 13.04 10.72 -29.53
N GLY B 66 13.72 9.63 -29.24
CA GLY B 66 14.13 8.71 -30.28
C GLY B 66 12.95 8.01 -30.93
N THR B 67 13.13 7.69 -32.22
CA THR B 67 12.11 6.96 -32.97
C THR B 67 11.63 5.73 -32.24
N ALA B 68 12.57 4.97 -31.65
CA ALA B 68 12.28 3.65 -31.13
C ALA B 68 11.45 3.66 -29.85
N ILE B 69 11.41 4.78 -29.12
CA ILE B 69 10.77 4.75 -27.81
C ILE B 69 9.67 5.81 -27.70
N THR B 70 8.85 5.95 -28.75
CA THR B 70 7.86 7.02 -28.74
C THR B 70 6.83 6.83 -27.63
N PHE B 71 6.24 5.63 -27.47
CA PHE B 71 5.07 5.52 -26.59
C PHE B 71 5.41 5.89 -25.15
N TYR B 72 6.52 5.38 -24.60
CA TYR B 72 6.92 5.83 -23.28
C TYR B 72 7.40 7.26 -23.30
N GLY B 73 8.15 7.64 -24.34
CA GLY B 73 8.72 8.95 -24.48
C GLY B 73 7.66 10.01 -24.39
N THR B 74 6.67 9.93 -25.28
CA THR B 74 5.58 10.90 -25.24
C THR B 74 4.83 10.81 -23.93
N ALA B 75 4.67 9.61 -23.35
CA ALA B 75 3.98 9.55 -22.08
C ALA B 75 4.72 10.41 -21.06
N ALA B 76 6.05 10.29 -21.01
CA ALA B 76 6.78 11.06 -20.01
C ALA B 76 6.66 12.54 -20.31
N LEU B 77 6.73 12.91 -21.60
CA LEU B 77 6.59 14.30 -21.96
C LEU B 77 5.21 14.80 -21.59
N ARG B 78 4.19 13.97 -21.85
CA ARG B 78 2.82 14.33 -21.52
C ARG B 78 2.71 14.63 -20.04
N GLN B 79 3.41 13.86 -19.21
CA GLN B 79 3.32 14.06 -17.77
C GLN B 79 3.95 15.39 -17.39
N PHE B 80 5.12 15.71 -17.97
CA PHE B 80 5.70 17.03 -17.77
C PHE B 80 4.70 18.10 -18.18
N GLU B 81 4.02 17.92 -19.32
CA GLU B 81 3.08 18.94 -19.76
C GLU B 81 1.99 19.14 -18.72
N MET B 82 1.52 18.03 -18.13
CA MET B 82 0.42 18.12 -17.17
C MET B 82 0.88 18.78 -15.87
N LEU B 83 2.16 18.62 -15.53
CA LEU B 83 2.77 19.32 -14.40
C LEU B 83 3.01 20.80 -14.68
N GLY B 84 2.71 21.27 -15.89
CA GLY B 84 2.81 22.68 -16.22
C GLY B 84 4.04 23.08 -17.02
N SER B 85 4.93 22.15 -17.34
CA SER B 85 6.11 22.48 -18.12
C SER B 85 5.71 22.93 -19.52
N TYR B 86 6.45 23.88 -20.06
CA TYR B 86 6.26 24.30 -21.45
C TYR B 86 7.03 23.35 -22.35
N PRO B 87 6.38 22.72 -23.31
CA PRO B 87 7.12 21.80 -24.20
C PRO B 87 7.57 22.48 -25.48
N LEU B 88 8.85 22.29 -25.85
CA LEU B 88 9.34 22.72 -27.16
C LEU B 88 9.02 21.62 -28.17
N ASN B 89 7.77 21.65 -28.65
CA ASN B 89 7.03 20.62 -29.39
C ASN B 89 6.23 19.81 -28.38
N GLU B 90 4.91 19.85 -28.49
CA GLU B 90 4.18 19.11 -27.48
C GLU B 90 3.90 17.68 -27.95
N SER B 91 3.50 16.85 -26.98
CA SER B 91 3.44 15.41 -27.18
C SER B 91 2.42 15.03 -28.24
N VAL B 92 1.30 15.76 -28.32
CA VAL B 92 0.29 15.43 -29.33
C VAL B 92 0.87 15.58 -30.73
N ALA B 93 1.56 16.71 -30.97
CA ALA B 93 2.15 16.98 -32.27
C ALA B 93 3.30 16.02 -32.56
N ILE B 94 4.11 15.67 -31.56
CA ILE B 94 5.20 14.72 -31.79
C ILE B 94 4.64 13.37 -32.19
N ALA B 95 3.64 12.90 -31.44
CA ALA B 95 3.01 11.61 -31.76
C ALA B 95 2.43 11.62 -33.16
N ARG B 96 1.71 12.68 -33.52
CA ARG B 96 1.15 12.73 -34.88
C ARG B 96 2.25 12.82 -35.93
N ALA B 97 3.34 13.51 -35.64
CA ALA B 97 4.39 13.66 -36.64
C ALA B 97 5.14 12.36 -36.90
N ARG B 98 5.24 11.47 -35.90
CA ARG B 98 5.89 10.17 -36.11
C ARG B 98 5.13 9.31 -37.13
N ASP B 99 3.86 9.60 -37.36
CA ASP B 99 3.00 8.83 -38.28
C ASP B 99 3.02 9.54 -39.63
N LYS B 100 3.93 9.07 -40.50
CA LYS B 100 4.10 9.64 -41.83
C LYS B 100 2.80 9.62 -42.64
N LEU B 101 2.11 8.48 -42.67
CA LEU B 101 0.89 8.38 -43.46
C LEU B 101 -0.11 9.42 -43.00
N ARG B 102 -0.36 9.48 -41.69
CA ARG B 102 -1.29 10.46 -41.15
C ARG B 102 -0.81 11.88 -41.43
N SER B 103 0.50 12.11 -41.31
CA SER B 103 1.04 13.46 -41.46
C SER B 103 0.91 13.96 -42.90
N MET B 104 1.27 13.14 -43.87
CA MET B 104 1.07 13.51 -45.26
C MET B 104 -0.42 13.65 -45.58
N GLN B 105 -1.27 12.76 -45.04
CA GLN B 105 -2.71 12.93 -45.23
C GLN B 105 -3.14 14.31 -44.75
N LEU B 106 -2.56 14.76 -43.62
CA LEU B 106 -2.88 16.08 -43.08
C LEU B 106 -2.36 17.19 -43.98
N LEU B 107 -1.10 17.07 -44.41
CA LEU B 107 -0.47 18.13 -45.20
C LEU B 107 -1.18 18.31 -46.55
N ALA B 108 -1.52 17.19 -47.20
CA ALA B 108 -2.25 17.24 -48.46
C ALA B 108 -3.67 17.74 -48.25
N ARG B 109 -4.36 17.29 -47.20
CA ARG B 109 -5.68 17.81 -46.90
C ARG B 109 -5.63 19.31 -46.60
N GLN B 110 -4.53 19.79 -46.02
CA GLN B 110 -4.33 21.20 -45.76
C GLN B 110 -3.62 21.93 -46.90
N GLY B 111 -3.62 21.32 -48.09
CA GLY B 111 -3.26 22.04 -49.31
C GLY B 111 -1.79 22.30 -49.52
N ILE B 112 -0.91 21.44 -49.02
CA ILE B 112 0.51 21.57 -49.29
C ILE B 112 0.89 20.55 -50.36
N ASP B 113 1.84 20.94 -51.21
CA ASP B 113 2.23 20.18 -52.38
C ASP B 113 3.29 19.15 -52.02
N LEU B 114 2.99 17.89 -52.27
CA LEU B 114 3.86 16.76 -51.98
C LEU B 114 4.08 15.98 -53.27
N PRO B 115 5.07 15.10 -53.31
CA PRO B 115 5.16 14.18 -54.45
C PRO B 115 3.94 13.28 -54.47
N VAL B 116 3.53 12.91 -55.67
CA VAL B 116 2.43 11.96 -55.78
C VAL B 116 2.80 10.73 -54.95
N THR B 117 1.92 10.36 -54.03
CA THR B 117 2.22 9.34 -53.04
C THR B 117 1.01 8.45 -52.88
N GLY B 118 1.24 7.15 -52.94
CA GLY B 118 0.21 6.17 -52.68
C GLY B 118 0.65 5.32 -51.50
N ILE B 119 -0.32 4.73 -50.80
CA ILE B 119 0.00 3.85 -49.69
C ILE B 119 -0.66 2.50 -49.94
N ALA B 120 -0.05 1.46 -49.39
CA ALA B 120 -0.59 0.12 -49.51
C ALA B 120 0.01 -0.72 -48.40
N HIS B 121 -0.50 -1.94 -48.27
CA HIS B 121 0.05 -2.86 -47.29
C HIS B 121 0.21 -4.22 -47.94
N SER B 122 -0.91 -4.86 -48.27
CA SER B 122 -0.91 -6.15 -48.94
C SER B 122 -1.78 -6.06 -50.18
N PRO B 123 -1.43 -5.18 -51.11
CA PRO B 123 -2.29 -4.97 -52.27
C PRO B 123 -2.30 -6.22 -53.14
N ASP B 124 -3.42 -6.45 -53.79
CA ASP B 124 -3.65 -7.65 -54.58
C ASP B 124 -3.57 -7.36 -56.07
N ASP B 125 -3.30 -6.11 -56.42
CA ASP B 125 -3.09 -5.69 -57.80
C ASP B 125 -1.96 -4.67 -57.78
N THR B 126 -0.72 -5.18 -57.89
CA THR B 126 0.44 -4.31 -57.77
C THR B 126 0.56 -3.36 -58.96
N SER B 127 0.09 -3.76 -60.14
CA SER B 127 0.17 -2.85 -61.28
C SER B 127 -0.85 -1.72 -61.14
N ASP B 128 -2.05 -2.04 -60.63
CA ASP B 128 -2.99 -0.98 -60.29
C ASP B 128 -2.35 0.05 -59.37
N LEU B 129 -1.67 -0.41 -58.32
CA LEU B 129 -1.06 0.50 -57.36
C LEU B 129 0.04 1.32 -58.02
N ILE B 130 0.86 0.69 -58.86
CA ILE B 130 1.94 1.43 -59.50
C ILE B 130 1.37 2.48 -60.46
N ASP B 131 0.33 2.11 -61.22
CA ASP B 131 -0.32 3.07 -62.12
C ASP B 131 -0.97 4.22 -61.35
N MET B 132 -1.37 3.97 -60.09
CA MET B 132 -1.95 5.02 -59.26
C MET B 132 -1.03 6.22 -59.10
N VAL B 133 0.29 6.00 -59.06
CA VAL B 133 1.23 7.09 -58.87
C VAL B 133 1.87 7.53 -60.19
N GLY B 134 1.67 6.76 -61.27
CA GLY B 134 2.22 7.10 -62.57
C GLY B 134 3.42 6.30 -63.03
N GLY B 135 3.52 5.04 -62.64
CA GLY B 135 4.54 4.18 -63.22
C GLY B 135 5.93 4.44 -62.67
N ALA B 136 6.84 3.56 -63.10
CA ALA B 136 8.25 3.68 -62.73
C ALA B 136 8.91 4.82 -63.49
N PRO B 137 10.06 5.32 -63.00
CA PRO B 137 10.74 5.01 -61.74
C PRO B 137 9.93 5.44 -60.53
N LEU B 138 10.00 4.66 -59.45
CA LEU B 138 9.27 4.95 -58.23
C LEU B 138 10.22 4.86 -57.05
N VAL B 139 9.90 5.55 -55.99
CA VAL B 139 10.53 5.33 -54.71
C VAL B 139 9.58 4.48 -53.90
N VAL B 140 10.10 3.47 -53.22
CA VAL B 140 9.31 2.60 -52.37
C VAL B 140 9.86 2.71 -50.96
N LYS B 141 8.99 2.98 -50.00
CA LYS B 141 9.37 3.16 -48.61
C LYS B 141 8.64 2.13 -47.76
N LEU B 142 9.41 1.33 -47.04
CA LEU B 142 8.93 0.24 -46.23
C LEU B 142 8.93 0.69 -44.78
N VAL B 143 7.79 0.50 -44.10
CA VAL B 143 7.58 1.01 -42.75
C VAL B 143 6.89 -0.04 -41.90
N GLU B 144 7.31 -0.14 -40.64
CA GLU B 144 6.71 -1.05 -39.68
C GLU B 144 6.12 -0.22 -38.54
N GLY B 145 4.79 -0.13 -38.51
CA GLY B 145 4.15 0.84 -37.63
C GLY B 145 4.49 2.27 -38.00
N THR B 146 5.29 2.94 -37.17
CA THR B 146 5.80 4.26 -37.49
C THR B 146 7.28 4.27 -37.80
N GLN B 147 7.94 3.12 -37.77
CA GLN B 147 9.39 3.02 -37.89
C GLN B 147 9.78 2.63 -39.31
N GLY B 148 10.47 3.53 -40.00
CA GLY B 148 10.90 3.27 -41.36
C GLY B 148 11.87 2.11 -41.43
N ILE B 149 11.62 1.17 -42.33
CA ILE B 149 12.56 0.08 -42.58
C ILE B 149 13.56 0.47 -43.65
N GLY B 150 13.10 1.15 -44.69
CA GLY B 150 14.05 1.57 -45.70
C GLY B 150 13.35 2.25 -46.86
N VAL B 151 14.17 2.90 -47.69
CA VAL B 151 13.74 3.63 -48.87
C VAL B 151 14.56 3.14 -50.06
N VAL B 152 13.89 2.79 -51.16
CA VAL B 152 14.58 2.22 -52.31
C VAL B 152 14.06 2.84 -53.59
N LEU B 153 14.90 2.83 -54.61
CA LEU B 153 14.51 3.23 -55.94
C LEU B 153 14.18 1.98 -56.75
N ALA B 154 12.99 1.95 -57.33
CA ALA B 154 12.62 0.96 -58.33
C ALA B 154 12.70 1.67 -59.68
N GLU B 155 13.73 1.35 -60.45
CA GLU B 155 13.90 1.96 -61.77
C GLU B 155 12.91 1.41 -62.80
N THR B 156 12.34 0.23 -62.60
CA THR B 156 11.38 -0.33 -63.53
C THR B 156 10.11 -0.74 -62.80
N ARG B 157 9.08 -1.01 -63.61
CA ARG B 157 7.84 -1.58 -63.09
C ARG B 157 8.09 -2.95 -62.49
N GLN B 158 8.92 -3.77 -63.14
CA GLN B 158 9.25 -5.09 -62.60
C GLN B 158 9.92 -4.98 -61.24
N ALA B 159 10.88 -4.04 -61.09
CA ALA B 159 11.55 -3.88 -59.80
C ALA B 159 10.55 -3.49 -58.71
N ALA B 160 9.63 -2.58 -59.04
CA ALA B 160 8.67 -2.13 -58.04
C ALA B 160 7.75 -3.27 -57.62
N GLU B 161 7.23 -3.99 -58.63
CA GLU B 161 6.43 -5.18 -58.40
C GLU B 161 7.15 -6.14 -57.47
N SER B 162 8.44 -6.35 -57.71
CA SER B 162 9.21 -7.31 -56.92
C SER B 162 9.42 -6.84 -55.48
N VAL B 163 9.60 -5.52 -55.25
CA VAL B 163 9.73 -5.03 -53.88
C VAL B 163 8.42 -5.21 -53.10
N ILE B 164 7.30 -4.85 -53.74
CA ILE B 164 6.01 -5.04 -53.10
C ILE B 164 5.77 -6.52 -52.81
N ASP B 165 5.96 -7.39 -53.81
CA ASP B 165 5.82 -8.82 -53.58
C ASP B 165 6.73 -9.29 -52.43
N ALA B 166 7.98 -8.81 -52.40
CA ALA B 166 8.91 -9.22 -51.36
C ALA B 166 8.35 -8.93 -49.97
N PHE B 167 7.62 -7.84 -49.81
CA PHE B 167 7.20 -7.53 -48.45
C PHE B 167 5.83 -8.08 -48.06
N ARG B 168 5.11 -8.74 -48.97
CA ARG B 168 3.85 -9.36 -48.59
C ARG B 168 4.05 -10.37 -47.47
N GLY B 169 3.29 -10.20 -46.38
CA GLY B 169 3.39 -11.08 -45.24
C GLY B 169 4.38 -10.65 -44.19
N LEU B 170 5.13 -9.56 -44.42
CA LEU B 170 6.17 -9.10 -43.51
C LEU B 170 5.68 -8.06 -42.51
N ASN B 171 4.39 -7.75 -42.48
CA ASN B 171 3.87 -6.79 -41.51
C ASN B 171 4.58 -5.44 -41.66
N ALA B 172 4.63 -4.96 -42.89
CA ALA B 172 5.08 -3.61 -43.18
C ALA B 172 4.10 -2.98 -44.16
N HIS B 173 3.89 -1.69 -44.04
CA HIS B 173 3.17 -1.00 -45.10
C HIS B 173 4.16 -0.25 -46.00
N ILE B 174 3.62 0.24 -47.09
CA ILE B 174 4.38 0.67 -48.25
C ILE B 174 3.89 2.05 -48.66
N LEU B 175 4.82 3.00 -48.80
CA LEU B 175 4.57 4.20 -49.58
C LEU B 175 5.21 4.03 -50.94
N VAL B 176 4.45 4.27 -51.99
CA VAL B 176 4.94 4.31 -53.35
C VAL B 176 4.89 5.77 -53.80
N GLN B 177 5.99 6.28 -54.33
CA GLN B 177 6.11 7.72 -54.48
C GLN B 177 6.77 8.09 -55.79
N GLU B 178 6.14 9.00 -56.52
CA GLU B 178 6.76 9.63 -57.69
C GLU B 178 8.18 10.06 -57.35
N TYR B 179 9.10 9.70 -58.23
CA TYR B 179 10.53 9.90 -58.02
C TYR B 179 10.96 11.22 -58.65
N ILE B 180 11.54 12.10 -57.84
CA ILE B 180 11.98 13.42 -58.32
C ILE B 180 13.45 13.28 -58.70
N LYS B 181 13.69 12.88 -59.96
CA LYS B 181 15.04 12.84 -60.49
C LYS B 181 15.51 14.21 -60.96
N GLU B 182 14.61 15.05 -61.47
CA GLU B 182 15.00 16.42 -61.79
C GLU B 182 15.55 17.16 -60.57
N ALA B 183 15.21 16.70 -59.37
CA ALA B 183 15.90 17.15 -58.17
C ALA B 183 17.32 16.60 -58.07
N GLN B 184 17.74 15.72 -58.98
CA GLN B 184 19.14 15.28 -59.13
C GLN B 184 19.80 14.89 -57.80
N GLY B 185 19.08 14.11 -57.01
CA GLY B 185 19.67 13.56 -55.81
C GLY B 185 19.99 14.57 -54.72
N CYS B 186 19.28 15.69 -54.68
CA CYS B 186 19.55 16.71 -53.67
C CYS B 186 18.23 17.28 -53.13
N ASP B 187 18.16 17.39 -51.80
CA ASP B 187 17.00 17.91 -51.11
C ASP B 187 17.38 19.13 -50.27
N ILE B 188 16.37 19.92 -49.89
CA ILE B 188 16.56 21.10 -49.06
C ILE B 188 16.07 20.77 -47.64
N ARG B 189 16.95 20.92 -46.65
CA ARG B 189 16.61 20.68 -45.25
C ARG B 189 16.56 22.04 -44.53
N CYS B 190 15.36 22.61 -44.45
CA CYS B 190 15.12 23.81 -43.65
C CYS B 190 14.86 23.45 -42.21
N LEU B 191 15.36 24.28 -41.30
CA LEU B 191 15.06 24.13 -39.88
C LEU B 191 14.14 25.27 -39.46
N VAL B 192 12.92 24.94 -39.05
CA VAL B 192 11.95 25.93 -38.60
C VAL B 192 11.99 25.99 -37.08
N VAL B 193 12.17 27.20 -36.55
CA VAL B 193 11.92 27.51 -35.14
C VAL B 193 10.81 28.54 -35.13
N GLY B 194 9.65 28.15 -34.63
CA GLY B 194 8.50 29.03 -34.53
C GLY B 194 7.97 29.54 -35.84
N ASP B 195 8.17 30.83 -36.10
CA ASP B 195 7.70 31.47 -37.32
C ASP B 195 8.82 31.71 -38.33
N GLU B 196 10.01 31.17 -38.10
CA GLU B 196 11.03 31.43 -39.10
C GLU B 196 11.92 30.23 -39.36
N VAL B 197 12.27 30.08 -40.64
CA VAL B 197 13.36 29.20 -41.04
C VAL B 197 14.64 29.80 -40.51
N VAL B 198 15.20 29.15 -39.48
CA VAL B 198 16.45 29.55 -38.85
C VAL B 198 17.68 29.11 -39.65
N ALA B 199 17.52 28.15 -40.55
CA ALA B 199 18.61 27.65 -41.39
C ALA B 199 18.03 26.76 -42.47
N ALA B 200 18.69 26.75 -43.62
CA ALA B 200 18.26 25.97 -44.77
C ALA B 200 19.48 25.54 -45.57
N ILE B 201 19.45 24.30 -46.01
CA ILE B 201 20.60 23.64 -46.60
C ILE B 201 20.15 22.83 -47.82
N GLU B 202 21.02 22.75 -48.83
CA GLU B 202 20.86 21.74 -49.88
C GLU B 202 21.79 20.56 -49.54
N ARG B 203 21.17 19.37 -49.32
CA ARG B 203 21.85 18.12 -49.01
C ARG B 203 21.91 17.27 -50.27
N ARG B 204 23.11 16.80 -50.63
CA ARG B 204 23.34 16.10 -51.89
C ARG B 204 23.86 14.70 -51.64
N ALA B 205 23.11 13.70 -52.11
CA ALA B 205 23.57 12.31 -52.05
C ALA B 205 24.81 12.14 -52.90
N LYS B 206 25.75 11.34 -52.39
CA LYS B 206 26.88 10.88 -53.18
C LYS B 206 26.44 10.50 -54.58
N GLU B 207 27.20 10.94 -55.59
CA GLU B 207 27.00 10.38 -56.91
C GLU B 207 27.14 8.86 -56.76
N GLY B 208 26.03 8.14 -56.93
CA GLY B 208 25.97 6.72 -56.63
C GLY B 208 24.79 6.37 -55.73
N ASP B 209 23.90 7.33 -55.51
CA ASP B 209 22.74 7.14 -54.64
C ASP B 209 21.74 8.25 -54.92
N PHE B 210 20.49 8.02 -54.53
CA PHE B 210 19.46 9.05 -54.57
C PHE B 210 19.12 9.60 -53.20
N ARG B 211 19.48 8.90 -52.12
CA ARG B 211 19.16 9.29 -50.75
C ARG B 211 20.12 10.39 -50.34
N SER B 212 19.67 11.64 -50.48
CA SER B 212 20.47 12.80 -50.09
C SER B 212 20.66 12.81 -48.57
N ASN B 213 20.32 11.70 -47.90
CA ASN B 213 20.53 11.55 -46.46
C ASN B 213 21.96 11.94 -46.09
N LEU B 214 22.10 12.41 -44.85
CA LEU B 214 23.36 12.90 -44.31
C LEU B 214 24.18 11.81 -43.63
N HIS B 215 23.51 10.77 -43.15
CA HIS B 215 24.19 9.62 -42.59
C HIS B 215 24.78 8.70 -43.66
N ARG B 216 24.60 9.04 -44.93
CA ARG B 216 24.84 8.15 -46.07
C ARG B 216 25.63 8.85 -47.18
N GLY B 217 26.65 9.64 -46.83
CA GLY B 217 27.42 10.39 -47.82
C GLY B 217 26.91 11.81 -47.96
N GLY B 218 27.06 12.59 -46.89
CA GLY B 218 26.47 13.91 -46.83
C GLY B 218 27.32 14.96 -47.54
N ALA B 219 26.72 15.65 -48.50
CA ALA B 219 27.27 16.87 -49.05
C ALA B 219 26.17 17.92 -49.02
N ALA B 220 26.52 19.12 -48.57
CA ALA B 220 25.47 20.07 -48.23
C ALA B 220 26.05 21.48 -48.22
N SER B 221 25.42 22.36 -48.99
CA SER B 221 25.78 23.77 -49.02
C SER B 221 24.66 24.58 -48.35
N VAL B 222 24.97 25.84 -48.01
CA VAL B 222 23.89 26.73 -47.61
C VAL B 222 22.94 26.89 -48.79
N ALA B 223 21.65 26.98 -48.51
CA ALA B 223 20.66 27.04 -49.56
C ALA B 223 20.17 28.46 -49.76
N SER B 224 19.54 28.68 -50.90
CA SER B 224 18.89 29.95 -51.21
C SER B 224 17.45 29.59 -51.56
N ILE B 225 16.53 29.84 -50.63
CA ILE B 225 15.19 29.29 -50.74
C ILE B 225 14.21 30.38 -51.17
N THR B 226 13.31 29.99 -52.07
CA THR B 226 12.20 30.73 -52.66
C THR B 226 11.38 31.45 -51.59
N PRO B 227 10.76 32.60 -51.91
CA PRO B 227 9.70 33.13 -51.02
C PRO B 227 8.61 32.10 -50.74
N GLN B 228 8.04 31.52 -51.80
CA GLN B 228 7.14 30.39 -51.69
C GLN B 228 7.72 29.26 -50.85
N GLU B 229 9.04 29.07 -50.87
CA GLU B 229 9.62 27.95 -50.12
C GLU B 229 9.64 28.22 -48.62
N ARG B 230 10.04 29.44 -48.22
CA ARG B 230 9.91 29.86 -46.82
C ARG B 230 8.47 29.74 -46.35
N GLU B 231 7.53 30.29 -47.14
CA GLU B 231 6.10 30.15 -46.86
C GLU B 231 5.75 28.70 -46.59
N ILE B 232 6.11 27.82 -47.53
CA ILE B 232 5.79 26.41 -47.44
C ILE B 232 6.39 25.76 -46.19
N ALA B 233 7.68 25.96 -45.95
CA ALA B 233 8.32 25.31 -44.80
C ALA B 233 7.67 25.72 -43.48
N ILE B 234 7.48 27.02 -43.26
CA ILE B 234 6.82 27.46 -42.04
C ILE B 234 5.41 26.90 -41.96
N LYS B 235 4.68 26.89 -43.09
CA LYS B 235 3.31 26.41 -43.08
C LYS B 235 3.25 24.92 -42.79
N ALA B 236 4.25 24.17 -43.25
CA ALA B 236 4.33 22.75 -42.94
C ALA B 236 4.53 22.56 -41.45
N ALA B 237 5.50 23.28 -40.88
CA ALA B 237 5.76 23.18 -39.46
C ALA B 237 4.52 23.51 -38.65
N ARG B 238 3.78 24.53 -39.07
CA ARG B 238 2.62 24.99 -38.32
C ARG B 238 1.42 24.06 -38.50
N THR B 239 1.21 23.52 -39.70
CA THR B 239 0.13 22.56 -39.89
C THR B 239 0.33 21.33 -39.01
N MET B 240 1.57 20.93 -38.80
CA MET B 240 1.90 19.83 -37.90
C MET B 240 1.84 20.24 -36.43
N ALA B 241 1.59 21.52 -36.16
CA ALA B 241 1.60 22.07 -34.80
C ALA B 241 2.94 21.86 -34.12
N LEU B 242 4.03 21.87 -34.88
CA LEU B 242 5.37 21.74 -34.32
C LEU B 242 5.98 23.12 -34.17
N ASP B 243 6.69 23.31 -33.04
CA ASP B 243 7.44 24.53 -32.79
C ASP B 243 8.85 24.46 -33.37
N VAL B 244 9.46 23.28 -33.40
CA VAL B 244 10.77 23.06 -33.98
C VAL B 244 10.64 21.89 -34.94
N ALA B 245 11.10 22.07 -36.18
CA ALA B 245 10.92 21.02 -37.16
C ALA B 245 11.91 21.15 -38.30
N GLY B 246 12.57 20.06 -38.65
CA GLY B 246 13.26 19.96 -39.92
C GLY B 246 12.25 19.66 -41.01
N VAL B 247 12.33 20.40 -42.11
CA VAL B 247 11.44 20.22 -43.24
C VAL B 247 12.30 19.97 -44.47
N ASP B 248 12.12 18.81 -45.09
CA ASP B 248 12.87 18.42 -46.27
C ASP B 248 11.98 18.61 -47.49
N ILE B 249 12.46 19.44 -48.41
CA ILE B 249 11.76 19.84 -49.62
C ILE B 249 12.51 19.29 -50.83
N LEU B 250 11.76 18.83 -51.83
CA LEU B 250 12.34 18.38 -53.08
C LEU B 250 12.00 19.39 -54.17
N ARG B 251 13.00 19.79 -54.95
CA ARG B 251 12.84 20.74 -56.03
C ARG B 251 12.30 20.04 -57.27
N ALA B 252 11.07 20.37 -57.68
CA ALA B 252 10.42 19.72 -58.82
C ALA B 252 10.08 20.73 -59.91
N ASN B 253 10.06 20.24 -61.15
CA ASN B 253 9.58 21.03 -62.28
C ASN B 253 8.27 21.73 -61.92
N ARG B 254 7.38 20.97 -61.28
CA ARG B 254 6.04 21.38 -60.90
C ARG B 254 6.03 22.43 -59.79
N GLY B 255 7.19 22.75 -59.22
CA GLY B 255 7.25 23.57 -58.02
C GLY B 255 7.86 22.78 -56.88
N PRO B 256 7.93 23.38 -55.68
CA PRO B 256 8.55 22.68 -54.56
C PRO B 256 7.57 21.80 -53.81
N LEU B 257 8.08 20.64 -53.40
CA LEU B 257 7.27 19.61 -52.75
C LEU B 257 7.85 19.31 -51.38
N VAL B 258 6.97 19.19 -50.38
CA VAL B 258 7.43 18.78 -49.06
C VAL B 258 7.61 17.27 -49.07
N MET B 259 8.79 16.83 -48.67
CA MET B 259 9.08 15.41 -48.59
C MET B 259 9.04 14.87 -47.17
N GLU B 260 9.46 15.66 -46.18
CA GLU B 260 9.37 15.15 -44.80
C GLU B 260 9.34 16.29 -43.79
N VAL B 261 8.64 16.05 -42.67
CA VAL B 261 8.61 16.96 -41.52
C VAL B 261 9.03 16.18 -40.28
N ASN B 262 10.12 16.62 -39.65
CA ASN B 262 10.80 15.89 -38.59
C ASN B 262 10.74 16.74 -37.32
N ALA B 263 10.09 16.21 -36.27
CA ALA B 263 9.94 16.98 -35.04
C ALA B 263 11.24 17.12 -34.27
N SER B 264 12.23 16.28 -34.55
CA SER B 264 13.46 16.24 -33.76
C SER B 264 14.68 16.29 -34.68
N PRO B 265 14.87 17.40 -35.39
CA PRO B 265 15.96 17.46 -36.39
C PRO B 265 17.32 17.53 -35.72
N GLY B 266 18.29 16.89 -36.36
CA GLY B 266 19.64 16.95 -35.86
C GLY B 266 20.22 18.34 -36.02
N LEU B 267 21.16 18.66 -35.14
CA LEU B 267 21.78 19.98 -35.16
C LEU B 267 23.18 19.99 -35.76
N GLU B 268 23.92 18.88 -35.71
CA GLU B 268 25.36 18.92 -36.01
C GLU B 268 25.63 19.38 -37.43
N GLY B 269 25.15 18.60 -38.41
CA GLY B 269 25.40 18.94 -39.80
C GLY B 269 24.95 20.34 -40.13
N ILE B 270 23.73 20.69 -39.76
CA ILE B 270 23.15 21.96 -40.14
C ILE B 270 23.89 23.12 -39.47
N GLU B 271 24.25 22.96 -38.19
CA GLU B 271 24.91 24.06 -37.48
C GLU B 271 26.29 24.35 -38.04
N LYS B 272 27.11 23.31 -38.20
CA LYS B 272 28.48 23.52 -38.68
C LYS B 272 28.51 23.92 -40.14
N THR B 273 27.57 23.42 -40.96
CA THR B 273 27.50 23.88 -42.35
C THR B 273 27.02 25.33 -42.44
N THR B 274 26.25 25.81 -41.45
CA THR B 274 25.82 27.20 -41.51
C THR B 274 26.51 28.12 -40.50
N GLY B 275 27.23 27.59 -39.51
CA GLY B 275 27.72 28.37 -38.39
C GLY B 275 26.64 28.93 -37.47
N ILE B 276 25.38 28.89 -37.89
CA ILE B 276 24.29 29.49 -37.12
C ILE B 276 24.17 28.85 -35.73
N ASP B 277 23.75 29.66 -34.75
CA ASP B 277 23.43 29.16 -33.41
C ASP B 277 21.96 28.76 -33.43
N ILE B 278 21.70 27.50 -33.80
CA ILE B 278 20.32 27.03 -33.89
C ILE B 278 19.77 26.67 -32.51
N ALA B 279 20.60 26.00 -31.70
CA ALA B 279 20.24 25.75 -30.31
C ALA B 279 19.84 27.04 -29.60
N GLY B 280 20.62 28.10 -29.85
CA GLY B 280 20.31 29.38 -29.24
C GLY B 280 18.95 29.89 -29.64
N LYS B 281 18.61 29.77 -30.93
CA LYS B 281 17.27 30.13 -31.39
C LYS B 281 16.20 29.33 -30.66
N MET B 282 16.49 28.06 -30.38
CA MET B 282 15.51 27.24 -29.67
C MET B 282 15.32 27.71 -28.23
N ILE B 283 16.44 27.96 -27.55
CA ILE B 283 16.38 28.47 -26.17
C ILE B 283 15.65 29.80 -26.14
N ARG B 284 15.87 30.63 -27.15
CA ARG B 284 15.20 31.93 -27.26
C ARG B 284 13.70 31.75 -27.39
N TRP B 285 13.28 30.82 -28.24
CA TRP B 285 11.85 30.58 -28.40
C TRP B 285 11.21 30.13 -27.10
N ILE B 286 11.92 29.29 -26.34
CA ILE B 286 11.44 28.93 -25.00
C ILE B 286 11.28 30.18 -24.14
N GLU B 287 12.33 31.00 -24.07
CA GLU B 287 12.28 32.25 -23.30
C GLU B 287 11.06 33.08 -23.68
N ARG B 288 10.74 33.11 -24.97
CA ARG B 288 9.61 33.89 -25.46
C ARG B 288 8.25 33.25 -25.18
N HIS B 289 8.16 31.94 -24.91
CA HIS B 289 6.84 31.36 -24.74
C HIS B 289 6.61 30.63 -23.43
N ALA B 290 7.65 30.32 -22.68
CA ALA B 290 7.46 29.73 -21.36
C ALA B 290 7.16 30.85 -20.39
N THR B 291 5.93 30.87 -19.85
CA THR B 291 5.64 31.75 -18.73
C THR B 291 6.60 31.43 -17.58
N THR B 292 7.05 32.48 -16.88
CA THR B 292 8.17 32.41 -15.93
C THR B 292 9.29 31.46 -16.41
N MET C 1 8.10 -51.62 -25.79
CA MET C 1 8.99 -50.49 -25.55
C MET C 1 8.18 -49.26 -25.12
N LYS C 2 8.77 -48.37 -24.32
CA LYS C 2 8.10 -47.15 -23.86
C LYS C 2 8.66 -45.96 -24.62
N ILE C 3 7.77 -45.23 -25.29
CA ILE C 3 8.14 -44.22 -26.27
C ILE C 3 7.48 -42.89 -25.90
N ALA C 4 8.30 -41.85 -25.84
CA ALA C 4 7.83 -40.48 -25.63
C ALA C 4 7.85 -39.76 -26.96
N ILE C 5 6.77 -39.06 -27.28
CA ILE C 5 6.71 -38.15 -28.41
C ILE C 5 6.80 -36.75 -27.84
N LEU C 6 7.86 -36.03 -28.17
CA LEU C 6 8.17 -34.75 -27.55
C LEU C 6 7.70 -33.68 -28.52
N SER C 7 6.48 -33.18 -28.30
CA SER C 7 5.91 -32.17 -29.19
C SER C 7 4.82 -31.39 -28.47
N ARG C 8 4.68 -30.12 -28.88
CA ARG C 8 3.53 -29.34 -28.43
C ARG C 8 2.27 -29.62 -29.23
N ASP C 9 2.39 -30.21 -30.41
CA ASP C 9 1.25 -30.40 -31.33
C ASP C 9 0.64 -31.79 -31.20
N GLY C 10 0.40 -32.25 -29.98
CA GLY C 10 -0.05 -33.62 -29.79
C GLY C 10 -1.40 -33.88 -30.41
N THR C 11 -2.20 -32.84 -30.58
CA THR C 11 -3.52 -32.96 -31.19
C THR C 11 -3.43 -33.15 -32.69
N LEU C 12 -2.30 -32.81 -33.29
CA LEU C 12 -2.22 -32.71 -34.74
C LEU C 12 -1.91 -34.07 -35.38
N TYR C 13 -2.13 -34.13 -36.69
CA TYR C 13 -2.09 -35.40 -37.43
C TYR C 13 -0.79 -36.19 -37.20
N SER C 14 0.37 -35.57 -37.41
CA SER C 14 1.63 -36.31 -37.40
C SER C 14 1.90 -36.97 -36.04
N CYS C 15 1.69 -36.24 -34.95
CA CYS C 15 1.86 -36.84 -33.62
C CYS C 15 0.82 -37.91 -33.34
N LYS C 16 -0.44 -37.69 -33.72
CA LYS C 16 -1.46 -38.71 -33.52
C LYS C 16 -1.15 -39.97 -34.32
N ARG C 17 -0.58 -39.80 -35.52
CA ARG C 17 -0.22 -40.96 -36.33
C ARG C 17 0.95 -41.71 -35.73
N LEU C 18 1.94 -40.98 -35.20
CA LEU C 18 3.07 -41.66 -34.57
C LEU C 18 2.62 -42.43 -33.34
N ARG C 19 1.70 -41.84 -32.57
CA ARG C 19 1.15 -42.53 -31.41
C ARG C 19 0.38 -43.78 -31.82
N GLU C 20 -0.51 -43.65 -32.81
CA GLU C 20 -1.30 -44.80 -33.27
C GLU C 20 -0.40 -45.92 -33.77
N ALA C 21 0.57 -45.57 -34.62
CA ALA C 21 1.47 -46.58 -35.17
C ALA C 21 2.25 -47.29 -34.07
N ALA C 22 2.73 -46.55 -33.08
CA ALA C 22 3.48 -47.19 -32.00
C ALA C 22 2.58 -48.10 -31.16
N ILE C 23 1.36 -47.66 -30.83
CA ILE C 23 0.47 -48.50 -30.04
C ILE C 23 0.11 -49.76 -30.81
N GLN C 24 -0.29 -49.60 -32.07
CA GLN C 24 -0.58 -50.74 -32.96
C GLN C 24 0.55 -51.76 -32.99
N ARG C 25 1.79 -51.32 -32.81
CA ARG C 25 2.91 -52.25 -32.71
C ARG C 25 3.24 -52.61 -31.27
N GLY C 26 2.30 -52.41 -30.35
CA GLY C 26 2.44 -52.95 -29.00
C GLY C 26 3.24 -52.12 -28.04
N HIS C 27 3.67 -50.92 -28.44
CA HIS C 27 4.48 -50.06 -27.60
C HIS C 27 3.60 -49.20 -26.68
N LEU C 28 4.19 -48.70 -25.60
CA LEU C 28 3.55 -47.74 -24.71
C LEU C 28 3.97 -46.33 -25.12
N VAL C 29 3.01 -45.42 -25.19
CA VAL C 29 3.27 -44.09 -25.75
C VAL C 29 2.82 -43.02 -24.78
N GLU C 30 3.63 -41.95 -24.66
CA GLU C 30 3.20 -40.73 -23.98
C GLU C 30 3.58 -39.54 -24.83
N ILE C 31 2.66 -38.59 -25.00
CA ILE C 31 2.95 -37.33 -25.69
C ILE C 31 3.30 -36.29 -24.62
N LEU C 32 4.48 -35.69 -24.76
CA LEU C 32 5.02 -34.77 -23.77
C LEU C 32 5.32 -33.45 -24.44
N ASP C 33 4.72 -32.37 -23.92
CA ASP C 33 5.04 -31.01 -24.33
C ASP C 33 6.42 -30.65 -23.80
N PRO C 34 7.40 -30.36 -24.65
CA PRO C 34 8.74 -30.00 -24.14
C PRO C 34 8.72 -28.86 -23.17
N LEU C 35 7.86 -27.87 -23.41
CA LEU C 35 7.83 -26.67 -22.57
C LEU C 35 7.31 -26.96 -21.18
N SER C 36 6.72 -28.14 -20.96
CA SER C 36 6.23 -28.57 -19.66
C SER C 36 7.21 -29.45 -18.91
N CYS C 37 8.30 -29.88 -19.54
CA CYS C 37 9.35 -30.58 -18.83
C CYS C 37 10.18 -29.56 -18.05
N TYR C 38 10.45 -29.87 -16.79
CA TYR C 38 11.44 -29.11 -16.05
C TYR C 38 12.34 -30.11 -15.32
N MET C 39 13.60 -29.74 -15.14
CA MET C 39 14.56 -30.74 -14.71
C MET C 39 15.73 -30.08 -14.00
N ASN C 40 16.19 -30.76 -12.98
CA ASN C 40 17.49 -30.48 -12.39
C ASN C 40 18.58 -30.87 -13.38
N ILE C 41 19.48 -29.95 -13.71
CA ILE C 41 20.58 -30.26 -14.63
C ILE C 41 21.84 -30.66 -13.87
N ASN C 42 22.16 -29.90 -12.83
CA ASN C 42 23.24 -30.22 -11.92
C ASN C 42 22.60 -30.45 -10.56
N PRO C 43 22.66 -31.68 -9.99
CA PRO C 43 23.38 -32.85 -10.55
C PRO C 43 22.83 -33.44 -11.87
N ALA C 44 23.75 -33.93 -12.69
CA ALA C 44 23.37 -34.66 -13.88
C ALA C 44 22.63 -35.96 -13.50
N ALA C 45 22.14 -36.64 -14.53
CA ALA C 45 21.32 -37.85 -14.43
C ALA C 45 19.97 -37.59 -13.77
N SER C 46 19.62 -36.33 -13.50
CA SER C 46 18.44 -36.07 -12.70
C SER C 46 17.18 -36.21 -13.54
N SER C 47 16.17 -36.84 -12.93
CA SER C 47 14.94 -37.21 -13.63
C SER C 47 14.17 -35.98 -14.08
N ILE C 48 13.32 -36.17 -15.07
CA ILE C 48 12.57 -35.09 -15.70
C ILE C 48 11.21 -35.01 -15.03
N HIS C 49 10.82 -33.82 -14.62
CA HIS C 49 9.52 -33.60 -14.02
C HIS C 49 8.57 -33.01 -15.04
N TYR C 50 7.29 -33.32 -14.86
CA TYR C 50 6.25 -33.02 -15.83
C TYR C 50 4.94 -32.93 -15.07
N LYS C 51 4.41 -31.71 -14.93
CA LYS C 51 3.09 -31.50 -14.29
C LYS C 51 3.08 -32.06 -12.88
N GLY C 52 4.10 -31.67 -12.10
CA GLY C 52 4.24 -32.08 -10.72
C GLY C 52 4.64 -33.51 -10.51
N ARG C 53 4.81 -34.29 -11.57
CA ARG C 53 5.11 -35.70 -11.47
C ARG C 53 6.50 -35.99 -12.07
N LYS C 54 7.06 -37.12 -11.67
CA LYS C 54 8.39 -37.53 -12.08
C LYS C 54 8.27 -38.57 -13.20
N LEU C 55 8.75 -38.22 -14.39
CA LEU C 55 8.57 -39.05 -15.57
C LEU C 55 9.32 -40.38 -15.42
N PRO C 56 8.75 -41.49 -15.93
CA PRO C 56 9.48 -42.76 -15.93
C PRO C 56 10.57 -42.77 -16.96
N HIS C 57 11.30 -43.88 -17.06
CA HIS C 57 12.28 -44.01 -18.12
C HIS C 57 11.58 -44.31 -19.44
N PHE C 58 12.05 -43.69 -20.52
CA PHE C 58 11.55 -43.95 -21.85
C PHE C 58 12.64 -44.60 -22.67
N ASP C 59 12.32 -45.72 -23.33
CA ASP C 59 13.31 -46.37 -24.19
C ASP C 59 13.65 -45.51 -25.39
N ALA C 60 12.67 -44.77 -25.91
CA ALA C 60 12.93 -43.93 -27.05
C ALA C 60 12.13 -42.63 -26.93
N VAL C 61 12.65 -41.60 -27.58
CA VAL C 61 11.97 -40.31 -27.67
C VAL C 61 11.94 -39.90 -29.13
N ILE C 62 10.77 -39.46 -29.58
CA ILE C 62 10.62 -38.94 -30.93
C ILE C 62 10.48 -37.43 -30.85
N PRO C 63 11.53 -36.67 -31.12
CA PRO C 63 11.42 -35.19 -31.03
C PRO C 63 10.70 -34.65 -32.25
N ARG C 64 9.73 -33.77 -32.00
CA ARG C 64 8.99 -33.08 -33.05
C ARG C 64 8.96 -31.60 -32.64
N ILE C 65 10.13 -30.97 -32.69
CA ILE C 65 10.37 -29.70 -31.99
C ILE C 65 10.21 -28.56 -32.96
N GLY C 66 9.15 -27.76 -32.77
CA GLY C 66 8.92 -26.54 -33.52
C GLY C 66 10.12 -25.61 -33.58
N THR C 67 10.19 -24.85 -34.67
CA THR C 67 11.27 -23.90 -34.91
C THR C 67 11.38 -22.86 -33.79
N ALA C 68 10.24 -22.47 -33.21
CA ALA C 68 10.20 -21.43 -32.18
C ALA C 68 10.81 -21.86 -30.86
N ILE C 69 10.87 -23.16 -30.59
CA ILE C 69 11.28 -23.64 -29.28
C ILE C 69 12.54 -24.49 -29.34
N THR C 70 13.29 -24.38 -30.43
CA THR C 70 14.41 -25.28 -30.65
C THR C 70 15.33 -25.33 -29.44
N PHE C 71 15.78 -24.17 -28.96
CA PHE C 71 16.74 -24.15 -27.86
C PHE C 71 16.21 -24.89 -26.65
N TYR C 72 14.97 -24.59 -26.23
CA TYR C 72 14.54 -25.31 -25.02
C TYR C 72 14.17 -26.74 -25.35
N GLY C 73 13.62 -26.98 -26.54
CA GLY C 73 13.14 -28.32 -26.86
C GLY C 73 14.29 -29.31 -26.91
N THR C 74 15.38 -28.94 -27.59
CA THR C 74 16.58 -29.76 -27.60
C THR C 74 17.20 -29.89 -26.21
N ALA C 75 17.10 -28.86 -25.36
CA ALA C 75 17.54 -29.03 -23.97
C ALA C 75 16.75 -30.16 -23.31
N ALA C 76 15.42 -30.14 -23.46
CA ALA C 76 14.63 -31.24 -22.92
C ALA C 76 15.05 -32.56 -23.57
N LEU C 77 15.26 -32.54 -24.89
CA LEU C 77 15.65 -33.76 -25.55
C LEU C 77 16.99 -34.23 -25.05
N ARG C 78 17.92 -33.29 -24.85
CA ARG C 78 19.26 -33.64 -24.39
C ARG C 78 19.16 -34.36 -23.06
N GLN C 79 18.22 -33.93 -22.22
CA GLN C 79 18.07 -34.57 -20.93
C GLN C 79 17.63 -36.02 -21.11
N PHE C 80 16.62 -36.26 -21.96
CA PHE C 80 16.22 -37.64 -22.23
C PHE C 80 17.39 -38.45 -22.73
N GLU C 81 18.26 -37.85 -23.55
CA GLU C 81 19.37 -38.61 -24.10
C GLU C 81 20.33 -39.01 -23.00
N MET C 82 20.53 -38.14 -22.01
CA MET C 82 21.48 -38.46 -20.94
C MET C 82 20.94 -39.55 -20.03
N LEU C 83 19.61 -39.63 -19.90
CA LEU C 83 18.99 -40.69 -19.12
C LEU C 83 18.97 -42.02 -19.85
N GLY C 84 19.45 -42.07 -21.10
CA GLY C 84 19.52 -43.30 -21.86
C GLY C 84 18.48 -43.50 -22.94
N SER C 85 17.51 -42.59 -23.08
CA SER C 85 16.52 -42.74 -24.13
C SER C 85 17.16 -42.71 -25.51
N TYR C 86 16.69 -43.60 -26.40
CA TYR C 86 17.11 -43.51 -27.80
C TYR C 86 16.34 -42.39 -28.50
N PRO C 87 17.01 -41.46 -29.17
CA PRO C 87 16.28 -40.36 -29.84
C PRO C 87 16.16 -40.55 -31.35
N LEU C 88 14.95 -40.40 -31.88
CA LEU C 88 14.79 -40.45 -33.32
C LEU C 88 15.13 -39.07 -33.87
N ASN C 89 16.43 -38.84 -34.07
CA ASN C 89 17.12 -37.56 -34.36
C ASN C 89 17.73 -37.02 -33.08
N GLU C 90 19.05 -36.91 -33.07
CA GLU C 90 19.77 -36.44 -31.89
C GLU C 90 19.61 -34.94 -31.71
N SER C 91 19.70 -34.51 -30.44
CA SER C 91 19.64 -33.09 -30.11
C SER C 91 20.66 -32.27 -30.90
N VAL C 92 21.90 -32.74 -30.93
CA VAL C 92 22.96 -32.02 -31.65
C VAL C 92 22.55 -31.80 -33.10
N ALA C 93 22.01 -32.82 -33.76
CA ALA C 93 21.67 -32.71 -35.18
C ALA C 93 20.44 -31.83 -35.41
N ILE C 94 19.47 -31.88 -34.51
CA ILE C 94 18.30 -31.01 -34.61
C ILE C 94 18.71 -29.54 -34.45
N ALA C 95 19.58 -29.26 -33.48
CA ALA C 95 20.02 -27.88 -33.31
C ALA C 95 20.79 -27.40 -34.52
N ARG C 96 21.67 -28.25 -35.08
CA ARG C 96 22.37 -27.87 -36.30
C ARG C 96 21.43 -27.63 -37.48
N ALA C 97 20.43 -28.49 -37.64
CA ALA C 97 19.52 -28.37 -38.79
C ALA C 97 18.63 -27.14 -38.67
N ARG C 98 18.32 -26.71 -37.44
CA ARG C 98 17.60 -25.45 -37.26
C ARG C 98 18.42 -24.26 -37.76
N ASP C 99 19.74 -24.41 -37.82
CA ASP C 99 20.65 -23.36 -38.29
C ASP C 99 20.80 -23.54 -39.79
N LYS C 100 20.01 -22.79 -40.56
CA LYS C 100 19.93 -23.00 -42.01
C LYS C 100 21.26 -22.73 -42.70
N LEU C 101 21.92 -21.61 -42.35
CA LEU C 101 23.21 -21.31 -42.97
C LEU C 101 24.24 -22.39 -42.65
N ARG C 102 24.31 -22.82 -41.38
CA ARG C 102 25.28 -23.85 -41.03
C ARG C 102 24.99 -25.14 -41.79
N SER C 103 23.71 -25.51 -41.88
CA SER C 103 23.34 -26.73 -42.58
C SER C 103 23.75 -26.65 -44.05
N MET C 104 23.46 -25.54 -44.71
CA MET C 104 23.85 -25.38 -46.11
C MET C 104 25.36 -25.43 -46.29
N GLN C 105 26.10 -24.78 -45.39
CA GLN C 105 27.56 -24.85 -45.47
C GLN C 105 28.06 -26.28 -45.35
N LEU C 106 27.47 -27.05 -44.43
CA LEU C 106 27.85 -28.45 -44.27
C LEU C 106 27.52 -29.25 -45.53
N LEU C 107 26.31 -29.08 -46.05
CA LEU C 107 25.92 -29.80 -47.26
C LEU C 107 26.88 -29.50 -48.39
N ALA C 108 27.16 -28.21 -48.62
CA ALA C 108 28.08 -27.82 -49.68
C ALA C 108 29.47 -28.38 -49.45
N ARG C 109 29.91 -28.41 -48.20
CA ARG C 109 31.26 -28.87 -47.93
C ARG C 109 31.39 -30.38 -48.11
N GLN C 110 30.30 -31.14 -47.98
CA GLN C 110 30.34 -32.59 -48.08
C GLN C 110 30.00 -33.10 -49.48
N GLY C 111 30.01 -32.24 -50.50
CA GLY C 111 29.81 -32.66 -51.87
C GLY C 111 28.39 -32.66 -52.38
N ILE C 112 27.42 -32.26 -51.56
CA ILE C 112 26.02 -32.27 -51.97
C ILE C 112 25.74 -31.02 -52.81
N ASP C 113 25.13 -31.23 -53.98
CA ASP C 113 24.88 -30.14 -54.91
C ASP C 113 23.70 -29.31 -54.46
N LEU C 114 23.82 -28.01 -54.61
CA LEU C 114 22.84 -27.02 -54.16
C LEU C 114 22.84 -25.93 -55.21
N PRO C 115 21.81 -25.09 -55.26
CA PRO C 115 21.88 -23.90 -56.11
C PRO C 115 23.03 -23.00 -55.67
N VAL C 116 23.63 -22.31 -56.62
CA VAL C 116 24.62 -21.31 -56.26
C VAL C 116 23.93 -20.38 -55.27
N THR C 117 24.49 -20.28 -54.06
CA THR C 117 23.85 -19.58 -52.95
C THR C 117 24.82 -18.62 -52.30
N GLY C 118 24.48 -17.33 -52.29
CA GLY C 118 25.23 -16.33 -51.56
C GLY C 118 24.48 -15.96 -50.30
N ILE C 119 25.24 -15.69 -49.23
CA ILE C 119 24.62 -15.22 -47.99
C ILE C 119 25.09 -13.81 -47.70
N ALA C 120 24.21 -13.05 -47.04
CA ALA C 120 24.52 -11.67 -46.70
C ALA C 120 23.69 -11.27 -45.49
N HIS C 121 24.11 -10.21 -44.82
CA HIS C 121 23.30 -9.65 -43.74
C HIS C 121 23.09 -8.16 -43.99
N SER C 122 24.15 -7.37 -43.82
CA SER C 122 24.19 -5.96 -44.22
C SER C 122 25.28 -5.80 -45.28
N PRO C 123 25.02 -6.24 -46.51
CA PRO C 123 26.03 -6.06 -47.57
C PRO C 123 26.04 -4.61 -48.04
N ASP C 124 27.25 -4.11 -48.26
CA ASP C 124 27.46 -2.69 -48.56
C ASP C 124 27.66 -2.44 -50.03
N ASP C 125 27.71 -3.50 -50.84
CA ASP C 125 27.83 -3.40 -52.30
C ASP C 125 26.84 -4.40 -52.90
N THR C 126 25.67 -3.89 -53.29
CA THR C 126 24.59 -4.74 -53.81
C THR C 126 24.96 -5.33 -55.16
N SER C 127 25.55 -4.54 -56.05
CA SER C 127 25.96 -5.07 -57.35
C SER C 127 26.99 -6.16 -57.20
N ASP C 128 27.96 -5.96 -56.31
CA ASP C 128 28.98 -6.98 -56.11
C ASP C 128 28.35 -8.28 -55.63
N LEU C 129 27.37 -8.22 -54.72
CA LEU C 129 26.74 -9.44 -54.22
C LEU C 129 25.94 -10.13 -55.33
N ILE C 130 25.20 -9.35 -56.12
CA ILE C 130 24.45 -9.91 -57.25
C ILE C 130 25.40 -10.62 -58.22
N ASP C 131 26.51 -9.97 -58.56
CA ASP C 131 27.47 -10.59 -59.49
C ASP C 131 28.13 -11.80 -58.87
N MET C 132 28.43 -11.73 -57.56
CA MET C 132 29.05 -12.84 -56.86
C MET C 132 28.21 -14.10 -56.96
N VAL C 133 26.88 -13.96 -56.89
CA VAL C 133 26.06 -15.15 -57.08
C VAL C 133 25.91 -15.51 -58.55
N GLY C 134 26.15 -14.57 -59.47
CA GLY C 134 26.06 -14.91 -60.88
C GLY C 134 25.03 -14.16 -61.71
N GLY C 135 24.41 -13.12 -61.14
CA GLY C 135 23.50 -12.27 -61.89
C GLY C 135 22.06 -12.78 -61.86
N ALA C 136 21.16 -11.90 -62.30
CA ALA C 136 19.75 -12.26 -62.39
C ALA C 136 19.57 -13.34 -63.44
N PRO C 137 18.47 -14.12 -63.37
CA PRO C 137 17.42 -14.12 -62.35
C PRO C 137 17.89 -14.69 -61.03
N LEU C 138 17.41 -14.12 -59.94
CA LEU C 138 17.82 -14.50 -58.59
C LEU C 138 16.60 -14.65 -57.71
N VAL C 139 16.68 -15.59 -56.78
CA VAL C 139 15.68 -15.74 -55.73
C VAL C 139 16.29 -15.17 -54.47
N VAL C 140 15.64 -14.16 -53.89
CA VAL C 140 16.07 -13.61 -52.62
C VAL C 140 15.16 -14.12 -51.54
N LYS C 141 15.75 -14.61 -50.45
CA LYS C 141 15.00 -15.22 -49.36
C LYS C 141 15.50 -14.72 -48.02
N LEU C 142 14.58 -14.53 -47.09
CA LEU C 142 14.98 -14.35 -45.70
C LEU C 142 15.31 -15.71 -45.10
N VAL C 143 16.45 -15.81 -44.41
CA VAL C 143 16.89 -17.10 -43.87
C VAL C 143 15.86 -17.63 -42.88
N GLU C 144 15.40 -16.77 -41.97
CA GLU C 144 14.40 -17.15 -40.97
C GLU C 144 12.97 -17.02 -41.50
N GLY C 145 12.75 -17.31 -42.78
CA GLY C 145 11.43 -17.21 -43.36
C GLY C 145 10.73 -18.56 -43.41
N THR C 146 9.40 -18.51 -43.46
CA THR C 146 8.61 -19.72 -43.62
C THR C 146 7.46 -19.47 -44.60
N GLN C 147 6.89 -20.58 -45.10
CA GLN C 147 5.69 -20.58 -45.92
C GLN C 147 5.87 -19.88 -47.26
N GLY C 148 7.10 -19.65 -47.70
CA GLY C 148 7.34 -18.87 -48.89
C GLY C 148 7.23 -17.37 -48.71
N ILE C 149 7.04 -16.89 -47.48
CA ILE C 149 6.90 -15.46 -47.20
C ILE C 149 8.29 -14.84 -46.99
N GLY C 150 8.64 -13.91 -47.87
CA GLY C 150 9.99 -13.39 -47.93
C GLY C 150 10.86 -14.10 -48.91
N VAL C 151 10.25 -14.87 -49.82
CA VAL C 151 10.94 -15.55 -50.90
C VAL C 151 10.43 -14.90 -52.18
N VAL C 152 11.31 -14.26 -52.93
CA VAL C 152 10.85 -13.48 -54.08
C VAL C 152 11.76 -13.75 -55.28
N LEU C 153 11.15 -13.80 -56.46
CA LEU C 153 11.87 -13.90 -57.72
C LEU C 153 12.18 -12.50 -58.24
N ALA C 154 13.46 -12.17 -58.35
CA ALA C 154 13.93 -10.95 -59.01
C ALA C 154 14.44 -11.38 -60.38
N GLU C 155 13.66 -11.08 -61.42
CA GLU C 155 13.99 -11.65 -62.72
C GLU C 155 15.06 -10.83 -63.43
N THR C 156 15.15 -9.54 -63.14
CA THR C 156 16.09 -8.65 -63.79
C THR C 156 17.04 -8.07 -62.75
N ARG C 157 18.15 -7.54 -63.24
CA ARG C 157 19.15 -6.95 -62.35
C ARG C 157 18.55 -5.85 -61.48
N GLN C 158 17.67 -5.02 -62.07
CA GLN C 158 17.11 -3.90 -61.33
C GLN C 158 16.17 -4.39 -60.23
N ALA C 159 15.37 -5.42 -60.53
CA ALA C 159 14.57 -6.04 -59.48
C ALA C 159 15.46 -6.58 -58.35
N ALA C 160 16.59 -7.18 -58.70
CA ALA C 160 17.47 -7.75 -57.68
C ALA C 160 18.07 -6.66 -56.81
N GLU C 161 18.55 -5.57 -57.43
CA GLU C 161 19.06 -4.45 -56.65
C GLU C 161 17.99 -3.92 -55.70
N SER C 162 16.79 -3.66 -56.22
CA SER C 162 15.73 -3.09 -55.40
C SER C 162 15.37 -4.01 -54.25
N VAL C 163 15.27 -5.31 -54.50
CA VAL C 163 14.85 -6.23 -53.45
C VAL C 163 15.93 -6.32 -52.37
N ILE C 164 17.19 -6.49 -52.78
CA ILE C 164 18.25 -6.59 -51.78
C ILE C 164 18.36 -5.29 -50.98
N ASP C 165 18.22 -4.15 -51.65
CA ASP C 165 18.30 -2.89 -50.92
C ASP C 165 17.15 -2.76 -49.93
N ALA C 166 15.94 -3.16 -50.35
CA ALA C 166 14.80 -3.09 -49.43
C ALA C 166 14.99 -4.02 -48.24
N PHE C 167 15.48 -5.23 -48.47
CA PHE C 167 15.66 -6.19 -47.39
C PHE C 167 16.75 -5.74 -46.42
N ARG C 168 17.68 -4.90 -46.87
CA ARG C 168 18.71 -4.41 -45.95
C ARG C 168 18.11 -3.86 -44.66
N GLY C 169 17.09 -3.01 -44.79
CA GLY C 169 16.51 -2.37 -43.63
C GLY C 169 15.98 -3.30 -42.54
N LEU C 170 15.97 -4.61 -42.79
CA LEU C 170 15.32 -5.54 -41.87
C LEU C 170 16.26 -6.11 -40.82
N ASN C 171 17.56 -5.87 -40.92
CA ASN C 171 18.56 -6.43 -40.01
C ASN C 171 18.37 -7.94 -39.88
N ALA C 172 18.45 -8.63 -41.01
CA ALA C 172 18.21 -10.06 -41.06
C ALA C 172 19.10 -10.70 -42.10
N HIS C 173 19.44 -11.97 -41.89
CA HIS C 173 20.26 -12.70 -42.86
C HIS C 173 19.42 -13.07 -44.06
N ILE C 174 20.02 -12.98 -45.23
CA ILE C 174 19.34 -13.31 -46.47
C ILE C 174 20.20 -14.26 -47.28
N LEU C 175 19.50 -15.09 -48.06
CA LEU C 175 20.05 -15.84 -49.17
C LEU C 175 19.76 -15.10 -50.46
N VAL C 176 20.71 -15.16 -51.39
CA VAL C 176 20.55 -14.71 -52.77
C VAL C 176 20.97 -15.91 -53.61
N GLN C 177 20.04 -16.50 -54.34
CA GLN C 177 20.20 -17.85 -54.82
C GLN C 177 19.86 -17.94 -56.30
N GLU C 178 20.63 -18.75 -57.02
CA GLU C 178 20.36 -18.96 -58.43
C GLU C 178 18.95 -19.51 -58.63
N TYR C 179 18.25 -18.98 -59.62
CA TYR C 179 16.85 -19.34 -59.89
C TYR C 179 16.80 -20.59 -60.76
N ILE C 180 16.27 -21.69 -60.23
CA ILE C 180 16.15 -22.94 -61.01
C ILE C 180 14.85 -22.82 -61.81
N LYS C 181 14.93 -22.12 -62.93
CA LYS C 181 13.73 -21.86 -63.74
C LYS C 181 13.20 -23.13 -64.40
N GLU C 182 14.09 -24.04 -64.82
CA GLU C 182 13.65 -25.24 -65.51
C GLU C 182 12.83 -26.16 -64.62
N ALA C 183 12.88 -25.99 -63.30
CA ALA C 183 12.01 -26.79 -62.44
C ALA C 183 10.55 -26.40 -62.58
N GLN C 184 10.25 -25.27 -63.24
CA GLN C 184 8.88 -24.88 -63.58
C GLN C 184 7.98 -24.91 -62.36
N GLY C 185 8.46 -24.34 -61.26
CA GLY C 185 7.66 -24.21 -60.07
C GLY C 185 7.43 -25.49 -59.29
N CYS C 186 8.10 -26.58 -59.64
CA CYS C 186 7.97 -27.85 -58.94
C CYS C 186 9.19 -28.13 -58.09
N ASP C 187 8.97 -28.68 -56.92
CA ASP C 187 10.05 -29.28 -56.16
C ASP C 187 9.62 -30.68 -55.75
N ILE C 188 10.61 -31.49 -55.45
CA ILE C 188 10.43 -32.88 -55.06
C ILE C 188 10.71 -32.94 -53.57
N ARG C 189 9.73 -33.37 -52.80
CA ARG C 189 9.89 -33.52 -51.37
C ARG C 189 10.00 -35.01 -51.07
N CYS C 190 11.19 -35.42 -50.61
CA CYS C 190 11.45 -36.78 -50.15
C CYS C 190 11.33 -36.82 -48.64
N LEU C 191 10.87 -37.94 -48.11
CA LEU C 191 11.03 -38.19 -46.67
C LEU C 191 12.00 -39.35 -46.49
N VAL C 192 13.11 -39.07 -45.83
CA VAL C 192 14.15 -40.05 -45.58
C VAL C 192 13.94 -40.61 -44.20
N VAL C 193 13.89 -41.94 -44.10
CA VAL C 193 13.98 -42.66 -42.83
C VAL C 193 15.19 -43.58 -42.94
N GLY C 194 16.19 -43.32 -42.09
CA GLY C 194 17.37 -44.17 -42.04
C GLY C 194 18.16 -44.14 -43.33
N ASP C 195 18.35 -45.32 -43.90
CA ASP C 195 19.11 -45.40 -45.13
C ASP C 195 18.25 -45.37 -46.38
N GLU C 196 17.00 -44.90 -46.30
CA GLU C 196 16.19 -44.97 -47.51
C GLU C 196 15.25 -43.78 -47.62
N VAL C 197 14.89 -43.44 -48.86
CA VAL C 197 13.73 -42.59 -49.10
C VAL C 197 12.51 -43.49 -49.02
N VAL C 198 11.62 -43.16 -48.10
CA VAL C 198 10.43 -43.95 -47.82
C VAL C 198 9.22 -43.43 -48.60
N ALA C 199 9.26 -42.20 -49.09
CA ALA C 199 8.12 -41.57 -49.74
C ALA C 199 8.60 -40.29 -50.41
N ALA C 200 8.00 -39.98 -51.55
CA ALA C 200 8.26 -38.70 -52.17
C ALA C 200 7.00 -38.19 -52.87
N ILE C 201 6.81 -36.88 -52.83
CA ILE C 201 5.75 -36.22 -53.56
C ILE C 201 6.35 -35.07 -54.34
N GLU C 202 5.63 -34.63 -55.35
CA GLU C 202 5.93 -33.42 -56.06
C GLU C 202 4.98 -32.31 -55.58
N ARG C 203 5.53 -31.14 -55.30
CA ARG C 203 4.74 -29.96 -55.00
C ARG C 203 4.90 -28.98 -56.16
N ARG C 204 3.77 -28.45 -56.63
CA ARG C 204 3.71 -27.61 -57.82
C ARG C 204 3.09 -26.27 -57.42
N ALA C 205 3.76 -25.19 -57.79
CA ALA C 205 3.25 -23.84 -57.55
C ALA C 205 2.01 -23.56 -58.40
N LYS C 206 1.19 -22.59 -57.95
CA LYS C 206 0.08 -22.16 -58.78
C LYS C 206 0.60 -21.49 -60.05
N GLU C 207 -0.28 -21.37 -61.04
CA GLU C 207 0.03 -20.56 -62.21
C GLU C 207 0.32 -19.14 -61.73
N GLY C 208 1.37 -18.55 -62.30
CA GLY C 208 1.81 -17.23 -61.89
C GLY C 208 2.75 -17.19 -60.71
N ASP C 209 3.04 -18.32 -60.08
CA ASP C 209 3.98 -18.35 -58.96
C ASP C 209 5.06 -19.38 -59.24
N PHE C 210 6.12 -19.32 -58.41
CA PHE C 210 7.24 -20.24 -58.48
C PHE C 210 7.49 -20.93 -57.16
N ARG C 211 6.72 -20.61 -56.12
CA ARG C 211 6.89 -21.16 -54.79
C ARG C 211 5.88 -22.30 -54.59
N SER C 212 6.39 -23.48 -54.28
CA SER C 212 5.56 -24.67 -54.18
C SER C 212 4.90 -24.82 -52.81
N ASN C 213 5.16 -23.91 -51.86
CA ASN C 213 4.58 -24.01 -50.52
C ASN C 213 3.06 -24.18 -50.58
N LEU C 214 2.54 -25.07 -49.73
CA LEU C 214 1.10 -25.28 -49.64
C LEU C 214 0.38 -23.96 -49.34
N HIS C 215 0.87 -23.22 -48.33
CA HIS C 215 0.26 -21.96 -47.92
C HIS C 215 0.26 -20.95 -49.05
N ARG C 216 1.18 -21.07 -50.00
CA ARG C 216 1.14 -20.29 -51.21
C ARG C 216 0.39 -21.01 -52.32
N GLY C 217 -0.59 -21.83 -51.97
CA GLY C 217 -1.44 -22.44 -52.97
C GLY C 217 -0.82 -23.56 -53.77
N GLY C 218 0.17 -24.25 -53.21
CA GLY C 218 0.78 -25.36 -53.94
C GLY C 218 -0.07 -26.61 -53.94
N ALA C 219 0.14 -27.45 -54.95
CA ALA C 219 -0.56 -28.71 -55.10
C ALA C 219 0.43 -29.87 -54.97
N ALA C 220 0.07 -30.89 -54.21
CA ALA C 220 0.88 -32.08 -54.07
C ALA C 220 0.35 -33.22 -54.96
N SER C 221 1.28 -34.05 -55.45
CA SER C 221 0.94 -35.23 -56.23
C SER C 221 2.06 -36.27 -56.06
N VAL C 222 1.79 -37.50 -56.51
CA VAL C 222 2.77 -38.56 -56.34
C VAL C 222 3.90 -38.34 -57.32
N ALA C 223 5.13 -38.59 -56.87
CA ALA C 223 6.31 -38.27 -57.67
C ALA C 223 6.98 -39.54 -58.17
N SER C 224 7.71 -39.41 -59.29
CA SER C 224 8.61 -40.45 -59.78
C SER C 224 10.04 -39.96 -59.56
N ILE C 225 10.68 -40.40 -58.50
CA ILE C 225 12.03 -39.93 -58.20
C ILE C 225 13.06 -40.86 -58.82
N THR C 226 14.16 -40.27 -59.29
CA THR C 226 15.21 -41.01 -59.97
C THR C 226 16.13 -41.68 -58.95
N PRO C 227 16.93 -42.67 -59.39
CA PRO C 227 17.97 -43.21 -58.50
C PRO C 227 18.90 -42.12 -57.95
N GLN C 228 19.34 -41.21 -58.81
CA GLN C 228 20.18 -40.09 -58.37
C GLN C 228 19.48 -39.26 -57.28
N GLU C 229 18.18 -39.01 -57.44
CA GLU C 229 17.46 -38.22 -56.45
C GLU C 229 17.35 -38.94 -55.12
N ARG C 230 16.99 -40.22 -55.17
CA ARG C 230 17.01 -41.07 -53.98
C ARG C 230 18.36 -40.97 -53.27
N GLU C 231 19.43 -41.12 -54.04
CA GLU C 231 20.78 -41.13 -53.49
C GLU C 231 21.11 -39.79 -52.82
N ILE C 232 20.76 -38.67 -53.46
CA ILE C 232 21.11 -37.39 -52.86
C ILE C 232 20.29 -37.14 -51.60
N ALA C 233 19.01 -37.56 -51.58
CA ALA C 233 18.20 -37.35 -50.38
C ALA C 233 18.78 -38.13 -49.20
N ILE C 234 19.14 -39.39 -49.44
CA ILE C 234 19.72 -40.21 -48.38
C ILE C 234 21.05 -39.63 -47.92
N LYS C 235 21.88 -39.19 -48.87
CA LYS C 235 23.18 -38.67 -48.49
C LYS C 235 23.05 -37.34 -47.75
N ALA C 236 22.08 -36.50 -48.14
CA ALA C 236 21.83 -35.26 -47.42
C ALA C 236 21.45 -35.53 -45.97
N ALA C 237 20.51 -36.46 -45.76
CA ALA C 237 20.12 -36.78 -44.39
C ALA C 237 21.30 -37.33 -43.60
N ARG C 238 22.11 -38.19 -44.20
CA ARG C 238 23.22 -38.76 -43.47
C ARG C 238 24.27 -37.70 -43.14
N THR C 239 24.50 -36.78 -44.07
CA THR C 239 25.43 -35.68 -43.82
C THR C 239 24.98 -34.84 -42.63
N MET C 240 23.67 -34.63 -42.50
CA MET C 240 23.13 -33.88 -41.36
C MET C 240 23.04 -34.70 -40.08
N ALA C 241 23.36 -35.98 -40.13
CA ALA C 241 23.26 -36.84 -38.94
C ALA C 241 21.82 -36.95 -38.45
N LEU C 242 20.87 -36.94 -39.38
CA LEU C 242 19.45 -37.13 -39.08
C LEU C 242 19.01 -38.55 -39.46
N ASP C 243 18.27 -39.19 -38.58
CA ASP C 243 17.64 -40.46 -38.91
C ASP C 243 16.33 -40.26 -39.65
N VAL C 244 15.67 -39.13 -39.43
CA VAL C 244 14.44 -38.80 -40.13
C VAL C 244 14.55 -37.39 -40.64
N ALA C 245 14.27 -37.20 -41.93
CA ALA C 245 14.46 -35.88 -42.54
C ALA C 245 13.55 -35.74 -43.74
N GLY C 246 12.88 -34.60 -43.87
CA GLY C 246 12.39 -34.19 -45.17
C GLY C 246 13.54 -33.56 -45.94
N VAL C 247 13.64 -33.89 -47.24
CA VAL C 247 14.63 -33.29 -48.12
C VAL C 247 13.88 -32.75 -49.33
N ASP C 248 14.00 -31.44 -49.58
CA ASP C 248 13.40 -30.81 -50.76
C ASP C 248 14.47 -30.60 -51.80
N ILE C 249 14.13 -30.96 -53.05
CA ILE C 249 15.03 -31.08 -54.19
C ILE C 249 14.45 -30.26 -55.34
N LEU C 250 15.30 -29.50 -56.01
CA LEU C 250 14.94 -28.84 -57.25
C LEU C 250 15.62 -29.54 -58.42
N ARG C 251 14.87 -29.74 -59.50
CA ARG C 251 15.37 -30.43 -60.69
C ARG C 251 15.96 -29.39 -61.62
N ALA C 252 17.28 -29.23 -61.54
CA ALA C 252 18.02 -28.36 -62.43
C ALA C 252 18.56 -29.15 -63.61
N ASN C 253 18.90 -28.42 -64.68
CA ASN C 253 19.52 -29.03 -65.85
C ASN C 253 20.68 -29.93 -65.46
N ARG C 254 21.53 -29.49 -64.54
CA ARG C 254 22.73 -30.25 -64.21
C ARG C 254 22.48 -31.39 -63.23
N GLY C 255 21.27 -31.54 -62.72
CA GLY C 255 20.98 -32.61 -61.81
C GLY C 255 20.12 -32.14 -60.65
N PRO C 256 19.84 -33.02 -59.71
CA PRO C 256 19.08 -32.61 -58.52
C PRO C 256 19.91 -31.72 -57.59
N LEU C 257 19.28 -30.65 -57.10
CA LEU C 257 19.88 -29.73 -56.15
C LEU C 257 19.08 -29.79 -54.85
N VAL C 258 19.76 -30.03 -53.74
CA VAL C 258 19.10 -30.01 -52.45
C VAL C 258 18.78 -28.57 -52.07
N MET C 259 17.51 -28.31 -51.78
CA MET C 259 17.06 -26.99 -51.39
C MET C 259 16.84 -26.88 -49.89
N GLU C 260 16.44 -27.96 -49.24
CA GLU C 260 16.15 -27.84 -47.83
C GLU C 260 16.22 -29.22 -47.18
N VAL C 261 16.63 -29.24 -45.91
CA VAL C 261 16.58 -30.44 -45.10
C VAL C 261 15.86 -30.08 -43.81
N ASN C 262 14.81 -30.84 -43.47
CA ASN C 262 13.93 -30.57 -42.34
C ASN C 262 14.00 -31.75 -41.39
N ALA C 263 14.37 -31.50 -40.13
CA ALA C 263 14.47 -32.55 -39.12
C ALA C 263 13.13 -33.01 -38.58
N SER C 264 12.04 -32.30 -38.87
CA SER C 264 10.72 -32.66 -38.38
C SER C 264 9.69 -32.56 -39.50
N PRO C 265 9.80 -33.44 -40.51
CA PRO C 265 8.87 -33.37 -41.65
C PRO C 265 7.46 -33.70 -41.24
N GLY C 266 6.50 -32.95 -41.78
CA GLY C 266 5.11 -33.27 -41.58
C GLY C 266 4.73 -34.55 -42.30
N LEU C 267 3.82 -35.31 -41.68
CA LEU C 267 3.40 -36.57 -42.24
C LEU C 267 2.11 -36.51 -43.05
N GLU C 268 1.28 -35.48 -42.86
CA GLU C 268 -0.08 -35.53 -43.38
C GLU C 268 -0.11 -35.51 -44.90
N GLY C 269 0.44 -34.45 -45.49
CA GLY C 269 0.42 -34.33 -46.94
C GLY C 269 1.00 -35.54 -47.64
N ILE C 270 2.20 -35.94 -47.24
CA ILE C 270 2.90 -36.99 -47.99
C ILE C 270 2.25 -38.36 -47.77
N GLU C 271 1.77 -38.64 -46.56
CA GLU C 271 1.05 -39.89 -46.32
C GLU C 271 -0.23 -39.95 -47.14
N LYS C 272 -1.00 -38.86 -47.14
CA LYS C 272 -2.29 -38.91 -47.79
C LYS C 272 -2.15 -38.94 -49.30
N THR C 273 -1.17 -38.21 -49.85
CA THR C 273 -0.90 -38.26 -51.27
C THR C 273 -0.41 -39.64 -51.73
N THR C 274 0.40 -40.32 -50.91
CA THR C 274 1.05 -41.54 -51.41
C THR C 274 0.41 -42.83 -50.94
N GLY C 275 -0.28 -42.82 -49.80
CA GLY C 275 -0.72 -44.04 -49.18
C GLY C 275 0.35 -44.82 -48.43
N ILE C 276 1.54 -44.26 -48.23
CA ILE C 276 2.60 -44.96 -47.53
C ILE C 276 2.45 -44.73 -46.03
N ASP C 277 2.67 -45.77 -45.25
CA ASP C 277 2.67 -45.72 -43.78
C ASP C 277 4.05 -45.25 -43.30
N ILE C 278 4.24 -43.93 -43.26
CA ILE C 278 5.55 -43.40 -42.86
C ILE C 278 5.72 -43.49 -41.35
N ALA C 279 4.63 -43.26 -40.61
CA ALA C 279 4.75 -43.33 -39.15
C ALA C 279 5.20 -44.71 -38.73
N GLY C 280 4.60 -45.75 -39.30
CA GLY C 280 5.04 -47.11 -39.06
C GLY C 280 6.52 -47.31 -39.30
N LYS C 281 7.05 -46.70 -40.36
CA LYS C 281 8.47 -46.89 -40.67
C LYS C 281 9.38 -46.15 -39.69
N MET C 282 8.93 -45.01 -39.18
CA MET C 282 9.68 -44.35 -38.10
C MET C 282 9.72 -45.23 -36.85
N ILE C 283 8.57 -45.80 -36.47
CA ILE C 283 8.53 -46.74 -35.34
C ILE C 283 9.45 -47.94 -35.57
N ARG C 284 9.49 -48.49 -36.80
CA ARG C 284 10.33 -49.65 -37.10
C ARG C 284 11.81 -49.30 -36.99
N TRP C 285 12.21 -48.13 -37.48
CA TRP C 285 13.58 -47.67 -37.23
C TRP C 285 13.89 -47.65 -35.73
N ILE C 286 12.95 -47.14 -34.93
CA ILE C 286 13.18 -47.11 -33.48
C ILE C 286 13.34 -48.53 -32.94
N GLU C 287 12.48 -49.45 -33.37
CA GLU C 287 12.56 -50.83 -32.90
C GLU C 287 13.91 -51.42 -33.22
N ARG C 288 14.47 -51.05 -34.37
CA ARG C 288 15.75 -51.61 -34.78
C ARG C 288 16.95 -50.92 -34.15
N HIS C 289 16.83 -49.71 -33.59
CA HIS C 289 18.02 -49.10 -33.04
C HIS C 289 17.97 -48.73 -31.56
N ALA C 290 16.82 -48.83 -30.90
CA ALA C 290 16.80 -48.56 -29.46
C ALA C 290 17.22 -49.80 -28.68
N MET D 1 52.12 -12.77 -40.35
CA MET D 1 50.84 -13.45 -40.47
C MET D 1 49.72 -12.43 -40.70
N LYS D 2 48.74 -12.81 -41.53
CA LYS D 2 47.55 -12.00 -41.73
C LYS D 2 46.43 -12.55 -40.84
N ILE D 3 45.92 -11.70 -39.95
CA ILE D 3 44.95 -12.03 -38.94
C ILE D 3 43.74 -11.12 -39.13
N ALA D 4 42.55 -11.73 -39.26
CA ALA D 4 41.30 -10.99 -39.19
C ALA D 4 40.75 -11.07 -37.78
N ILE D 5 40.28 -9.94 -37.29
CA ILE D 5 39.54 -9.90 -36.03
C ILE D 5 38.08 -9.67 -36.40
N LEU D 6 37.24 -10.65 -36.08
CA LEU D 6 35.83 -10.63 -36.48
C LEU D 6 35.03 -10.03 -35.34
N SER D 7 34.49 -8.83 -35.57
CA SER D 7 33.80 -8.14 -34.50
C SER D 7 33.04 -6.97 -35.09
N ARG D 8 31.89 -6.69 -34.51
CA ARG D 8 31.20 -5.43 -34.78
C ARG D 8 31.83 -4.29 -34.01
N ASP D 9 32.52 -4.58 -32.90
CA ASP D 9 33.00 -3.59 -31.93
C ASP D 9 34.46 -3.23 -32.15
N GLY D 10 34.84 -2.95 -33.40
CA GLY D 10 36.24 -2.68 -33.72
C GLY D 10 36.81 -1.47 -33.01
N THR D 11 35.96 -0.54 -32.56
CA THR D 11 36.42 0.63 -31.82
C THR D 11 36.69 0.31 -30.35
N LEU D 12 36.17 -0.79 -29.84
CA LEU D 12 36.17 -0.99 -28.39
C LEU D 12 37.53 -1.48 -27.92
N TYR D 13 37.75 -1.37 -26.61
CA TYR D 13 39.06 -1.59 -26.03
C TYR D 13 39.66 -2.93 -26.45
N SER D 14 38.86 -4.01 -26.36
CA SER D 14 39.42 -5.35 -26.55
C SER D 14 39.86 -5.58 -27.99
N CYS D 15 39.07 -5.12 -28.96
CA CYS D 15 39.49 -5.27 -30.34
C CYS D 15 40.72 -4.43 -30.66
N LYS D 16 40.77 -3.20 -30.15
CA LYS D 16 41.96 -2.38 -30.32
C LYS D 16 43.20 -3.04 -29.73
N ARG D 17 43.06 -3.63 -28.53
CA ARG D 17 44.21 -4.26 -27.89
C ARG D 17 44.68 -5.48 -28.68
N LEU D 18 43.74 -6.29 -29.19
CA LEU D 18 44.15 -7.43 -30.01
C LEU D 18 44.87 -6.95 -31.27
N ARG D 19 44.32 -5.92 -31.92
CA ARG D 19 44.99 -5.36 -33.09
C ARG D 19 46.39 -4.87 -32.74
N GLU D 20 46.49 -4.06 -31.67
CA GLU D 20 47.77 -3.49 -31.24
C GLU D 20 48.80 -4.58 -31.01
N ALA D 21 48.42 -5.63 -30.29
CA ALA D 21 49.40 -6.65 -29.90
C ALA D 21 49.84 -7.48 -31.08
N ALA D 22 48.94 -7.76 -32.02
CA ALA D 22 49.36 -8.50 -33.20
C ALA D 22 50.23 -7.63 -34.10
N ILE D 23 49.91 -6.34 -34.21
CA ILE D 23 50.72 -5.45 -35.03
C ILE D 23 52.12 -5.32 -34.45
N GLN D 24 52.21 -5.16 -33.13
CA GLN D 24 53.50 -5.03 -32.47
C GLN D 24 54.37 -6.25 -32.70
N ARG D 25 53.75 -7.43 -32.78
CA ARG D 25 54.47 -8.66 -33.07
C ARG D 25 54.57 -8.92 -34.57
N GLY D 26 54.34 -7.89 -35.39
CA GLY D 26 54.65 -7.96 -36.80
C GLY D 26 53.57 -8.50 -37.71
N HIS D 27 52.41 -8.85 -37.18
CA HIS D 27 51.36 -9.43 -38.00
C HIS D 27 50.56 -8.34 -38.71
N LEU D 28 49.99 -8.70 -39.86
CA LEU D 28 49.10 -7.81 -40.60
C LEU D 28 47.68 -8.08 -40.14
N VAL D 29 46.96 -7.03 -39.75
CA VAL D 29 45.68 -7.20 -39.06
C VAL D 29 44.61 -6.42 -39.77
N GLU D 30 43.45 -7.06 -39.96
CA GLU D 30 42.25 -6.38 -40.44
C GLU D 30 41.12 -6.64 -39.44
N ILE D 31 40.38 -5.60 -39.09
CA ILE D 31 39.20 -5.71 -38.23
C ILE D 31 37.96 -5.68 -39.11
N LEU D 32 37.21 -6.79 -39.12
CA LEU D 32 36.10 -7.01 -40.06
C LEU D 32 34.80 -7.21 -39.30
N ASP D 33 33.80 -6.40 -39.65
CA ASP D 33 32.44 -6.58 -39.15
C ASP D 33 31.84 -7.82 -39.80
N PRO D 34 31.49 -8.86 -39.03
CA PRO D 34 30.87 -10.06 -39.63
C PRO D 34 29.65 -9.76 -40.49
N LEU D 35 28.80 -8.83 -40.07
CA LEU D 35 27.59 -8.50 -40.80
C LEU D 35 27.86 -7.83 -42.14
N SER D 36 29.08 -7.36 -42.39
CA SER D 36 29.41 -6.81 -43.69
C SER D 36 30.06 -7.84 -44.61
N CYS D 37 30.40 -9.01 -44.08
CA CYS D 37 30.86 -10.10 -44.93
C CYS D 37 29.68 -10.67 -45.72
N TYR D 38 29.92 -10.93 -47.00
CA TYR D 38 28.94 -11.67 -47.79
C TYR D 38 29.73 -12.67 -48.62
N MET D 39 29.12 -13.83 -48.92
CA MET D 39 29.92 -14.89 -49.52
C MET D 39 29.01 -15.95 -50.13
N ASN D 40 29.53 -16.62 -51.17
CA ASN D 40 28.94 -17.87 -51.66
C ASN D 40 29.29 -19.01 -50.72
N ILE D 41 28.29 -19.79 -50.32
CA ILE D 41 28.58 -20.93 -49.46
C ILE D 41 28.61 -22.17 -50.33
N ASN D 42 27.88 -22.09 -51.44
CA ASN D 42 27.93 -23.07 -52.51
C ASN D 42 28.30 -22.33 -53.78
N PRO D 43 29.40 -22.71 -54.47
CA PRO D 43 30.20 -23.89 -54.10
C PRO D 43 30.99 -23.72 -52.81
N ALA D 44 31.44 -24.85 -52.27
CA ALA D 44 32.03 -24.86 -50.94
C ALA D 44 33.27 -23.96 -50.85
N ALA D 45 33.33 -23.16 -49.79
CA ALA D 45 34.53 -22.41 -49.44
C ALA D 45 34.88 -21.38 -50.50
N SER D 46 33.89 -20.69 -51.02
CA SER D 46 34.19 -19.61 -51.95
C SER D 46 34.70 -18.40 -51.17
N SER D 47 35.39 -17.50 -51.88
CA SER D 47 36.00 -16.35 -51.23
C SER D 47 34.95 -15.51 -50.49
N ILE D 48 35.39 -14.83 -49.45
CA ILE D 48 34.52 -13.93 -48.69
C ILE D 48 34.69 -12.51 -49.25
N HIS D 49 33.59 -11.87 -49.59
CA HIS D 49 33.60 -10.50 -50.04
C HIS D 49 33.24 -9.57 -48.90
N TYR D 50 33.61 -8.30 -49.07
CA TYR D 50 33.55 -7.33 -47.99
C TYR D 50 33.58 -5.95 -48.62
N LYS D 51 32.49 -5.21 -48.49
CA LYS D 51 32.42 -3.81 -48.94
C LYS D 51 32.99 -3.66 -50.34
N GLY D 52 32.45 -4.43 -51.27
CA GLY D 52 32.85 -4.35 -52.66
C GLY D 52 34.12 -5.06 -53.02
N ARG D 53 34.87 -5.58 -52.05
CA ARG D 53 36.15 -6.19 -52.36
C ARG D 53 36.16 -7.64 -51.89
N LYS D 54 36.98 -8.42 -52.56
CA LYS D 54 37.18 -9.83 -52.23
C LYS D 54 38.36 -9.94 -51.27
N LEU D 55 38.12 -10.60 -50.11
CA LEU D 55 39.10 -10.61 -49.03
C LEU D 55 40.25 -11.56 -49.34
N PRO D 56 41.47 -11.23 -48.90
CA PRO D 56 42.58 -12.16 -49.03
C PRO D 56 42.44 -13.27 -48.00
N HIS D 57 43.24 -14.31 -48.20
CA HIS D 57 43.34 -15.38 -47.21
C HIS D 57 43.88 -14.83 -45.90
N PHE D 58 43.26 -15.22 -44.80
CA PHE D 58 43.78 -14.93 -43.47
C PHE D 58 44.32 -16.21 -42.85
N ASP D 59 45.49 -16.12 -42.23
CA ASP D 59 46.07 -17.30 -41.61
C ASP D 59 45.35 -17.64 -40.32
N ALA D 60 44.77 -16.63 -39.67
CA ALA D 60 44.03 -16.81 -38.44
C ALA D 60 42.87 -15.81 -38.40
N VAL D 61 41.84 -16.16 -37.64
CA VAL D 61 40.72 -15.27 -37.39
C VAL D 61 40.45 -15.26 -35.90
N ILE D 62 40.28 -14.08 -35.33
CA ILE D 62 39.94 -13.97 -33.92
C ILE D 62 38.47 -13.58 -33.79
N PRO D 63 37.57 -14.52 -33.46
CA PRO D 63 36.15 -14.19 -33.33
C PRO D 63 35.84 -13.49 -32.02
N ARG D 64 35.23 -12.33 -32.12
CA ARG D 64 34.69 -11.62 -30.98
C ARG D 64 33.24 -11.29 -31.36
N ILE D 65 32.42 -12.33 -31.45
CA ILE D 65 31.08 -12.23 -32.06
C ILE D 65 30.07 -11.84 -31.00
N GLY D 66 29.31 -10.78 -31.29
CA GLY D 66 28.34 -10.29 -30.34
C GLY D 66 27.22 -11.28 -30.07
N THR D 67 26.61 -11.09 -28.89
CA THR D 67 25.57 -12.01 -28.43
C THR D 67 24.35 -12.00 -29.34
N ALA D 68 24.02 -10.85 -29.94
CA ALA D 68 22.83 -10.73 -30.77
C ALA D 68 23.01 -11.23 -32.20
N ILE D 69 24.21 -11.67 -32.59
CA ILE D 69 24.46 -11.97 -34.00
C ILE D 69 25.14 -13.32 -34.20
N THR D 70 24.89 -14.28 -33.29
CA THR D 70 25.59 -15.55 -33.33
C THR D 70 25.43 -16.24 -34.69
N PHE D 71 24.18 -16.38 -35.17
CA PHE D 71 23.93 -17.23 -36.35
C PHE D 71 24.74 -16.77 -37.56
N TYR D 72 24.57 -15.51 -37.97
CA TYR D 72 25.38 -14.99 -39.06
C TYR D 72 26.85 -14.94 -38.67
N GLY D 73 27.16 -14.52 -37.45
CA GLY D 73 28.55 -14.36 -37.06
C GLY D 73 29.31 -15.68 -37.20
N THR D 74 28.77 -16.73 -36.62
CA THR D 74 29.42 -18.03 -36.72
C THR D 74 29.44 -18.52 -38.16
N ALA D 75 28.42 -18.21 -38.98
CA ALA D 75 28.51 -18.64 -40.37
C ALA D 75 29.70 -17.98 -41.06
N ALA D 76 29.89 -16.68 -40.77
CA ALA D 76 31.03 -15.97 -41.36
C ALA D 76 32.33 -16.62 -40.89
N LEU D 77 32.40 -16.91 -39.59
CA LEU D 77 33.59 -17.53 -39.04
C LEU D 77 33.83 -18.89 -39.68
N ARG D 78 32.74 -19.68 -39.86
CA ARG D 78 32.84 -20.98 -40.48
C ARG D 78 33.39 -20.88 -41.90
N GLN D 79 32.95 -19.85 -42.63
CA GLN D 79 33.50 -19.67 -43.97
C GLN D 79 35.01 -19.44 -43.91
N PHE D 80 35.48 -18.60 -42.98
CA PHE D 80 36.93 -18.44 -42.84
C PHE D 80 37.57 -19.79 -42.53
N GLU D 81 36.93 -20.58 -41.66
CA GLU D 81 37.50 -21.88 -41.31
C GLU D 81 37.59 -22.79 -42.53
N MET D 82 36.57 -22.79 -43.38
CA MET D 82 36.64 -23.64 -44.57
C MET D 82 37.65 -23.10 -45.56
N LEU D 83 37.90 -21.79 -45.53
CA LEU D 83 38.94 -21.22 -46.36
C LEU D 83 40.35 -21.54 -45.87
N GLY D 84 40.49 -22.16 -44.69
CA GLY D 84 41.77 -22.53 -44.13
C GLY D 84 42.26 -21.67 -42.98
N SER D 85 41.50 -20.67 -42.55
CA SER D 85 41.94 -19.80 -41.47
C SER D 85 41.86 -20.53 -40.13
N TYR D 86 42.90 -20.35 -39.29
CA TYR D 86 42.87 -20.93 -37.94
C TYR D 86 42.01 -20.07 -37.02
N PRO D 87 41.03 -20.63 -36.34
CA PRO D 87 40.16 -19.80 -35.50
C PRO D 87 40.59 -19.83 -34.06
N LEU D 88 40.72 -18.66 -33.42
CA LEU D 88 40.92 -18.64 -31.97
C LEU D 88 39.55 -18.77 -31.31
N ASN D 89 39.15 -20.03 -31.08
CA ASN D 89 37.80 -20.52 -30.79
C ASN D 89 37.08 -20.87 -32.11
N GLU D 90 36.64 -22.12 -32.24
CA GLU D 90 35.95 -22.60 -33.43
C GLU D 90 34.48 -22.20 -33.43
N SER D 91 33.91 -22.09 -34.64
CA SER D 91 32.51 -21.71 -34.77
C SER D 91 31.58 -22.62 -33.98
N VAL D 92 31.86 -23.92 -33.99
CA VAL D 92 30.97 -24.87 -33.32
C VAL D 92 31.00 -24.66 -31.82
N ALA D 93 32.22 -24.54 -31.26
CA ALA D 93 32.34 -24.31 -29.82
C ALA D 93 31.71 -22.99 -29.41
N ILE D 94 31.84 -21.97 -30.24
CA ILE D 94 31.26 -20.67 -29.92
C ILE D 94 29.74 -20.78 -29.90
N ALA D 95 29.16 -21.41 -30.94
CA ALA D 95 27.71 -21.55 -31.01
C ALA D 95 27.18 -22.33 -29.82
N ARG D 96 27.83 -23.45 -29.48
CA ARG D 96 27.43 -24.22 -28.30
C ARG D 96 27.52 -23.37 -27.03
N ALA D 97 28.62 -22.62 -26.88
CA ALA D 97 28.86 -21.87 -25.65
C ALA D 97 27.83 -20.77 -25.44
N ARG D 98 27.33 -20.16 -26.53
CA ARG D 98 26.27 -19.18 -26.36
C ARG D 98 25.02 -19.80 -25.74
N ASP D 99 24.81 -21.09 -25.94
CA ASP D 99 23.66 -21.80 -25.40
C ASP D 99 23.96 -22.14 -23.94
N LYS D 100 23.50 -21.30 -23.03
CA LYS D 100 23.81 -21.51 -21.62
C LYS D 100 23.24 -22.82 -21.12
N LEU D 101 21.99 -23.14 -21.47
CA LEU D 101 21.40 -24.41 -21.04
C LEU D 101 22.26 -25.58 -21.49
N ARG D 102 22.54 -25.64 -22.80
CA ARG D 102 23.35 -26.73 -23.34
C ARG D 102 24.72 -26.79 -22.67
N SER D 103 25.31 -25.62 -22.39
CA SER D 103 26.65 -25.58 -21.80
C SER D 103 26.66 -26.10 -20.37
N MET D 104 25.72 -25.62 -19.54
CA MET D 104 25.63 -26.11 -18.17
C MET D 104 25.38 -27.62 -18.18
N GLN D 105 24.51 -28.10 -19.08
CA GLN D 105 24.29 -29.54 -19.19
C GLN D 105 25.59 -30.27 -19.52
N LEU D 106 26.38 -29.71 -20.43
CA LEU D 106 27.63 -30.36 -20.81
C LEU D 106 28.65 -30.34 -19.67
N LEU D 107 28.75 -29.22 -18.95
CA LEU D 107 29.70 -29.11 -17.85
C LEU D 107 29.33 -30.06 -16.71
N ALA D 108 28.04 -30.07 -16.34
CA ALA D 108 27.54 -31.01 -15.34
C ALA D 108 27.76 -32.45 -15.78
N ARG D 109 27.43 -32.76 -17.03
CA ARG D 109 27.61 -34.11 -17.55
C ARG D 109 29.08 -34.53 -17.51
N GLN D 110 30.00 -33.60 -17.66
CA GLN D 110 31.42 -33.92 -17.61
C GLN D 110 32.02 -33.86 -16.21
N GLY D 111 31.19 -33.71 -15.17
CA GLY D 111 31.66 -33.81 -13.81
C GLY D 111 32.20 -32.53 -13.19
N ILE D 112 31.91 -31.36 -13.76
CA ILE D 112 32.37 -30.10 -13.18
C ILE D 112 31.33 -29.60 -12.19
N ASP D 113 31.79 -29.17 -11.02
CA ASP D 113 30.87 -28.73 -9.97
C ASP D 113 30.23 -27.39 -10.33
N LEU D 114 28.90 -27.33 -10.25
CA LEU D 114 28.14 -26.11 -10.48
C LEU D 114 27.18 -25.93 -9.32
N PRO D 115 26.62 -24.73 -9.17
CA PRO D 115 25.54 -24.58 -8.19
C PRO D 115 24.35 -25.43 -8.60
N VAL D 116 23.57 -25.86 -7.60
CA VAL D 116 22.37 -26.64 -7.92
C VAL D 116 21.48 -25.82 -8.83
N THR D 117 21.11 -26.39 -9.97
CA THR D 117 20.52 -25.64 -11.07
C THR D 117 19.39 -26.45 -11.69
N GLY D 118 18.18 -25.89 -11.71
CA GLY D 118 17.06 -26.47 -12.43
C GLY D 118 16.69 -25.56 -13.59
N ILE D 119 16.15 -26.17 -14.66
CA ILE D 119 15.71 -25.43 -15.84
C ILE D 119 14.23 -25.73 -16.09
N ALA D 120 13.57 -24.76 -16.70
CA ALA D 120 12.14 -24.86 -16.88
C ALA D 120 11.78 -23.89 -17.99
N HIS D 121 10.60 -24.07 -18.57
CA HIS D 121 10.15 -23.09 -19.55
C HIS D 121 8.75 -22.63 -19.15
N SER D 122 7.78 -23.53 -19.26
CA SER D 122 6.41 -23.31 -18.84
C SER D 122 6.01 -24.35 -17.81
N PRO D 123 6.69 -24.35 -16.66
CA PRO D 123 6.37 -25.35 -15.64
C PRO D 123 4.95 -25.16 -15.14
N ASP D 124 4.26 -26.26 -14.89
CA ASP D 124 2.88 -26.20 -14.46
C ASP D 124 2.74 -26.44 -12.96
N ASP D 125 3.86 -26.63 -12.24
CA ASP D 125 3.89 -26.76 -10.79
C ASP D 125 5.14 -26.01 -10.30
N THR D 126 4.98 -24.72 -9.98
CA THR D 126 6.14 -23.90 -9.61
C THR D 126 6.74 -24.35 -8.27
N SER D 127 5.89 -24.76 -7.33
CA SER D 127 6.37 -25.24 -6.04
C SER D 127 7.30 -26.44 -6.21
N ASP D 128 6.93 -27.39 -7.09
CA ASP D 128 7.79 -28.54 -7.37
C ASP D 128 9.15 -28.10 -7.92
N LEU D 129 9.13 -27.12 -8.84
CA LEU D 129 10.36 -26.60 -9.43
C LEU D 129 11.26 -25.95 -8.39
N ILE D 130 10.70 -25.05 -7.57
CA ILE D 130 11.46 -24.42 -6.50
C ILE D 130 12.04 -25.48 -5.58
N ASP D 131 11.22 -26.47 -5.20
CA ASP D 131 11.70 -27.55 -4.34
C ASP D 131 12.85 -28.32 -5.00
N MET D 132 12.84 -28.41 -6.32
CA MET D 132 13.91 -29.11 -7.05
C MET D 132 15.30 -28.57 -6.69
N VAL D 133 15.44 -27.25 -6.53
CA VAL D 133 16.74 -26.67 -6.17
C VAL D 133 16.82 -26.31 -4.70
N GLY D 134 15.78 -26.58 -3.92
CA GLY D 134 15.87 -26.44 -2.48
C GLY D 134 15.37 -25.16 -1.88
N GLY D 135 14.49 -24.42 -2.56
CA GLY D 135 13.80 -23.31 -1.94
C GLY D 135 14.58 -22.01 -1.99
N ALA D 136 13.91 -20.94 -1.55
CA ALA D 136 14.51 -19.63 -1.51
C ALA D 136 15.48 -19.55 -0.35
N PRO D 137 16.47 -18.64 -0.40
CA PRO D 137 16.78 -17.69 -1.48
C PRO D 137 17.29 -18.37 -2.75
N LEU D 138 16.86 -17.86 -3.89
CA LEU D 138 17.14 -18.46 -5.19
C LEU D 138 17.54 -17.37 -6.15
N VAL D 139 18.30 -17.73 -7.16
CA VAL D 139 18.59 -16.85 -8.27
C VAL D 139 17.76 -17.37 -9.44
N VAL D 140 17.07 -16.47 -10.12
CA VAL D 140 16.35 -16.81 -11.34
C VAL D 140 17.02 -16.09 -12.49
N LYS D 141 17.33 -16.82 -13.55
CA LYS D 141 17.96 -16.32 -14.76
C LYS D 141 16.99 -16.58 -15.90
N LEU D 142 16.61 -15.51 -16.60
CA LEU D 142 15.62 -15.59 -17.66
C LEU D 142 16.33 -15.35 -18.97
N VAL D 143 16.02 -16.20 -19.96
CA VAL D 143 16.71 -16.22 -21.26
C VAL D 143 15.68 -16.35 -22.37
N GLU D 144 15.91 -15.62 -23.47
CA GLU D 144 15.12 -15.72 -24.70
C GLU D 144 16.02 -16.33 -25.75
N GLY D 145 15.85 -17.63 -26.01
CA GLY D 145 16.73 -18.35 -26.91
C GLY D 145 18.08 -18.60 -26.27
N THR D 146 19.06 -17.75 -26.60
CA THR D 146 20.34 -17.73 -25.91
C THR D 146 20.70 -16.35 -25.36
N GLN D 147 19.88 -15.34 -25.65
CA GLN D 147 20.07 -14.02 -25.08
C GLN D 147 19.54 -14.01 -23.65
N GLY D 148 20.42 -13.71 -22.69
CA GLY D 148 20.00 -13.47 -21.33
C GLY D 148 19.06 -12.29 -21.25
N ILE D 149 17.95 -12.47 -20.55
CA ILE D 149 17.03 -11.37 -20.24
C ILE D 149 17.37 -10.74 -18.92
N GLY D 150 17.67 -11.54 -17.90
CA GLY D 150 18.05 -10.94 -16.65
C GLY D 150 18.29 -11.97 -15.58
N VAL D 151 18.89 -11.49 -14.49
CA VAL D 151 19.27 -12.30 -13.35
C VAL D 151 18.79 -11.61 -12.09
N VAL D 152 17.93 -12.28 -11.31
CA VAL D 152 17.35 -11.65 -10.13
C VAL D 152 17.49 -12.58 -8.95
N LEU D 153 17.66 -11.98 -7.78
CA LEU D 153 17.59 -12.70 -6.52
C LEU D 153 16.15 -12.67 -6.03
N ALA D 154 15.63 -13.85 -5.70
CA ALA D 154 14.32 -14.03 -5.11
C ALA D 154 14.53 -14.53 -3.70
N GLU D 155 14.25 -13.67 -2.72
CA GLU D 155 14.63 -13.94 -1.33
C GLU D 155 13.67 -14.87 -0.61
N THR D 156 12.42 -14.92 -1.07
CA THR D 156 11.39 -15.75 -0.48
C THR D 156 10.84 -16.67 -1.55
N ARG D 157 10.15 -17.72 -1.09
CA ARG D 157 9.46 -18.60 -2.04
C ARG D 157 8.44 -17.81 -2.83
N GLN D 158 7.80 -16.83 -2.19
CA GLN D 158 6.79 -16.01 -2.86
C GLN D 158 7.40 -15.23 -4.02
N ALA D 159 8.52 -14.55 -3.77
CA ALA D 159 9.25 -13.85 -4.83
C ALA D 159 9.57 -14.76 -6.01
N ALA D 160 10.09 -15.96 -5.72
CA ALA D 160 10.47 -16.86 -6.81
C ALA D 160 9.25 -17.28 -7.60
N GLU D 161 8.15 -17.60 -6.91
CA GLU D 161 6.90 -17.98 -7.55
C GLU D 161 6.38 -16.86 -8.44
N SER D 162 6.46 -15.62 -7.96
CA SER D 162 5.99 -14.49 -8.73
C SER D 162 6.81 -14.29 -10.00
N VAL D 163 8.14 -14.45 -9.90
CA VAL D 163 8.99 -14.28 -11.08
C VAL D 163 8.66 -15.35 -12.13
N ILE D 164 8.53 -16.60 -11.68
CA ILE D 164 8.23 -17.68 -12.62
C ILE D 164 6.84 -17.51 -13.23
N ASP D 165 5.85 -17.15 -12.41
CA ASP D 165 4.52 -16.87 -12.94
C ASP D 165 4.55 -15.72 -13.92
N ALA D 166 5.31 -14.67 -13.61
CA ALA D 166 5.36 -13.50 -14.45
C ALA D 166 5.83 -13.86 -15.84
N PHE D 167 6.75 -14.82 -15.95
CA PHE D 167 7.26 -15.10 -17.28
C PHE D 167 6.51 -16.18 -18.04
N ARG D 168 5.52 -16.82 -17.42
CA ARG D 168 4.73 -17.82 -18.14
C ARG D 168 4.04 -17.19 -19.33
N GLY D 169 4.32 -17.72 -20.51
CA GLY D 169 3.75 -17.20 -21.74
C GLY D 169 4.61 -16.20 -22.46
N LEU D 170 5.79 -15.85 -21.93
CA LEU D 170 6.66 -14.84 -22.51
C LEU D 170 7.78 -15.42 -23.37
N ASN D 171 7.74 -16.70 -23.72
CA ASN D 171 8.76 -17.34 -24.56
C ASN D 171 10.17 -17.08 -24.03
N ALA D 172 10.34 -17.34 -22.74
CA ALA D 172 11.65 -17.30 -22.10
C ALA D 172 11.80 -18.55 -21.26
N HIS D 173 12.96 -19.18 -21.32
CA HIS D 173 13.14 -20.24 -20.33
C HIS D 173 13.86 -19.67 -19.11
N ILE D 174 13.91 -20.50 -18.08
CA ILE D 174 14.18 -20.09 -16.71
C ILE D 174 15.20 -21.05 -16.12
N LEU D 175 16.29 -20.51 -15.61
CA LEU D 175 17.26 -21.23 -14.78
C LEU D 175 17.00 -20.80 -13.34
N VAL D 176 16.66 -21.75 -12.49
CA VAL D 176 16.48 -21.53 -11.05
C VAL D 176 17.69 -22.14 -10.35
N GLN D 177 18.37 -21.36 -9.51
CA GLN D 177 19.71 -21.76 -9.08
C GLN D 177 19.96 -21.42 -7.62
N GLU D 178 20.63 -22.32 -6.91
CA GLU D 178 20.94 -22.07 -5.50
C GLU D 178 21.75 -20.77 -5.38
N TYR D 179 21.41 -19.97 -4.38
CA TYR D 179 22.06 -18.69 -4.15
C TYR D 179 23.29 -18.91 -3.29
N ILE D 180 24.45 -18.56 -3.83
CA ILE D 180 25.72 -18.76 -3.10
C ILE D 180 25.94 -17.48 -2.29
N LYS D 181 25.24 -17.40 -1.17
CA LYS D 181 25.23 -16.19 -0.35
C LYS D 181 26.62 -15.92 0.24
N GLU D 182 27.35 -16.98 0.62
CA GLU D 182 28.66 -16.85 1.24
C GLU D 182 29.68 -16.22 0.31
N ALA D 183 29.36 -16.06 -0.97
CA ALA D 183 30.23 -15.31 -1.87
C ALA D 183 30.15 -13.81 -1.62
N GLN D 184 29.07 -13.36 -0.97
CA GLN D 184 28.82 -11.95 -0.66
C GLN D 184 29.11 -11.04 -1.84
N GLY D 185 28.57 -11.39 -3.01
CA GLY D 185 28.72 -10.59 -4.19
C GLY D 185 30.07 -10.68 -4.89
N CYS D 186 30.92 -11.63 -4.52
CA CYS D 186 32.19 -11.83 -5.20
C CYS D 186 32.15 -13.10 -6.04
N ASP D 187 32.67 -13.00 -7.25
CA ASP D 187 33.04 -14.17 -8.03
C ASP D 187 34.49 -14.00 -8.48
N ILE D 188 35.04 -15.06 -9.06
CA ILE D 188 36.42 -15.09 -9.51
C ILE D 188 36.40 -15.35 -11.00
N ARG D 189 36.89 -14.39 -11.78
CA ARG D 189 36.99 -14.58 -13.22
C ARG D 189 38.41 -15.00 -13.59
N CYS D 190 38.55 -16.21 -14.11
CA CYS D 190 39.81 -16.68 -14.66
C CYS D 190 39.74 -16.58 -16.16
N LEU D 191 40.76 -16.01 -16.77
CA LEU D 191 40.83 -15.94 -18.22
C LEU D 191 41.79 -17.02 -18.68
N VAL D 192 41.25 -18.01 -19.37
CA VAL D 192 41.99 -19.15 -19.89
C VAL D 192 42.40 -18.83 -21.33
N VAL D 193 43.67 -19.06 -21.63
CA VAL D 193 44.20 -19.07 -22.99
C VAL D 193 44.90 -20.40 -23.18
N GLY D 194 44.39 -21.18 -24.12
CA GLY D 194 44.95 -22.49 -24.35
C GLY D 194 44.90 -23.35 -23.09
N ASP D 195 46.07 -23.70 -22.58
CA ASP D 195 46.14 -24.60 -21.44
C ASP D 195 46.46 -23.88 -20.14
N GLU D 196 46.47 -22.56 -20.12
CA GLU D 196 46.76 -21.87 -18.86
C GLU D 196 45.67 -20.86 -18.53
N VAL D 197 45.42 -20.72 -17.23
CA VAL D 197 44.84 -19.50 -16.69
C VAL D 197 45.91 -18.42 -16.74
N VAL D 198 45.70 -17.38 -17.55
CA VAL D 198 46.71 -16.36 -17.75
C VAL D 198 46.44 -15.10 -16.93
N ALA D 199 45.30 -15.02 -16.28
CA ALA D 199 44.99 -13.88 -15.43
C ALA D 199 43.72 -14.20 -14.67
N ALA D 200 43.60 -13.66 -13.47
CA ALA D 200 42.47 -13.98 -12.60
C ALA D 200 42.18 -12.78 -11.72
N ILE D 201 40.92 -12.35 -11.72
CA ILE D 201 40.49 -11.21 -10.92
C ILE D 201 39.33 -11.64 -10.04
N GLU D 202 39.20 -10.95 -8.92
CA GLU D 202 38.05 -11.09 -8.04
C GLU D 202 37.18 -9.86 -8.27
N ARG D 203 35.92 -10.09 -8.63
CA ARG D 203 34.98 -9.03 -8.92
C ARG D 203 33.95 -8.96 -7.81
N ARG D 204 33.79 -7.78 -7.23
CA ARG D 204 32.96 -7.56 -6.06
C ARG D 204 31.76 -6.71 -6.45
N ALA D 205 30.56 -7.23 -6.19
CA ALA D 205 29.34 -6.53 -6.55
C ALA D 205 29.18 -5.28 -5.70
N LYS D 206 28.49 -4.31 -6.27
CA LYS D 206 28.14 -3.02 -5.67
C LYS D 206 27.37 -3.22 -4.38
N GLU D 207 27.10 -2.10 -3.73
CA GLU D 207 26.25 -2.12 -2.55
C GLU D 207 24.81 -2.44 -2.93
N GLY D 208 24.19 -3.29 -2.14
CA GLY D 208 22.83 -3.72 -2.42
C GLY D 208 22.68 -4.51 -3.71
N ASP D 209 23.74 -5.20 -4.13
CA ASP D 209 23.70 -5.99 -5.35
C ASP D 209 24.51 -7.26 -5.15
N PHE D 210 24.04 -8.34 -5.79
CA PHE D 210 24.72 -9.62 -5.81
C PHE D 210 25.48 -9.87 -7.11
N ARG D 211 25.24 -9.06 -8.14
CA ARG D 211 25.78 -9.27 -9.47
C ARG D 211 27.04 -8.45 -9.64
N SER D 212 28.19 -9.12 -9.67
CA SER D 212 29.50 -8.48 -9.58
C SER D 212 30.11 -8.12 -10.93
N ASN D 213 29.35 -8.27 -12.03
CA ASN D 213 29.89 -7.91 -13.34
C ASN D 213 30.32 -6.45 -13.33
N LEU D 214 31.58 -6.20 -13.72
CA LEU D 214 32.10 -4.84 -13.73
C LEU D 214 31.18 -3.90 -14.50
N HIS D 215 30.55 -4.38 -15.58
CA HIS D 215 29.61 -3.56 -16.36
C HIS D 215 28.35 -3.23 -15.58
N ARG D 216 28.28 -3.50 -14.28
CA ARG D 216 27.15 -3.06 -13.47
C ARG D 216 27.60 -2.24 -12.26
N GLY D 217 28.92 -2.03 -12.12
CA GLY D 217 29.47 -1.37 -10.97
C GLY D 217 30.39 -2.24 -10.14
N GLY D 218 30.96 -3.30 -10.73
CA GLY D 218 31.81 -4.21 -9.98
C GLY D 218 33.17 -3.62 -9.76
N ALA D 219 33.71 -3.83 -8.56
CA ALA D 219 35.09 -3.46 -8.28
C ALA D 219 35.97 -4.69 -8.49
N ALA D 220 37.09 -4.51 -9.17
CA ALA D 220 37.95 -5.63 -9.51
C ALA D 220 39.26 -5.53 -8.73
N SER D 221 39.73 -6.67 -8.24
CA SER D 221 41.04 -6.75 -7.61
C SER D 221 41.74 -7.98 -8.17
N VAL D 222 43.06 -8.07 -7.96
CA VAL D 222 43.77 -9.26 -8.39
C VAL D 222 43.43 -10.40 -7.44
N ALA D 223 43.28 -11.60 -8.00
CA ALA D 223 42.90 -12.75 -7.19
C ALA D 223 44.03 -13.75 -7.15
N SER D 224 44.12 -14.46 -6.05
CA SER D 224 45.05 -15.58 -5.91
C SER D 224 44.23 -16.85 -5.93
N ILE D 225 44.35 -17.63 -7.00
CA ILE D 225 43.50 -18.79 -7.20
C ILE D 225 44.21 -20.04 -6.73
N THR D 226 43.47 -20.92 -6.07
CA THR D 226 44.02 -22.19 -5.64
C THR D 226 44.34 -23.05 -6.86
N PRO D 227 45.22 -24.05 -6.71
CA PRO D 227 45.43 -24.97 -7.84
C PRO D 227 44.17 -25.72 -8.21
N GLN D 228 43.27 -25.92 -7.26
CA GLN D 228 41.98 -26.52 -7.59
C GLN D 228 41.22 -25.64 -8.57
N GLU D 229 41.06 -24.36 -8.23
CA GLU D 229 40.36 -23.43 -9.10
C GLU D 229 41.03 -23.33 -10.46
N ARG D 230 42.36 -23.33 -10.49
CA ARG D 230 43.08 -23.22 -11.76
C ARG D 230 42.83 -24.44 -12.64
N GLU D 231 42.87 -25.64 -12.05
CA GLU D 231 42.59 -26.83 -12.84
C GLU D 231 41.14 -26.85 -13.30
N ILE D 232 40.23 -26.31 -12.49
CA ILE D 232 38.82 -26.29 -12.88
C ILE D 232 38.59 -25.31 -14.02
N ALA D 233 39.21 -24.13 -13.98
CA ALA D 233 39.04 -23.18 -15.07
C ALA D 233 39.54 -23.80 -16.37
N ILE D 234 40.74 -24.39 -16.35
CA ILE D 234 41.30 -24.95 -17.57
C ILE D 234 40.45 -26.13 -18.07
N LYS D 235 39.94 -26.95 -17.16
CA LYS D 235 39.14 -28.09 -17.59
C LYS D 235 37.77 -27.64 -18.10
N ALA D 236 37.20 -26.59 -17.50
CA ALA D 236 35.96 -26.03 -18.03
C ALA D 236 36.17 -25.54 -19.44
N ALA D 237 37.26 -24.80 -19.67
CA ALA D 237 37.54 -24.29 -21.01
C ALA D 237 37.79 -25.43 -22.00
N ARG D 238 38.48 -26.48 -21.57
CA ARG D 238 38.77 -27.57 -22.50
C ARG D 238 37.53 -28.41 -22.76
N THR D 239 36.65 -28.58 -21.76
CA THR D 239 35.41 -29.32 -21.96
C THR D 239 34.54 -28.64 -23.02
N MET D 240 34.47 -27.32 -23.00
CA MET D 240 33.72 -26.61 -24.01
C MET D 240 34.46 -26.50 -25.33
N ALA D 241 35.70 -26.99 -25.41
CA ALA D 241 36.49 -26.91 -26.65
C ALA D 241 36.76 -25.46 -27.03
N LEU D 242 36.96 -24.60 -26.02
CA LEU D 242 37.29 -23.20 -26.23
C LEU D 242 38.79 -22.99 -26.02
N ASP D 243 39.43 -22.28 -26.95
CA ASP D 243 40.84 -21.93 -26.80
C ASP D 243 41.01 -20.70 -25.93
N VAL D 244 40.07 -19.76 -25.99
CA VAL D 244 40.07 -18.61 -25.09
C VAL D 244 38.72 -18.57 -24.40
N ALA D 245 38.72 -18.46 -23.07
CA ALA D 245 37.45 -18.38 -22.35
C ALA D 245 37.66 -17.67 -21.03
N GLY D 246 36.63 -16.96 -20.57
CA GLY D 246 36.56 -16.49 -19.20
C GLY D 246 35.67 -17.44 -18.41
N VAL D 247 36.20 -17.96 -17.32
CA VAL D 247 35.52 -18.92 -16.46
C VAL D 247 35.24 -18.23 -15.13
N ASP D 248 33.95 -18.06 -14.81
CA ASP D 248 33.54 -17.45 -13.56
C ASP D 248 33.28 -18.53 -12.51
N ILE D 249 33.87 -18.34 -11.33
CA ILE D 249 33.82 -19.31 -10.24
C ILE D 249 33.25 -18.61 -9.03
N LEU D 250 32.29 -19.25 -8.37
CA LEU D 250 31.84 -18.80 -7.07
C LEU D 250 32.51 -19.67 -6.02
N ARG D 251 32.95 -19.04 -4.93
CA ARG D 251 33.63 -19.73 -3.83
C ARG D 251 32.58 -20.08 -2.78
N ALA D 252 32.02 -21.26 -2.88
CA ALA D 252 30.99 -21.68 -1.93
C ALA D 252 31.65 -22.35 -0.74
N ASN D 253 30.88 -22.47 0.34
CA ASN D 253 31.39 -23.12 1.54
C ASN D 253 31.94 -24.50 1.22
N ARG D 254 31.34 -25.19 0.25
CA ARG D 254 31.73 -26.56 -0.08
C ARG D 254 32.78 -26.66 -1.17
N GLY D 255 33.24 -25.54 -1.72
CA GLY D 255 34.18 -25.60 -2.81
C GLY D 255 33.85 -24.64 -3.93
N PRO D 256 34.73 -24.60 -4.94
CA PRO D 256 34.51 -23.67 -6.06
C PRO D 256 33.46 -24.20 -7.02
N LEU D 257 32.49 -23.37 -7.35
CA LEU D 257 31.45 -23.74 -8.31
C LEU D 257 31.60 -22.91 -9.56
N VAL D 258 31.58 -23.56 -10.73
CA VAL D 258 31.59 -22.85 -11.98
C VAL D 258 30.22 -22.25 -12.23
N MET D 259 30.19 -20.98 -12.63
CA MET D 259 28.96 -20.25 -12.89
C MET D 259 28.76 -19.89 -14.34
N GLU D 260 29.83 -19.71 -15.11
CA GLU D 260 29.70 -19.25 -16.49
C GLU D 260 31.00 -19.50 -17.22
N VAL D 261 30.92 -19.92 -18.48
CA VAL D 261 32.05 -20.02 -19.37
C VAL D 261 31.74 -19.17 -20.59
N ASN D 262 32.63 -18.21 -20.88
CA ASN D 262 32.37 -17.13 -21.82
C ASN D 262 33.45 -17.20 -22.91
N ALA D 263 33.05 -17.48 -24.14
CA ALA D 263 33.99 -17.59 -25.25
C ALA D 263 34.59 -16.25 -25.68
N SER D 264 34.04 -15.11 -25.26
CA SER D 264 34.56 -13.80 -25.66
C SER D 264 34.67 -12.89 -24.44
N PRO D 265 35.57 -13.20 -23.52
CA PRO D 265 35.70 -12.38 -22.30
C PRO D 265 36.23 -10.99 -22.62
N GLY D 266 35.66 -9.99 -21.97
CA GLY D 266 36.21 -8.66 -22.04
C GLY D 266 37.64 -8.63 -21.55
N LEU D 267 38.43 -7.73 -22.14
CA LEU D 267 39.84 -7.62 -21.77
C LEU D 267 40.14 -6.40 -20.90
N GLU D 268 39.29 -5.38 -20.90
CA GLU D 268 39.67 -4.11 -20.28
C GLU D 268 39.85 -4.26 -18.77
N GLY D 269 38.77 -4.59 -18.07
CA GLY D 269 38.86 -4.68 -16.63
C GLY D 269 39.98 -5.59 -16.17
N ILE D 270 40.10 -6.76 -16.80
CA ILE D 270 41.08 -7.72 -16.33
C ILE D 270 42.50 -7.27 -16.66
N GLU D 271 42.70 -6.69 -17.86
CA GLU D 271 44.05 -6.26 -18.22
C GLU D 271 44.53 -5.10 -17.33
N LYS D 272 43.66 -4.12 -17.09
CA LYS D 272 44.01 -3.01 -16.24
C LYS D 272 44.22 -3.45 -14.79
N THR D 273 43.39 -4.37 -14.31
CA THR D 273 43.50 -4.78 -12.92
C THR D 273 44.73 -5.64 -12.69
N THR D 274 45.10 -6.49 -13.64
CA THR D 274 46.24 -7.36 -13.44
C THR D 274 47.51 -6.90 -14.13
N GLY D 275 47.43 -5.93 -15.05
CA GLY D 275 48.63 -5.56 -15.79
C GLY D 275 49.22 -6.65 -16.66
N ILE D 276 48.49 -7.74 -16.89
CA ILE D 276 48.97 -8.84 -17.74
C ILE D 276 48.62 -8.53 -19.18
N ASP D 277 49.52 -8.88 -20.11
CA ASP D 277 49.31 -8.66 -21.54
C ASP D 277 48.52 -9.85 -22.08
N ILE D 278 47.21 -9.80 -21.85
CA ILE D 278 46.35 -10.92 -22.22
C ILE D 278 46.19 -11.01 -23.73
N ALA D 279 45.91 -9.88 -24.39
CA ALA D 279 45.90 -9.84 -25.84
C ALA D 279 47.15 -10.50 -26.41
N GLY D 280 48.30 -10.22 -25.79
CA GLY D 280 49.55 -10.81 -26.24
C GLY D 280 49.54 -12.32 -26.13
N LYS D 281 49.10 -12.84 -24.98
CA LYS D 281 48.97 -14.30 -24.82
C LYS D 281 48.09 -14.90 -25.92
N MET D 282 47.02 -14.19 -26.30
CA MET D 282 46.14 -14.70 -27.35
C MET D 282 46.86 -14.76 -28.70
N ILE D 283 47.60 -13.68 -29.03
CA ILE D 283 48.41 -13.69 -30.25
C ILE D 283 49.45 -14.82 -30.22
N ARG D 284 50.05 -15.07 -29.06
CA ARG D 284 51.04 -16.15 -28.97
C ARG D 284 50.40 -17.50 -29.23
N TRP D 285 49.22 -17.73 -28.66
CA TRP D 285 48.52 -18.99 -28.96
C TRP D 285 48.35 -19.13 -30.46
N ILE D 286 47.94 -18.04 -31.12
CA ILE D 286 47.77 -18.08 -32.57
C ILE D 286 49.08 -18.45 -33.25
N GLU D 287 50.17 -17.76 -32.88
CA GLU D 287 51.49 -18.01 -33.46
C GLU D 287 51.89 -19.47 -33.35
N ARG D 288 51.51 -20.10 -32.24
CA ARG D 288 51.92 -21.48 -32.02
C ARG D 288 51.05 -22.50 -32.72
N HIS D 289 49.80 -22.17 -33.09
CA HIS D 289 48.98 -23.21 -33.72
C HIS D 289 48.51 -22.91 -35.14
N ALA D 290 48.73 -21.72 -35.67
CA ALA D 290 48.36 -21.44 -37.05
C ALA D 290 49.56 -21.66 -37.97
N THR D 291 49.29 -22.18 -39.17
CA THR D 291 50.32 -22.41 -40.18
C THR D 291 50.52 -21.17 -41.06
N THR D 292 51.64 -21.19 -41.80
CA THR D 292 52.10 -20.04 -42.61
C THR D 292 52.03 -18.75 -41.75
N MET E 1 -42.45 -21.21 22.20
CA MET E 1 -42.03 -20.58 23.43
C MET E 1 -41.76 -19.09 23.13
N LYS E 2 -41.82 -18.21 24.12
CA LYS E 2 -41.51 -16.80 23.93
C LYS E 2 -40.10 -16.52 24.45
N ILE E 3 -39.26 -15.94 23.59
CA ILE E 3 -37.85 -15.74 23.85
C ILE E 3 -37.52 -14.27 23.68
N ALA E 4 -36.80 -13.72 24.64
CA ALA E 4 -36.24 -12.38 24.53
C ALA E 4 -34.75 -12.51 24.24
N ILE E 5 -34.28 -11.76 23.27
CA ILE E 5 -32.85 -11.56 23.06
C ILE E 5 -32.50 -10.22 23.66
N LEU E 6 -31.67 -10.24 24.71
CA LEU E 6 -31.34 -9.05 25.47
C LEU E 6 -30.04 -8.48 24.91
N SER E 7 -30.16 -7.47 24.04
CA SER E 7 -29.02 -6.94 23.32
C SER E 7 -29.30 -5.53 22.84
N ARG E 8 -28.25 -4.70 22.80
CA ARG E 8 -28.28 -3.43 22.07
C ARG E 8 -28.08 -3.63 20.58
N ASP E 9 -27.58 -4.79 20.18
CA ASP E 9 -27.14 -5.01 18.81
C ASP E 9 -28.19 -5.79 18.00
N GLY E 10 -29.43 -5.31 17.97
CA GLY E 10 -30.50 -6.04 17.29
C GLY E 10 -30.31 -6.17 15.80
N THR E 11 -29.50 -5.31 15.20
CA THR E 11 -29.23 -5.33 13.76
C THR E 11 -27.98 -6.09 13.40
N LEU E 12 -27.20 -6.53 14.38
CA LEU E 12 -25.97 -7.23 14.08
C LEU E 12 -26.24 -8.70 13.77
N TYR E 13 -25.23 -9.35 13.17
CA TYR E 13 -25.42 -10.68 12.61
C TYR E 13 -25.93 -11.66 13.66
N SER E 14 -25.35 -11.61 14.86
CA SER E 14 -25.58 -12.69 15.81
C SER E 14 -26.99 -12.64 16.38
N CYS E 15 -27.47 -11.44 16.75
CA CYS E 15 -28.86 -11.31 17.19
C CYS E 15 -29.84 -11.65 16.09
N LYS E 16 -29.60 -11.18 14.87
CA LYS E 16 -30.47 -11.55 13.76
C LYS E 16 -30.51 -13.06 13.58
N ARG E 17 -29.36 -13.74 13.67
CA ARG E 17 -29.34 -15.18 13.48
C ARG E 17 -30.10 -15.87 14.60
N LEU E 18 -29.94 -15.40 15.84
CA LEU E 18 -30.66 -16.02 16.94
C LEU E 18 -32.17 -15.86 16.75
N ARG E 19 -32.62 -14.66 16.39
CA ARG E 19 -34.04 -14.43 16.17
C ARG E 19 -34.55 -15.33 15.05
N GLU E 20 -33.80 -15.40 13.96
CA GLU E 20 -34.22 -16.15 12.79
C GLU E 20 -34.30 -17.65 13.08
N ALA E 21 -33.30 -18.21 13.78
CA ALA E 21 -33.35 -19.63 14.09
C ALA E 21 -34.49 -19.95 15.05
N ALA E 22 -34.72 -19.06 16.02
CA ALA E 22 -35.83 -19.32 16.93
C ALA E 22 -37.17 -19.28 16.20
N ILE E 23 -37.34 -18.33 15.29
CA ILE E 23 -38.60 -18.22 14.55
C ILE E 23 -38.79 -19.41 13.62
N GLN E 24 -37.72 -19.85 12.95
CA GLN E 24 -37.77 -21.07 12.14
C GLN E 24 -38.27 -22.26 12.94
N ARG E 25 -37.86 -22.36 14.22
CA ARG E 25 -38.24 -23.48 15.05
C ARG E 25 -39.56 -23.24 15.78
N GLY E 26 -40.30 -22.19 15.40
CA GLY E 26 -41.65 -22.00 15.87
C GLY E 26 -41.79 -21.17 17.13
N HIS E 27 -40.76 -20.45 17.54
CA HIS E 27 -40.83 -19.65 18.75
C HIS E 27 -41.21 -18.21 18.41
N LEU E 28 -41.71 -17.49 19.41
CA LEU E 28 -41.91 -16.05 19.27
C LEU E 28 -40.72 -15.32 19.89
N VAL E 29 -40.19 -14.32 19.20
CA VAL E 29 -38.96 -13.66 19.63
C VAL E 29 -39.14 -12.15 19.68
N GLU E 30 -38.58 -11.52 20.70
CA GLU E 30 -38.36 -10.08 20.68
C GLU E 30 -36.92 -9.76 21.01
N ILE E 31 -36.36 -8.76 20.36
CA ILE E 31 -35.03 -8.28 20.69
C ILE E 31 -35.22 -7.02 21.54
N LEU E 32 -34.70 -7.04 22.76
CA LEU E 32 -34.92 -5.97 23.73
C LEU E 32 -33.59 -5.37 24.12
N ASP E 33 -33.51 -4.06 24.01
CA ASP E 33 -32.35 -3.32 24.47
C ASP E 33 -32.43 -3.28 26.00
N PRO E 34 -31.45 -3.85 26.71
CA PRO E 34 -31.49 -3.82 28.19
C PRO E 34 -31.51 -2.42 28.77
N LEU E 35 -30.88 -1.45 28.11
CA LEU E 35 -30.82 -0.08 28.64
C LEU E 35 -32.18 0.59 28.63
N SER E 36 -33.12 0.05 27.87
CA SER E 36 -34.49 0.55 27.81
C SER E 36 -35.41 -0.11 28.81
N CYS E 37 -34.96 -1.16 29.50
CA CYS E 37 -35.76 -1.81 30.53
C CYS E 37 -35.67 -1.01 31.83
N TYR E 38 -36.79 -0.86 32.54
CA TYR E 38 -36.75 -0.22 33.85
C TYR E 38 -37.78 -0.91 34.74
N MET E 39 -37.54 -0.86 36.05
CA MET E 39 -38.31 -1.75 36.91
C MET E 39 -38.21 -1.32 38.36
N ASN E 40 -39.31 -1.56 39.07
CA ASN E 40 -39.28 -1.57 40.54
C ASN E 40 -38.47 -2.77 41.01
N ILE E 41 -37.63 -2.58 42.04
CA ILE E 41 -36.88 -3.75 42.51
C ILE E 41 -37.64 -4.59 43.52
N ASN E 42 -38.81 -4.15 43.97
CA ASN E 42 -39.61 -4.95 44.90
C ASN E 42 -40.10 -6.23 44.21
N PRO E 43 -39.85 -7.40 44.80
CA PRO E 43 -40.35 -8.65 44.19
C PRO E 43 -41.87 -8.75 44.13
N ALA E 44 -42.60 -7.91 44.87
CA ALA E 44 -44.06 -7.88 44.76
C ALA E 44 -44.55 -7.12 43.52
N ALA E 45 -43.82 -6.10 43.05
CA ALA E 45 -44.16 -5.35 41.83
C ALA E 45 -42.93 -5.37 40.92
N SER E 46 -42.70 -6.49 40.26
CA SER E 46 -41.43 -6.76 39.59
C SER E 46 -41.54 -6.80 38.07
N SER E 47 -42.72 -6.54 37.50
CA SER E 47 -42.84 -6.39 36.05
C SER E 47 -41.74 -5.49 35.51
N ILE E 48 -41.17 -5.89 34.38
CA ILE E 48 -40.20 -5.07 33.67
C ILE E 48 -40.96 -4.19 32.69
N HIS E 49 -40.69 -2.90 32.75
CA HIS E 49 -41.28 -1.96 31.82
C HIS E 49 -40.28 -1.67 30.71
N TYR E 50 -40.82 -1.33 29.55
CA TYR E 50 -40.06 -1.15 28.32
C TYR E 50 -40.89 -0.24 27.45
N LYS E 51 -40.37 0.96 27.16
CA LYS E 51 -41.02 1.92 26.28
C LYS E 51 -42.49 2.12 26.67
N GLY E 52 -42.70 2.36 27.96
CA GLY E 52 -44.03 2.64 28.47
C GLY E 52 -45.02 1.49 28.52
N ARG E 53 -44.57 0.24 28.43
CA ARG E 53 -45.48 -0.89 28.57
C ARG E 53 -44.86 -1.91 29.52
N LYS E 54 -45.71 -2.76 30.06
CA LYS E 54 -45.20 -3.90 30.82
C LYS E 54 -44.82 -5.01 29.85
N LEU E 55 -43.62 -5.55 29.99
CA LEU E 55 -43.22 -6.65 29.15
C LEU E 55 -44.08 -7.88 29.46
N PRO E 56 -44.45 -8.66 28.46
CA PRO E 56 -45.05 -9.96 28.75
C PRO E 56 -44.00 -10.85 29.40
N HIS E 57 -44.44 -11.97 29.94
CA HIS E 57 -43.51 -12.97 30.43
C HIS E 57 -42.76 -13.62 29.28
N PHE E 58 -41.45 -13.76 29.42
CA PHE E 58 -40.66 -14.50 28.44
C PHE E 58 -40.24 -15.83 29.05
N ASP E 59 -40.48 -16.92 28.33
CA ASP E 59 -40.08 -18.21 28.86
C ASP E 59 -38.56 -18.32 28.91
N ALA E 60 -37.83 -17.61 28.03
CA ALA E 60 -36.38 -17.68 28.00
C ALA E 60 -35.81 -16.33 27.61
N VAL E 61 -34.58 -16.05 28.04
CA VAL E 61 -33.91 -14.80 27.70
C VAL E 61 -32.50 -15.15 27.22
N ILE E 62 -32.10 -14.57 26.10
CA ILE E 62 -30.76 -14.79 25.58
C ILE E 62 -29.97 -13.50 25.81
N PRO E 63 -29.17 -13.41 26.88
CA PRO E 63 -28.35 -12.20 27.08
C PRO E 63 -27.22 -12.17 26.06
N ARG E 64 -27.03 -10.99 25.44
CA ARG E 64 -25.90 -10.72 24.57
C ARG E 64 -25.40 -9.34 24.99
N ILE E 65 -24.83 -9.30 26.18
CA ILE E 65 -24.58 -8.05 26.90
C ILE E 65 -23.15 -7.58 26.64
N GLY E 66 -23.02 -6.40 26.02
CA GLY E 66 -21.69 -5.85 25.77
C GLY E 66 -20.95 -5.52 27.04
N THR E 67 -19.61 -5.49 26.93
CA THR E 67 -18.74 -5.26 28.09
C THR E 67 -19.05 -3.93 28.76
N ALA E 68 -19.18 -2.88 27.96
CA ALA E 68 -19.43 -1.54 28.46
C ALA E 68 -20.70 -1.44 29.30
N ILE E 69 -21.65 -2.38 29.16
CA ILE E 69 -22.89 -2.26 29.91
C ILE E 69 -23.14 -3.47 30.81
N THR E 70 -22.06 -4.18 31.17
CA THR E 70 -22.22 -5.42 31.95
C THR E 70 -23.08 -5.20 33.18
N PHE E 71 -22.88 -4.11 33.89
CA PHE E 71 -23.55 -3.95 35.18
C PHE E 71 -25.04 -3.71 34.99
N TYR E 72 -25.43 -2.85 34.04
CA TYR E 72 -26.87 -2.63 33.96
C TYR E 72 -27.53 -3.80 33.23
N GLY E 73 -26.86 -4.31 32.19
CA GLY E 73 -27.38 -5.45 31.48
C GLY E 73 -27.65 -6.63 32.38
N THR E 74 -26.67 -7.02 33.22
CA THR E 74 -26.89 -8.13 34.13
C THR E 74 -28.00 -7.81 35.11
N ALA E 75 -28.12 -6.54 35.53
CA ALA E 75 -29.24 -6.14 36.38
C ALA E 75 -30.57 -6.33 35.68
N ALA E 76 -30.64 -6.02 34.38
CA ALA E 76 -31.88 -6.35 33.67
C ALA E 76 -32.08 -7.86 33.62
N LEU E 77 -31.01 -8.59 33.33
CA LEU E 77 -31.14 -10.03 33.18
C LEU E 77 -31.64 -10.65 34.48
N ARG E 78 -31.04 -10.23 35.60
CA ARG E 78 -31.42 -10.69 36.92
C ARG E 78 -32.91 -10.55 37.14
N GLN E 79 -33.48 -9.44 36.67
CA GLN E 79 -34.90 -9.22 36.86
C GLN E 79 -35.70 -10.25 36.07
N PHE E 80 -35.31 -10.50 34.81
CA PHE E 80 -35.95 -11.58 34.06
C PHE E 80 -35.80 -12.91 34.79
N GLU E 81 -34.64 -13.13 35.42
CA GLU E 81 -34.44 -14.37 36.15
C GLU E 81 -35.41 -14.46 37.32
N MET E 82 -35.60 -13.34 38.04
CA MET E 82 -36.51 -13.32 39.17
C MET E 82 -37.93 -13.66 38.73
N LEU E 83 -38.33 -13.16 37.57
CA LEU E 83 -39.66 -13.42 37.01
C LEU E 83 -39.82 -14.84 36.47
N GLY E 84 -38.79 -15.66 36.50
CA GLY E 84 -38.92 -17.02 36.03
C GLY E 84 -38.49 -17.29 34.60
N SER E 85 -37.86 -16.33 33.95
CA SER E 85 -37.27 -16.57 32.64
C SER E 85 -36.05 -17.48 32.74
N TYR E 86 -35.98 -18.48 31.86
CA TYR E 86 -34.75 -19.27 31.74
C TYR E 86 -33.67 -18.44 31.06
N PRO E 87 -32.50 -18.25 31.66
CA PRO E 87 -31.46 -17.48 30.98
C PRO E 87 -30.46 -18.37 30.27
N LEU E 88 -30.11 -18.05 29.02
CA LEU E 88 -29.03 -18.75 28.34
C LEU E 88 -27.73 -18.06 28.71
N ASN E 89 -27.17 -18.50 29.86
CA ASN E 89 -26.12 -17.88 30.69
C ASN E 89 -26.75 -17.05 31.80
N GLU E 90 -26.56 -17.48 33.05
CA GLU E 90 -27.03 -16.74 34.23
C GLU E 90 -26.26 -15.45 34.40
N SER E 91 -26.90 -14.49 35.07
CA SER E 91 -26.29 -13.19 35.29
C SER E 91 -25.06 -13.28 36.19
N VAL E 92 -25.10 -14.12 37.23
CA VAL E 92 -23.92 -14.24 38.10
C VAL E 92 -22.72 -14.73 37.30
N ALA E 93 -22.96 -15.62 36.34
CA ALA E 93 -21.85 -16.16 35.54
C ALA E 93 -21.33 -15.12 34.54
N ILE E 94 -22.23 -14.34 33.93
CA ILE E 94 -21.81 -13.28 33.00
C ILE E 94 -21.00 -12.21 33.72
N ALA E 95 -21.43 -11.82 34.92
CA ALA E 95 -20.69 -10.83 35.71
C ALA E 95 -19.31 -11.35 36.10
N ARG E 96 -19.22 -12.62 36.51
CA ARG E 96 -17.91 -13.15 36.84
C ARG E 96 -17.02 -13.23 35.61
N ALA E 97 -17.56 -13.69 34.47
CA ALA E 97 -16.74 -13.84 33.28
C ALA E 97 -16.27 -12.50 32.74
N ARG E 98 -16.97 -11.40 33.10
CA ARG E 98 -16.51 -10.07 32.68
C ARG E 98 -15.20 -9.70 33.37
N ASP E 99 -14.93 -10.28 34.53
CA ASP E 99 -13.75 -10.00 35.34
C ASP E 99 -12.66 -10.99 34.95
N LYS E 100 -11.70 -10.54 34.13
CA LYS E 100 -10.75 -11.49 33.56
C LYS E 100 -9.84 -12.09 34.62
N LEU E 101 -9.36 -11.27 35.56
CA LEU E 101 -8.55 -11.78 36.65
C LEU E 101 -9.29 -12.87 37.41
N ARG E 102 -10.50 -12.55 37.88
CA ARG E 102 -11.31 -13.51 38.60
C ARG E 102 -11.50 -14.79 37.80
N SER E 103 -11.75 -14.65 36.50
CA SER E 103 -12.00 -15.82 35.65
C SER E 103 -10.75 -16.69 35.54
N MET E 104 -9.60 -16.07 35.30
CA MET E 104 -8.33 -16.80 35.27
C MET E 104 -8.08 -17.51 36.58
N GLN E 105 -8.31 -16.83 37.69
CA GLN E 105 -8.08 -17.42 39.00
C GLN E 105 -8.99 -18.62 39.22
N LEU E 106 -10.27 -18.48 38.84
CA LEU E 106 -11.20 -19.60 38.97
C LEU E 106 -10.72 -20.80 38.15
N LEU E 107 -10.31 -20.55 36.90
CA LEU E 107 -9.94 -21.64 36.00
C LEU E 107 -8.68 -22.34 36.49
N ALA E 108 -7.66 -21.58 36.88
CA ALA E 108 -6.45 -22.14 37.49
C ALA E 108 -6.78 -22.98 38.71
N ARG E 109 -7.64 -22.46 39.59
CA ARG E 109 -8.00 -23.18 40.80
C ARG E 109 -8.72 -24.48 40.50
N GLN E 110 -9.45 -24.56 39.39
CA GLN E 110 -10.12 -25.82 39.04
C GLN E 110 -9.26 -26.72 38.15
N GLY E 111 -7.94 -26.49 38.11
CA GLY E 111 -7.06 -27.40 37.41
C GLY E 111 -7.07 -27.28 35.90
N ILE E 112 -7.59 -26.19 35.36
CA ILE E 112 -7.54 -25.97 33.92
C ILE E 112 -6.21 -25.31 33.57
N ASP E 113 -5.47 -25.92 32.65
CA ASP E 113 -4.14 -25.43 32.33
C ASP E 113 -4.24 -24.09 31.60
N LEU E 114 -3.50 -23.10 32.10
CA LEU E 114 -3.37 -21.77 31.54
C LEU E 114 -1.90 -21.52 31.24
N PRO E 115 -1.57 -20.54 30.41
CA PRO E 115 -0.17 -20.11 30.34
C PRO E 115 0.25 -19.55 31.68
N VAL E 116 1.52 -19.79 32.05
CA VAL E 116 2.07 -19.17 33.25
C VAL E 116 1.86 -17.67 33.17
N THR E 117 1.22 -17.09 34.18
CA THR E 117 0.75 -15.70 34.13
C THR E 117 0.99 -15.04 35.48
N GLY E 118 1.76 -13.95 35.48
CA GLY E 118 1.83 -13.04 36.61
C GLY E 118 0.94 -11.83 36.38
N ILE E 119 0.21 -11.42 37.41
CA ILE E 119 -0.52 -10.16 37.37
C ILE E 119 0.19 -9.12 38.22
N ALA E 120 0.02 -7.88 37.80
CA ALA E 120 0.59 -6.78 38.55
C ALA E 120 -0.22 -5.54 38.25
N HIS E 121 -0.09 -4.57 39.14
CA HIS E 121 -0.67 -3.25 38.89
C HIS E 121 0.41 -2.19 39.00
N SER E 122 0.93 -1.98 40.21
CA SER E 122 2.08 -1.12 40.44
C SER E 122 3.18 -1.91 41.13
N PRO E 123 3.78 -2.86 40.41
CA PRO E 123 4.91 -3.58 40.99
C PRO E 123 6.11 -2.64 41.05
N ASP E 124 6.83 -2.73 42.16
CA ASP E 124 8.04 -1.96 42.40
C ASP E 124 9.29 -2.75 42.04
N ASP E 125 9.13 -3.89 41.38
CA ASP E 125 10.25 -4.74 40.99
C ASP E 125 9.87 -5.41 39.66
N THR E 126 10.28 -4.79 38.57
CA THR E 126 10.03 -5.35 37.24
C THR E 126 10.78 -6.68 37.06
N SER E 127 12.04 -6.72 37.50
CA SER E 127 12.86 -7.92 37.32
C SER E 127 12.27 -9.12 38.04
N ASP E 128 11.72 -8.90 39.24
CA ASP E 128 11.15 -9.99 40.00
C ASP E 128 9.91 -10.54 39.31
N LEU E 129 9.10 -9.63 38.76
CA LEU E 129 7.94 -9.99 37.96
C LEU E 129 8.35 -10.82 36.74
N ILE E 130 9.40 -10.39 36.03
CA ILE E 130 9.87 -11.12 34.86
C ILE E 130 10.38 -12.51 35.24
N ASP E 131 11.16 -12.60 36.32
CA ASP E 131 11.59 -13.90 36.83
C ASP E 131 10.38 -14.80 37.09
N MET E 132 9.32 -14.22 37.66
CA MET E 132 8.19 -15.01 38.13
C MET E 132 7.61 -15.90 37.03
N VAL E 133 7.61 -15.42 35.78
CA VAL E 133 7.01 -16.16 34.68
C VAL E 133 8.05 -16.88 33.83
N GLY E 134 9.29 -16.97 34.28
CA GLY E 134 10.27 -17.74 33.54
C GLY E 134 11.13 -16.94 32.58
N GLY E 135 11.07 -15.62 32.62
CA GLY E 135 11.89 -14.81 31.74
C GLY E 135 11.36 -14.67 30.32
N ALA E 136 12.19 -14.03 29.51
CA ALA E 136 11.88 -13.72 28.13
C ALA E 136 12.23 -14.90 27.23
N PRO E 137 11.58 -15.03 26.06
CA PRO E 137 10.50 -14.16 25.54
C PRO E 137 9.20 -14.28 26.33
N LEU E 138 8.48 -13.18 26.45
CA LEU E 138 7.21 -13.23 27.16
C LEU E 138 6.26 -12.25 26.50
N VAL E 139 4.99 -12.35 26.86
CA VAL E 139 3.95 -11.44 26.39
C VAL E 139 3.57 -10.52 27.55
N VAL E 140 3.42 -9.24 27.26
CA VAL E 140 2.89 -8.27 28.21
C VAL E 140 1.56 -7.76 27.67
N LYS E 141 0.51 -7.82 28.50
CA LYS E 141 -0.84 -7.48 28.08
C LYS E 141 -1.50 -6.57 29.10
N LEU E 142 -2.35 -5.67 28.61
CA LEU E 142 -3.26 -4.92 29.49
C LEU E 142 -4.51 -5.75 29.73
N VAL E 143 -4.90 -5.88 31.00
CA VAL E 143 -6.01 -6.79 31.35
C VAL E 143 -7.28 -6.42 30.57
N GLU E 144 -7.61 -5.14 30.53
CA GLU E 144 -8.82 -4.73 29.83
C GLU E 144 -8.61 -4.64 28.33
N GLY E 145 -7.41 -4.94 27.86
CA GLY E 145 -7.10 -4.91 26.45
C GLY E 145 -8.09 -5.67 25.59
N THR E 146 -8.38 -5.07 24.43
CA THR E 146 -9.33 -5.63 23.49
C THR E 146 -8.71 -5.60 22.10
N GLN E 147 -9.05 -6.60 21.30
CA GLN E 147 -8.55 -6.74 19.94
C GLN E 147 -7.01 -6.89 19.90
N GLY E 148 -6.36 -7.37 20.99
CA GLY E 148 -4.90 -7.37 20.88
C GLY E 148 -4.19 -6.01 20.83
N ILE E 149 -4.85 -4.90 21.17
CA ILE E 149 -4.15 -3.65 21.42
C ILE E 149 -3.52 -3.71 22.81
N GLY E 150 -2.25 -3.34 22.90
CA GLY E 150 -1.53 -3.47 24.16
C GLY E 150 -1.11 -4.88 24.49
N VAL E 151 -0.94 -5.72 23.48
CA VAL E 151 -0.46 -7.09 23.63
C VAL E 151 0.87 -7.15 22.91
N VAL E 152 1.96 -7.33 23.66
CA VAL E 152 3.30 -7.12 23.12
C VAL E 152 4.14 -8.36 23.40
N LEU E 153 4.93 -8.74 22.41
CA LEU E 153 5.91 -9.80 22.54
C LEU E 153 7.27 -9.18 22.84
N ALA E 154 7.75 -9.37 24.05
CA ALA E 154 9.05 -8.87 24.47
C ALA E 154 10.01 -10.04 24.41
N GLU E 155 10.89 -10.03 23.42
CA GLU E 155 11.67 -11.22 23.18
C GLU E 155 12.94 -11.30 24.03
N THR E 156 13.36 -10.20 24.64
CA THR E 156 14.51 -10.20 25.54
C THR E 156 14.12 -9.61 26.88
N ARG E 157 14.97 -9.84 27.89
CA ARG E 157 14.65 -9.31 29.21
C ARG E 157 14.58 -7.78 29.21
N GLN E 158 15.47 -7.12 28.48
CA GLN E 158 15.44 -5.65 28.48
C GLN E 158 14.19 -5.11 27.79
N ALA E 159 13.77 -5.76 26.71
CA ALA E 159 12.48 -5.45 26.11
C ALA E 159 11.37 -5.54 27.15
N ALA E 160 11.33 -6.64 27.89
CA ALA E 160 10.29 -6.78 28.90
C ALA E 160 10.36 -5.67 29.93
N GLU E 161 11.58 -5.34 30.39
CA GLU E 161 11.74 -4.26 31.39
C GLU E 161 11.20 -2.94 30.86
N SER E 162 11.60 -2.56 29.65
CA SER E 162 11.16 -1.28 29.10
C SER E 162 9.64 -1.26 28.94
N VAL E 163 9.07 -2.36 28.43
CA VAL E 163 7.63 -2.39 28.20
C VAL E 163 6.88 -2.27 29.52
N ILE E 164 7.28 -3.05 30.52
CA ILE E 164 6.55 -3.02 31.79
C ILE E 164 6.70 -1.68 32.47
N ASP E 165 7.91 -1.12 32.50
CA ASP E 165 8.08 0.21 33.08
C ASP E 165 7.20 1.23 32.39
N ALA E 166 7.13 1.16 31.05
CA ALA E 166 6.29 2.10 30.30
C ALA E 166 4.81 1.91 30.62
N PHE E 167 4.37 0.66 30.80
CA PHE E 167 2.97 0.42 31.15
C PHE E 167 2.64 0.85 32.56
N ARG E 168 3.65 1.00 33.43
CA ARG E 168 3.38 1.43 34.80
C ARG E 168 2.56 2.73 34.83
N GLY E 169 2.92 3.68 33.97
CA GLY E 169 2.24 4.98 34.01
C GLY E 169 0.78 4.95 33.59
N LEU E 170 0.29 3.81 33.12
CA LEU E 170 -1.11 3.71 32.71
C LEU E 170 -2.06 3.54 33.87
N ASN E 171 -1.56 3.23 35.08
CA ASN E 171 -2.42 2.93 36.23
C ASN E 171 -3.52 1.91 35.87
N ALA E 172 -3.10 0.85 35.19
CA ALA E 172 -3.97 -0.23 34.76
C ALA E 172 -3.32 -1.56 35.13
N HIS E 173 -4.16 -2.58 35.27
CA HIS E 173 -3.63 -3.91 35.57
C HIS E 173 -3.00 -4.51 34.34
N ILE E 174 -1.92 -5.25 34.55
CA ILE E 174 -1.21 -5.89 33.47
C ILE E 174 -1.01 -7.36 33.77
N LEU E 175 -0.84 -8.12 32.69
CA LEU E 175 -0.48 -9.52 32.70
C LEU E 175 0.90 -9.63 32.08
N VAL E 176 1.76 -10.40 32.71
CA VAL E 176 3.04 -10.85 32.17
C VAL E 176 2.88 -12.35 32.00
N GLN E 177 3.10 -12.85 30.78
CA GLN E 177 2.64 -14.19 30.46
C GLN E 177 3.69 -14.94 29.65
N GLU E 178 3.82 -16.23 29.94
CA GLU E 178 4.72 -17.07 29.15
C GLU E 178 4.25 -17.06 27.69
N TYR E 179 5.20 -16.89 26.80
CA TYR E 179 4.92 -16.81 25.38
C TYR E 179 4.89 -18.24 24.82
N ILE E 180 3.78 -18.61 24.19
CA ILE E 180 3.64 -19.96 23.64
C ILE E 180 4.11 -19.88 22.20
N LYS E 181 5.44 -19.93 22.05
CA LYS E 181 6.03 -19.83 20.72
C LYS E 181 5.54 -20.92 19.79
N GLU E 182 5.45 -22.17 20.29
CA GLU E 182 5.07 -23.29 19.45
C GLU E 182 3.64 -23.19 18.93
N ALA E 183 2.81 -22.26 19.47
CA ALA E 183 1.51 -22.01 18.85
C ALA E 183 1.66 -21.48 17.44
N GLN E 184 2.82 -20.91 17.11
CA GLN E 184 3.11 -20.40 15.77
C GLN E 184 2.06 -19.41 15.30
N GLY E 185 1.64 -18.54 16.23
CA GLY E 185 0.70 -17.50 15.87
C GLY E 185 -0.73 -17.95 15.68
N CYS E 186 -1.04 -19.19 16.05
CA CYS E 186 -2.37 -19.77 15.88
C CYS E 186 -3.06 -19.97 17.22
N ASP E 187 -4.37 -19.77 17.22
CA ASP E 187 -5.17 -20.19 18.35
C ASP E 187 -6.43 -20.90 17.83
N ILE E 188 -7.04 -21.68 18.71
CA ILE E 188 -8.23 -22.46 18.43
C ILE E 188 -9.38 -21.79 19.17
N ARG E 189 -10.34 -21.23 18.45
CA ARG E 189 -11.56 -20.71 19.06
C ARG E 189 -12.63 -21.81 18.98
N CYS E 190 -13.04 -22.31 20.12
CA CYS E 190 -14.10 -23.29 20.24
C CYS E 190 -15.34 -22.56 20.72
N LEU E 191 -16.51 -22.99 20.26
CA LEU E 191 -17.77 -22.47 20.80
C LEU E 191 -18.49 -23.61 21.51
N VAL E 192 -18.69 -23.44 22.83
CA VAL E 192 -19.36 -24.41 23.67
C VAL E 192 -20.83 -24.05 23.79
N VAL E 193 -21.69 -25.03 23.55
CA VAL E 193 -23.12 -24.93 23.85
C VAL E 193 -23.46 -26.12 24.74
N GLY E 194 -23.76 -25.82 26.00
CA GLY E 194 -24.09 -26.85 26.95
C GLY E 194 -22.90 -27.75 27.19
N ASP E 195 -23.08 -29.04 26.97
CA ASP E 195 -22.01 -29.98 27.24
C ASP E 195 -21.26 -30.36 25.99
N GLU E 196 -21.25 -29.51 24.96
CA GLU E 196 -20.48 -29.90 23.77
C GLU E 196 -19.81 -28.69 23.13
N VAL E 197 -18.72 -28.97 22.42
CA VAL E 197 -18.20 -28.00 21.47
C VAL E 197 -18.99 -28.18 20.18
N VAL E 198 -19.69 -27.14 19.73
CA VAL E 198 -20.49 -27.26 18.52
C VAL E 198 -19.74 -26.79 17.27
N ALA E 199 -18.64 -26.05 17.41
CA ALA E 199 -17.90 -25.52 16.26
C ALA E 199 -16.55 -25.06 16.74
N ALA E 200 -15.57 -25.09 15.84
CA ALA E 200 -14.25 -24.61 16.22
C ALA E 200 -13.52 -24.13 14.99
N ILE E 201 -12.79 -23.02 15.13
CA ILE E 201 -11.97 -22.48 14.06
C ILE E 201 -10.55 -22.29 14.56
N GLU E 202 -9.63 -22.27 13.61
CA GLU E 202 -8.25 -21.90 13.84
C GLU E 202 -8.03 -20.49 13.30
N ARG E 203 -7.50 -19.61 14.14
CA ARG E 203 -7.11 -18.27 13.74
C ARG E 203 -5.59 -18.20 13.67
N ARG E 204 -5.07 -17.68 12.56
CA ARG E 204 -3.64 -17.61 12.29
C ARG E 204 -3.26 -16.16 12.05
N ALA E 205 -2.25 -15.69 12.77
CA ALA E 205 -1.76 -14.33 12.60
C ALA E 205 -1.12 -14.13 11.23
N LYS E 206 -1.15 -12.90 10.74
CA LYS E 206 -0.44 -12.58 9.52
C LYS E 206 1.07 -12.78 9.73
N GLU E 207 1.78 -12.96 8.62
CA GLU E 207 3.22 -13.19 8.69
C GLU E 207 3.91 -12.02 9.40
N GLY E 208 4.84 -12.36 10.28
CA GLY E 208 5.51 -11.37 11.07
C GLY E 208 4.80 -10.95 12.34
N ASP E 209 3.58 -11.43 12.58
CA ASP E 209 2.87 -11.11 13.81
C ASP E 209 2.70 -12.39 14.63
N PHE E 210 2.36 -12.21 15.91
CA PHE E 210 2.03 -13.34 16.78
C PHE E 210 0.58 -13.32 17.23
N ARG E 211 -0.14 -12.22 17.00
CA ARG E 211 -1.50 -12.07 17.48
C ARG E 211 -2.50 -12.53 16.43
N SER E 212 -3.39 -13.43 16.82
CA SER E 212 -4.31 -14.04 15.86
C SER E 212 -5.60 -13.24 15.63
N ASN E 213 -5.82 -12.11 16.31
CA ASN E 213 -7.06 -11.35 16.13
C ASN E 213 -7.28 -11.00 14.66
N LEU E 214 -8.56 -10.95 14.27
CA LEU E 214 -8.84 -10.60 12.87
C LEU E 214 -8.56 -9.12 12.60
N HIS E 215 -8.74 -8.26 13.62
CA HIS E 215 -8.39 -6.85 13.47
C HIS E 215 -6.89 -6.61 13.36
N ARG E 216 -6.05 -7.58 13.73
CA ARG E 216 -4.62 -7.50 13.50
C ARG E 216 -4.19 -8.28 12.25
N GLY E 217 -5.12 -8.64 11.38
CA GLY E 217 -4.76 -9.30 10.15
C GLY E 217 -4.81 -10.82 10.19
N GLY E 218 -5.47 -11.38 11.20
CA GLY E 218 -5.54 -12.82 11.29
C GLY E 218 -6.57 -13.39 10.34
N ALA E 219 -6.33 -14.65 9.96
CA ALA E 219 -7.21 -15.39 9.06
C ALA E 219 -7.78 -16.60 9.79
N ALA E 220 -9.05 -16.89 9.53
CA ALA E 220 -9.76 -18.01 10.16
C ALA E 220 -9.98 -19.15 9.17
N SER E 221 -9.86 -20.38 9.66
CA SER E 221 -10.14 -21.57 8.89
C SER E 221 -10.75 -22.61 9.81
N VAL E 222 -11.28 -23.68 9.23
CA VAL E 222 -11.85 -24.75 10.03
C VAL E 222 -10.74 -25.45 10.80
N ALA E 223 -10.98 -25.76 12.06
CA ALA E 223 -10.00 -26.46 12.89
C ALA E 223 -10.33 -27.94 12.99
N SER E 224 -9.29 -28.74 13.26
CA SER E 224 -9.40 -30.14 13.67
C SER E 224 -9.02 -30.17 15.14
N ILE E 225 -10.00 -30.18 16.01
CA ILE E 225 -9.70 -30.18 17.44
C ILE E 225 -9.61 -31.60 17.96
N THR E 226 -8.70 -31.82 18.87
CA THR E 226 -8.52 -33.12 19.50
C THR E 226 -9.59 -33.36 20.54
N PRO E 227 -9.83 -34.64 20.90
CA PRO E 227 -10.67 -34.91 22.07
C PRO E 227 -10.27 -34.10 23.31
N GLN E 228 -8.97 -33.94 23.52
CA GLN E 228 -8.47 -33.24 24.70
C GLN E 228 -8.84 -31.76 24.66
N GLU E 229 -8.72 -31.12 23.49
CA GLU E 229 -9.17 -29.74 23.36
C GLU E 229 -10.69 -29.63 23.53
N ARG E 230 -11.44 -30.57 22.96
CA ARG E 230 -12.88 -30.59 23.16
C ARG E 230 -13.22 -30.63 24.64
N GLU E 231 -12.54 -31.52 25.35
CA GLU E 231 -12.83 -31.71 26.75
C GLU E 231 -12.44 -30.48 27.57
N ILE E 232 -11.32 -29.82 27.25
CA ILE E 232 -10.90 -28.66 28.04
C ILE E 232 -11.86 -27.48 27.80
N ALA E 233 -12.28 -27.26 26.54
CA ALA E 233 -13.27 -26.20 26.26
C ALA E 233 -14.55 -26.41 27.04
N ILE E 234 -15.08 -27.65 27.01
CA ILE E 234 -16.32 -27.94 27.74
C ILE E 234 -16.13 -27.73 29.24
N LYS E 235 -15.03 -28.22 29.78
CA LYS E 235 -14.79 -28.04 31.22
C LYS E 235 -14.57 -26.58 31.57
N ALA E 236 -13.92 -25.82 30.70
CA ALA E 236 -13.71 -24.40 30.97
C ALA E 236 -15.04 -23.68 31.09
N ALA E 237 -15.94 -23.93 30.14
CA ALA E 237 -17.26 -23.30 30.19
C ALA E 237 -18.05 -23.75 31.42
N ARG E 238 -17.95 -25.04 31.78
CA ARG E 238 -18.70 -25.54 32.94
C ARG E 238 -18.14 -24.94 34.23
N THR E 239 -16.83 -24.78 34.29
CA THR E 239 -16.20 -24.15 35.43
C THR E 239 -16.70 -22.72 35.61
N MET E 240 -16.90 -22.00 34.51
CA MET E 240 -17.42 -20.65 34.57
C MET E 240 -18.93 -20.61 34.65
N ALA E 241 -19.57 -21.78 34.68
CA ALA E 241 -21.02 -21.91 34.80
C ALA E 241 -21.73 -21.16 33.67
N LEU E 242 -21.11 -21.20 32.49
CA LEU E 242 -21.69 -20.63 31.27
C LEU E 242 -22.30 -21.75 30.43
N ASP E 243 -23.54 -21.55 30.00
CA ASP E 243 -24.17 -22.46 29.05
C ASP E 243 -23.68 -22.25 27.63
N VAL E 244 -23.31 -21.02 27.27
CA VAL E 244 -22.77 -20.72 25.94
C VAL E 244 -21.48 -19.92 26.13
N ALA E 245 -20.41 -20.35 25.47
CA ALA E 245 -19.14 -19.66 25.69
C ALA E 245 -18.20 -19.88 24.52
N GLY E 246 -17.47 -18.83 24.17
CA GLY E 246 -16.29 -18.99 23.34
C GLY E 246 -15.13 -19.33 24.24
N VAL E 247 -14.34 -20.32 23.85
CA VAL E 247 -13.15 -20.74 24.59
C VAL E 247 -11.99 -20.71 23.62
N ASP E 248 -11.02 -19.81 23.86
CA ASP E 248 -9.81 -19.76 23.02
C ASP E 248 -8.71 -20.59 23.67
N ILE E 249 -7.97 -21.31 22.83
CA ILE E 249 -6.98 -22.27 23.28
C ILE E 249 -5.69 -22.06 22.52
N LEU E 250 -4.57 -22.10 23.23
CA LEU E 250 -3.25 -22.15 22.60
C LEU E 250 -2.69 -23.56 22.73
N ARG E 251 -2.10 -24.07 21.65
CA ARG E 251 -1.50 -25.39 21.64
C ARG E 251 -0.05 -25.29 22.10
N ALA E 252 0.18 -25.60 23.36
CA ALA E 252 1.53 -25.61 23.92
C ALA E 252 2.06 -27.04 23.89
N ASN E 253 3.40 -27.16 23.93
CA ASN E 253 4.01 -28.48 23.98
C ASN E 253 3.38 -29.36 25.06
N ARG E 254 3.12 -28.79 26.23
CA ARG E 254 2.56 -29.57 27.31
C ARG E 254 1.06 -29.81 27.17
N GLY E 255 0.42 -29.31 26.11
CA GLY E 255 -1.00 -29.52 25.94
C GLY E 255 -1.75 -28.23 25.66
N PRO E 256 -3.07 -28.33 25.52
CA PRO E 256 -3.89 -27.15 25.24
C PRO E 256 -4.03 -26.25 26.47
N LEU E 257 -3.90 -24.95 26.26
CA LEU E 257 -3.98 -23.96 27.32
C LEU E 257 -5.13 -23.00 27.01
N VAL E 258 -5.96 -22.71 28.01
CA VAL E 258 -7.09 -21.81 27.82
C VAL E 258 -6.62 -20.36 27.94
N MET E 259 -6.94 -19.58 26.94
CA MET E 259 -6.57 -18.17 26.86
C MET E 259 -7.67 -17.24 27.32
N GLU E 260 -8.91 -17.59 27.06
CA GLU E 260 -10.02 -16.68 27.29
C GLU E 260 -11.31 -17.46 27.18
N VAL E 261 -12.27 -17.11 28.04
CA VAL E 261 -13.65 -17.60 27.97
C VAL E 261 -14.54 -16.37 27.86
N ASN E 262 -15.47 -16.41 26.92
CA ASN E 262 -16.28 -15.27 26.54
C ASN E 262 -17.73 -15.74 26.59
N ALA E 263 -18.52 -15.18 27.52
CA ALA E 263 -19.93 -15.54 27.64
C ALA E 263 -20.76 -15.13 26.45
N SER E 264 -20.26 -14.27 25.58
CA SER E 264 -21.07 -13.78 24.46
C SER E 264 -20.30 -13.90 23.16
N PRO E 265 -19.99 -15.12 22.73
CA PRO E 265 -19.15 -15.30 21.54
C PRO E 265 -19.82 -14.78 20.28
N GLY E 266 -19.02 -14.16 19.40
CA GLY E 266 -19.52 -13.79 18.09
C GLY E 266 -19.87 -15.03 17.29
N LEU E 267 -20.95 -14.93 16.50
CA LEU E 267 -21.39 -16.05 15.68
C LEU E 267 -20.95 -15.94 14.23
N GLU E 268 -20.57 -14.76 13.76
CA GLU E 268 -20.54 -14.58 12.31
C GLU E 268 -19.35 -15.31 11.67
N GLY E 269 -18.15 -14.97 12.10
CA GLY E 269 -16.97 -15.62 11.54
C GLY E 269 -17.06 -17.13 11.63
N ILE E 270 -17.39 -17.65 12.81
CA ILE E 270 -17.31 -19.09 13.04
C ILE E 270 -18.39 -19.82 12.24
N GLU E 271 -19.61 -19.21 12.13
CA GLU E 271 -20.68 -19.83 11.33
C GLU E 271 -20.34 -19.82 9.84
N LYS E 272 -19.83 -18.70 9.33
CA LYS E 272 -19.50 -18.65 7.91
C LYS E 272 -18.31 -19.54 7.58
N THR E 273 -17.33 -19.66 8.49
CA THR E 273 -16.16 -20.49 8.24
C THR E 273 -16.51 -21.98 8.28
N THR E 274 -17.35 -22.38 9.23
CA THR E 274 -17.65 -23.79 9.41
C THR E 274 -18.91 -24.25 8.69
N GLY E 275 -19.91 -23.39 8.53
CA GLY E 275 -21.17 -23.84 7.99
C GLY E 275 -22.09 -24.48 9.00
N ILE E 276 -21.76 -24.40 10.24
CA ILE E 276 -22.55 -25.01 11.29
C ILE E 276 -23.60 -24.02 11.74
N ASP E 277 -24.81 -24.52 12.01
CA ASP E 277 -25.93 -23.72 12.51
C ASP E 277 -25.77 -23.56 14.01
N ILE E 278 -24.99 -22.57 14.44
CA ILE E 278 -24.73 -22.44 15.87
C ILE E 278 -25.91 -21.83 16.61
N ALA E 279 -26.51 -20.79 16.04
CA ALA E 279 -27.69 -20.19 16.64
C ALA E 279 -28.79 -21.22 16.87
N GLY E 280 -28.96 -22.15 15.92
CA GLY E 280 -29.92 -23.24 16.12
C GLY E 280 -29.53 -24.12 17.30
N LYS E 281 -28.24 -24.38 17.48
CA LYS E 281 -27.82 -25.13 18.65
C LYS E 281 -28.20 -24.41 19.93
N MET E 282 -28.01 -23.09 19.96
CA MET E 282 -28.36 -22.34 21.16
C MET E 282 -29.87 -22.42 21.43
N ILE E 283 -30.67 -22.34 20.37
CA ILE E 283 -32.11 -22.46 20.55
C ILE E 283 -32.46 -23.86 21.05
N ARG E 284 -31.87 -24.91 20.48
CA ARG E 284 -32.18 -26.26 20.97
C ARG E 284 -31.83 -26.41 22.44
N TRP E 285 -30.73 -25.81 22.88
CA TRP E 285 -30.41 -25.88 24.30
C TRP E 285 -31.52 -25.24 25.13
N ILE E 286 -32.04 -24.10 24.66
CA ILE E 286 -33.17 -23.48 25.38
C ILE E 286 -34.37 -24.42 25.42
N GLU E 287 -34.74 -24.99 24.26
CA GLU E 287 -35.86 -25.92 24.24
C GLU E 287 -35.65 -27.05 25.22
N ARG E 288 -34.40 -27.49 25.39
CA ARG E 288 -34.16 -28.62 26.26
C ARG E 288 -34.22 -28.25 27.73
N HIS E 289 -34.03 -26.97 28.08
CA HIS E 289 -33.89 -26.62 29.50
C HIS E 289 -34.87 -25.59 30.03
N ALA E 290 -35.61 -24.90 29.17
CA ALA E 290 -36.58 -23.91 29.62
C ALA E 290 -37.97 -24.55 29.63
N THR E 291 -38.73 -24.29 30.68
CA THR E 291 -40.09 -24.77 30.76
C THR E 291 -41.04 -23.77 30.09
N THR E 292 -42.13 -24.29 29.52
CA THR E 292 -43.05 -23.42 28.77
C THR E 292 -44.50 -23.51 29.23
N MET F 1 -1.61 -15.13 65.90
CA MET F 1 -2.00 -15.33 64.52
C MET F 1 -1.33 -14.24 63.71
N LYS F 2 -1.11 -14.49 62.41
CA LYS F 2 -0.50 -13.49 61.52
C LYS F 2 -1.56 -12.94 60.57
N ILE F 3 -1.73 -11.61 60.58
CA ILE F 3 -2.86 -10.93 59.97
C ILE F 3 -2.35 -9.87 58.99
N ALA F 4 -2.81 -9.94 57.75
CA ALA F 4 -2.54 -8.88 56.78
C ALA F 4 -3.74 -7.95 56.69
N ILE F 5 -3.47 -6.65 56.61
CA ILE F 5 -4.49 -5.63 56.37
C ILE F 5 -4.26 -5.11 54.96
N LEU F 6 -5.22 -5.41 54.07
CA LEU F 6 -5.16 -5.09 52.64
C LEU F 6 -5.82 -3.73 52.43
N SER F 7 -5.00 -2.71 52.21
CA SER F 7 -5.55 -1.37 52.07
C SER F 7 -4.50 -0.46 51.48
N ARG F 8 -4.98 0.48 50.65
CA ARG F 8 -4.13 1.57 50.16
C ARG F 8 -3.86 2.61 51.23
N ASP F 9 -4.72 2.67 52.25
CA ASP F 9 -4.73 3.76 53.22
C ASP F 9 -4.08 3.37 54.54
N GLY F 10 -2.80 2.96 54.53
CA GLY F 10 -2.20 2.39 55.73
C GLY F 10 -1.95 3.39 56.85
N THR F 11 -2.00 4.69 56.54
CA THR F 11 -1.75 5.72 57.51
C THR F 11 -3.02 6.30 58.11
N LEU F 12 -4.18 5.81 57.69
CA LEU F 12 -5.44 6.40 58.12
C LEU F 12 -5.96 5.73 59.38
N TYR F 13 -6.91 6.40 60.04
CA TYR F 13 -7.37 5.98 61.36
C TYR F 13 -7.72 4.49 61.40
N SER F 14 -8.53 4.02 60.45
CA SER F 14 -9.09 2.68 60.53
C SER F 14 -8.02 1.60 60.42
N CYS F 15 -7.11 1.73 59.45
CA CYS F 15 -6.05 0.73 59.32
C CYS F 15 -5.09 0.77 60.51
N LYS F 16 -4.74 1.98 60.98
CA LYS F 16 -3.92 2.10 62.17
C LYS F 16 -4.58 1.41 63.36
N ARG F 17 -5.90 1.61 63.53
CA ARG F 17 -6.58 1.05 64.68
C ARG F 17 -6.71 -0.46 64.56
N LEU F 18 -6.94 -0.97 63.34
CA LEU F 18 -7.00 -2.41 63.18
C LEU F 18 -5.65 -3.03 63.54
N ARG F 19 -4.57 -2.43 63.06
CA ARG F 19 -3.24 -2.90 63.41
C ARG F 19 -3.01 -2.85 64.92
N GLU F 20 -3.41 -1.74 65.55
CA GLU F 20 -3.28 -1.57 67.00
C GLU F 20 -4.00 -2.67 67.75
N ALA F 21 -5.29 -2.86 67.46
CA ALA F 21 -6.08 -3.86 68.17
C ALA F 21 -5.52 -5.25 67.94
N ALA F 22 -4.97 -5.52 66.77
CA ALA F 22 -4.43 -6.86 66.53
C ALA F 22 -3.15 -7.08 67.33
N ILE F 23 -2.26 -6.09 67.36
CA ILE F 23 -1.03 -6.21 68.16
C ILE F 23 -1.38 -6.29 69.64
N GLN F 24 -2.31 -5.46 70.10
CA GLN F 24 -2.78 -5.47 71.48
C GLN F 24 -3.30 -6.83 71.89
N ARG F 25 -3.91 -7.58 70.97
CA ARG F 25 -4.39 -8.92 71.30
C ARG F 25 -3.37 -10.00 70.95
N GLY F 26 -2.14 -9.61 70.66
CA GLY F 26 -1.05 -10.55 70.53
C GLY F 26 -0.80 -11.12 69.15
N HIS F 27 -1.36 -10.54 68.10
CA HIS F 27 -1.12 -11.02 66.75
C HIS F 27 -0.03 -10.21 66.07
N LEU F 28 0.59 -10.82 65.06
CA LEU F 28 1.50 -10.13 64.16
C LEU F 28 0.71 -9.52 63.00
N VAL F 29 1.10 -8.32 62.58
CA VAL F 29 0.31 -7.55 61.62
C VAL F 29 1.21 -6.99 60.53
N GLU F 30 0.75 -7.07 59.28
CA GLU F 30 1.42 -6.40 58.17
C GLU F 30 0.38 -5.70 57.32
N ILE F 31 0.63 -4.44 57.00
CA ILE F 31 -0.26 -3.64 56.16
C ILE F 31 0.28 -3.64 54.74
N LEU F 32 -0.55 -4.05 53.78
CA LEU F 32 -0.15 -4.30 52.40
C LEU F 32 -1.02 -3.47 51.46
N ASP F 33 -0.37 -2.71 50.58
CA ASP F 33 -1.08 -2.05 49.51
C ASP F 33 -1.49 -3.06 48.45
N PRO F 34 -2.79 -3.24 48.18
CA PRO F 34 -3.21 -4.19 47.15
C PRO F 34 -2.50 -3.99 45.82
N LEU F 35 -2.37 -2.73 45.39
CA LEU F 35 -1.78 -2.44 44.08
C LEU F 35 -0.29 -2.73 44.05
N SER F 36 0.32 -3.01 45.20
CA SER F 36 1.72 -3.38 45.24
C SER F 36 1.93 -4.89 45.28
N CYS F 37 0.87 -5.67 45.46
CA CYS F 37 0.99 -7.12 45.36
C CYS F 37 1.01 -7.53 43.89
N TYR F 38 1.88 -8.46 43.57
CA TYR F 38 1.91 -9.07 42.25
C TYR F 38 2.14 -10.56 42.43
N MET F 39 1.55 -11.36 41.56
CA MET F 39 1.54 -12.79 41.82
C MET F 39 1.32 -13.58 40.54
N ASN F 40 1.69 -14.86 40.59
CA ASN F 40 1.32 -15.86 39.59
C ASN F 40 -0.05 -16.44 39.92
N ILE F 41 -0.89 -16.58 38.89
CA ILE F 41 -2.29 -17.00 39.07
C ILE F 41 -2.34 -18.49 39.10
N ASN F 42 -1.36 -19.13 38.51
CA ASN F 42 -1.21 -20.56 38.65
C ASN F 42 -1.11 -20.92 40.14
N PRO F 43 -2.09 -21.63 40.70
CA PRO F 43 -2.17 -21.76 42.16
C PRO F 43 -1.16 -22.74 42.74
N ALA F 44 -0.51 -23.57 41.91
CA ALA F 44 0.59 -24.40 42.38
C ALA F 44 1.76 -23.54 42.86
N ALA F 45 2.18 -22.58 42.03
CA ALA F 45 3.14 -21.54 42.42
C ALA F 45 2.34 -20.23 42.48
N SER F 46 1.63 -20.03 43.59
CA SER F 46 0.72 -18.90 43.73
C SER F 46 1.26 -17.83 44.68
N SER F 47 2.51 -17.97 45.14
CA SER F 47 3.06 -17.06 46.15
C SER F 47 2.86 -15.61 45.73
N ILE F 48 2.34 -14.81 46.65
CA ILE F 48 2.11 -13.40 46.42
C ILE F 48 3.39 -12.66 46.76
N HIS F 49 3.84 -11.82 45.84
CA HIS F 49 5.03 -11.03 46.07
C HIS F 49 4.62 -9.59 46.37
N TYR F 50 5.51 -8.94 47.12
CA TYR F 50 5.36 -7.58 47.60
C TYR F 50 6.76 -6.98 47.64
N LYS F 51 7.01 -5.94 46.85
CA LYS F 51 8.28 -5.21 46.87
C LYS F 51 9.46 -6.16 46.86
N GLY F 52 9.51 -7.01 45.83
CA GLY F 52 10.66 -7.86 45.59
C GLY F 52 10.74 -9.13 46.42
N ARG F 53 9.89 -9.30 47.42
CA ARG F 53 9.97 -10.46 48.30
C ARG F 53 8.69 -11.28 48.20
N LYS F 54 8.79 -12.53 48.67
CA LYS F 54 7.66 -13.46 48.63
C LYS F 54 6.98 -13.44 50.00
N LEU F 55 5.71 -13.03 50.01
CA LEU F 55 5.00 -12.83 51.26
C LEU F 55 4.89 -14.14 52.03
N PRO F 56 4.93 -14.09 53.36
CA PRO F 56 4.68 -15.29 54.16
C PRO F 56 3.20 -15.62 54.16
N HIS F 57 2.89 -16.84 54.60
CA HIS F 57 1.50 -17.19 54.80
C HIS F 57 0.87 -16.27 55.84
N PHE F 58 -0.34 -15.78 55.54
CA PHE F 58 -1.14 -15.07 56.51
C PHE F 58 -2.33 -15.94 56.90
N ASP F 59 -2.56 -16.08 58.21
CA ASP F 59 -3.75 -16.78 58.66
C ASP F 59 -5.02 -16.03 58.30
N ALA F 60 -4.97 -14.69 58.28
CA ALA F 60 -6.16 -13.91 58.02
C ALA F 60 -5.80 -12.64 57.27
N VAL F 61 -6.75 -12.17 56.48
CA VAL F 61 -6.63 -10.93 55.73
C VAL F 61 -7.83 -10.07 56.07
N ILE F 62 -7.58 -8.81 56.39
CA ILE F 62 -8.63 -7.83 56.57
C ILE F 62 -8.61 -6.93 55.35
N PRO F 63 -9.52 -7.11 54.40
CA PRO F 63 -9.54 -6.23 53.23
C PRO F 63 -10.24 -4.91 53.59
N ARG F 64 -9.62 -3.82 53.21
CA ARG F 64 -10.20 -2.49 53.33
C ARG F 64 -9.95 -1.87 51.95
N ILE F 65 -10.73 -2.29 50.96
CA ILE F 65 -10.39 -2.07 49.55
C ILE F 65 -11.12 -0.83 49.06
N GLY F 66 -10.32 0.16 48.62
CA GLY F 66 -10.88 1.40 48.14
C GLY F 66 -11.74 1.22 46.91
N THR F 67 -12.61 2.20 46.70
CA THR F 67 -13.66 2.08 45.69
C THR F 67 -13.09 1.89 44.29
N ALA F 68 -12.11 2.70 43.92
CA ALA F 68 -11.61 2.70 42.54
C ALA F 68 -10.74 1.49 42.20
N ILE F 69 -10.39 0.64 43.17
CA ILE F 69 -9.40 -0.39 42.90
C ILE F 69 -10.00 -1.76 43.25
N THR F 70 -11.29 -1.94 42.95
CA THR F 70 -11.97 -3.16 43.38
C THR F 70 -11.48 -4.38 42.60
N PHE F 71 -11.47 -4.31 41.26
CA PHE F 71 -11.14 -5.50 40.47
C PHE F 71 -9.76 -6.03 40.82
N TYR F 72 -8.75 -5.17 40.80
CA TYR F 72 -7.43 -5.64 41.22
C TYR F 72 -7.45 -6.02 42.70
N GLY F 73 -8.08 -5.20 43.55
CA GLY F 73 -8.02 -5.45 44.97
C GLY F 73 -8.58 -6.81 45.33
N THR F 74 -9.78 -7.10 44.84
CA THR F 74 -10.39 -8.39 45.12
C THR F 74 -9.57 -9.52 44.54
N ALA F 75 -8.85 -9.28 43.43
CA ALA F 75 -7.96 -10.31 42.91
C ALA F 75 -6.83 -10.59 43.88
N ALA F 76 -6.21 -9.53 44.41
CA ALA F 76 -5.24 -9.73 45.48
C ALA F 76 -5.90 -10.49 46.62
N LEU F 77 -7.09 -10.06 47.02
CA LEU F 77 -7.76 -10.72 48.13
C LEU F 77 -8.00 -12.19 47.80
N ARG F 78 -8.41 -12.47 46.56
CA ARG F 78 -8.77 -13.83 46.23
C ARG F 78 -7.55 -14.72 46.22
N GLN F 79 -6.39 -14.16 45.85
CA GLN F 79 -5.17 -14.97 45.89
C GLN F 79 -4.84 -15.32 47.33
N PHE F 80 -4.95 -14.34 48.25
CA PHE F 80 -4.77 -14.71 49.66
C PHE F 80 -5.76 -15.80 50.03
N GLU F 81 -7.00 -15.68 49.56
CA GLU F 81 -8.00 -16.66 49.95
C GLU F 81 -7.60 -18.05 49.45
N MET F 82 -7.07 -18.11 48.23
CA MET F 82 -6.71 -19.39 47.65
C MET F 82 -5.49 -20.00 48.31
N LEU F 83 -4.67 -19.18 48.95
CA LEU F 83 -3.51 -19.63 49.70
C LEU F 83 -3.86 -20.08 51.11
N GLY F 84 -5.13 -20.00 51.51
CA GLY F 84 -5.61 -20.45 52.80
C GLY F 84 -5.95 -19.36 53.81
N SER F 85 -5.66 -18.10 53.52
CA SER F 85 -5.97 -17.02 54.45
C SER F 85 -7.48 -16.88 54.66
N TYR F 86 -7.87 -16.65 55.93
CA TYR F 86 -9.24 -16.32 56.27
C TYR F 86 -9.51 -14.87 55.91
N PRO F 87 -10.54 -14.58 55.09
CA PRO F 87 -10.87 -13.18 54.79
C PRO F 87 -11.95 -12.65 55.72
N LEU F 88 -11.72 -11.50 56.34
CA LEU F 88 -12.78 -10.81 57.08
C LEU F 88 -13.56 -9.98 56.06
N ASN F 89 -14.55 -10.65 55.47
CA ASN F 89 -15.29 -10.31 54.23
C ASN F 89 -14.63 -10.97 53.03
N GLU F 90 -15.36 -11.91 52.40
CA GLU F 90 -14.87 -12.62 51.24
C GLU F 90 -14.86 -11.74 49.99
N SER F 91 -13.90 -12.04 49.10
CA SER F 91 -13.83 -11.33 47.81
C SER F 91 -15.14 -11.35 47.06
N VAL F 92 -15.84 -12.49 47.03
CA VAL F 92 -17.10 -12.56 46.29
C VAL F 92 -18.12 -11.59 46.87
N ALA F 93 -18.27 -11.61 48.19
CA ALA F 93 -19.24 -10.73 48.85
C ALA F 93 -18.89 -9.27 48.69
N ILE F 94 -17.59 -8.95 48.69
CA ILE F 94 -17.16 -7.56 48.51
C ILE F 94 -17.48 -7.08 47.10
N ALA F 95 -17.06 -7.87 46.09
CA ALA F 95 -17.35 -7.51 44.71
C ALA F 95 -18.85 -7.32 44.50
N ARG F 96 -19.67 -8.22 45.05
CA ARG F 96 -21.11 -8.05 44.91
C ARG F 96 -21.59 -6.78 45.61
N ALA F 97 -21.05 -6.49 46.81
CA ALA F 97 -21.54 -5.35 47.58
C ALA F 97 -21.21 -4.02 46.90
N ARG F 98 -20.13 -3.98 46.13
CA ARG F 98 -19.83 -2.76 45.38
C ARG F 98 -20.86 -2.46 44.30
N ASP F 99 -21.63 -3.46 43.87
CA ASP F 99 -22.67 -3.30 42.85
C ASP F 99 -23.99 -3.03 43.58
N LYS F 100 -24.26 -1.74 43.81
CA LYS F 100 -25.42 -1.33 44.60
C LYS F 100 -26.73 -1.79 43.95
N LEU F 101 -26.82 -1.80 42.62
CA LEU F 101 -28.03 -2.31 41.99
C LEU F 101 -28.26 -3.77 42.34
N ARG F 102 -27.26 -4.61 42.13
CA ARG F 102 -27.39 -6.02 42.47
C ARG F 102 -27.62 -6.20 43.95
N SER F 103 -26.97 -5.38 44.78
CA SER F 103 -27.13 -5.48 46.24
C SER F 103 -28.57 -5.19 46.65
N MET F 104 -29.11 -4.06 46.19
CA MET F 104 -30.52 -3.73 46.43
C MET F 104 -31.46 -4.80 45.88
N GLN F 105 -31.20 -5.31 44.67
CA GLN F 105 -32.04 -6.38 44.15
C GLN F 105 -32.02 -7.60 45.06
N LEU F 106 -30.84 -7.95 45.59
CA LEU F 106 -30.72 -9.07 46.51
C LEU F 106 -31.47 -8.80 47.81
N LEU F 107 -31.25 -7.64 48.42
CA LEU F 107 -31.91 -7.33 49.69
C LEU F 107 -33.43 -7.33 49.53
N ALA F 108 -33.93 -6.75 48.43
CA ALA F 108 -35.37 -6.79 48.16
C ALA F 108 -35.85 -8.22 47.96
N ARG F 109 -35.13 -8.99 47.16
CA ARG F 109 -35.56 -10.34 46.85
C ARG F 109 -35.60 -11.21 48.09
N GLN F 110 -34.83 -10.86 49.11
CA GLN F 110 -34.81 -11.60 50.35
C GLN F 110 -35.74 -11.00 51.40
N GLY F 111 -36.57 -10.03 51.02
CA GLY F 111 -37.62 -9.57 51.90
C GLY F 111 -37.25 -8.50 52.91
N ILE F 112 -36.02 -7.98 52.87
CA ILE F 112 -35.68 -6.81 53.69
C ILE F 112 -36.35 -5.56 53.13
N ASP F 113 -36.85 -4.72 54.03
CA ASP F 113 -37.58 -3.53 53.61
C ASP F 113 -36.58 -2.43 53.23
N LEU F 114 -36.72 -1.94 52.01
CA LEU F 114 -35.98 -0.81 51.47
C LEU F 114 -36.98 0.28 51.11
N PRO F 115 -36.53 1.52 50.89
CA PRO F 115 -37.44 2.50 50.27
C PRO F 115 -37.85 1.99 48.90
N VAL F 116 -39.04 2.40 48.47
CA VAL F 116 -39.49 2.09 47.12
C VAL F 116 -38.41 2.55 46.17
N THR F 117 -37.88 1.63 45.36
CA THR F 117 -36.75 1.91 44.49
C THR F 117 -37.02 1.37 43.08
N GLY F 118 -36.90 2.24 42.08
CA GLY F 118 -36.86 1.84 40.68
C GLY F 118 -35.45 1.97 40.13
N ILE F 119 -35.12 1.17 39.13
CA ILE F 119 -33.85 1.33 38.47
C ILE F 119 -34.11 1.49 36.98
N ALA F 120 -33.19 2.20 36.33
CA ALA F 120 -33.34 2.58 34.94
C ALA F 120 -31.98 2.95 34.41
N HIS F 121 -31.88 2.98 33.08
CA HIS F 121 -30.64 3.42 32.47
C HIS F 121 -30.93 4.46 31.42
N SER F 122 -31.58 4.04 30.33
CA SER F 122 -32.00 4.94 29.26
C SER F 122 -33.50 4.77 29.07
N PRO F 123 -34.30 5.05 30.10
CA PRO F 123 -35.74 4.81 30.01
C PRO F 123 -36.37 5.77 29.01
N ASP F 124 -37.21 5.21 28.13
CA ASP F 124 -37.84 5.99 27.09
C ASP F 124 -39.15 6.61 27.53
N ASP F 125 -39.52 6.46 28.80
CA ASP F 125 -40.74 7.03 29.36
C ASP F 125 -40.46 7.39 30.82
N THR F 126 -39.98 8.61 31.03
CA THR F 126 -39.58 9.00 32.38
C THR F 126 -40.76 9.14 33.32
N SER F 127 -41.96 9.44 32.79
CA SER F 127 -43.13 9.57 33.65
C SER F 127 -43.60 8.22 34.17
N ASP F 128 -43.60 7.20 33.30
CA ASP F 128 -43.83 5.81 33.75
C ASP F 128 -42.87 5.44 34.87
N LEU F 129 -41.59 5.78 34.70
CA LEU F 129 -40.60 5.44 35.72
C LEU F 129 -40.88 6.17 37.02
N ILE F 130 -41.18 7.47 36.95
CA ILE F 130 -41.42 8.24 38.16
C ILE F 130 -42.68 7.78 38.87
N ASP F 131 -43.71 7.42 38.11
CA ASP F 131 -44.90 6.85 38.73
C ASP F 131 -44.60 5.53 39.43
N MET F 132 -43.69 4.73 38.87
CA MET F 132 -43.35 3.46 39.50
C MET F 132 -42.94 3.58 40.98
N VAL F 133 -42.27 4.67 41.36
CA VAL F 133 -41.81 4.83 42.74
C VAL F 133 -42.69 5.81 43.54
N GLY F 134 -43.79 6.29 42.96
CA GLY F 134 -44.76 7.04 43.73
C GLY F 134 -44.74 8.54 43.53
N GLY F 135 -43.93 9.07 42.62
CA GLY F 135 -43.93 10.48 42.35
C GLY F 135 -42.95 11.25 43.21
N ALA F 136 -42.77 12.52 42.82
CA ALA F 136 -41.92 13.44 43.56
C ALA F 136 -42.51 13.70 44.94
N PRO F 137 -41.68 14.12 45.93
CA PRO F 137 -40.21 14.20 45.94
C PRO F 137 -39.55 12.84 45.78
N LEU F 138 -38.43 12.83 45.06
CA LEU F 138 -37.68 11.63 44.73
C LEU F 138 -36.22 11.88 45.04
N VAL F 139 -35.50 10.81 45.32
CA VAL F 139 -34.05 10.85 45.40
C VAL F 139 -33.51 10.14 44.16
N VAL F 140 -32.57 10.78 43.46
CA VAL F 140 -32.00 10.19 42.25
C VAL F 140 -30.53 9.90 42.52
N LYS F 141 -30.15 8.64 42.35
CA LYS F 141 -28.79 8.20 42.56
C LYS F 141 -28.23 7.78 41.21
N LEU F 142 -27.08 8.34 40.87
CA LEU F 142 -26.45 8.15 39.58
C LEU F 142 -25.15 7.40 39.79
N VAL F 143 -24.94 6.37 38.95
CA VAL F 143 -23.79 5.49 39.06
C VAL F 143 -23.23 5.20 37.68
N GLU F 144 -21.90 5.25 37.56
CA GLU F 144 -21.18 4.72 36.41
C GLU F 144 -20.59 3.38 36.82
N GLY F 145 -21.05 2.30 36.22
CA GLY F 145 -20.55 0.97 36.55
C GLY F 145 -20.91 0.61 37.98
N THR F 146 -19.93 0.63 38.88
CA THR F 146 -20.19 0.56 40.31
C THR F 146 -19.65 1.80 41.05
N GLN F 147 -19.22 2.83 40.33
CA GLN F 147 -18.74 4.05 40.94
C GLN F 147 -19.90 5.03 40.99
N GLY F 148 -20.31 5.39 42.21
CA GLY F 148 -21.41 6.31 42.38
C GLY F 148 -21.01 7.70 41.94
N ILE F 149 -21.87 8.35 41.17
CA ILE F 149 -21.65 9.70 40.70
C ILE F 149 -22.28 10.71 41.62
N GLY F 150 -23.52 10.47 42.03
CA GLY F 150 -24.14 11.44 42.92
C GLY F 150 -25.52 11.04 43.39
N VAL F 151 -25.98 11.72 44.44
CA VAL F 151 -27.30 11.53 45.03
C VAL F 151 -27.93 12.91 45.17
N VAL F 152 -29.06 13.14 44.49
CA VAL F 152 -29.70 14.44 44.53
C VAL F 152 -31.17 14.29 44.87
N LEU F 153 -31.69 15.28 45.57
CA LEU F 153 -33.12 15.36 45.79
C LEU F 153 -33.76 16.09 44.62
N ALA F 154 -34.81 15.50 44.06
CA ALA F 154 -35.68 16.14 43.07
C ALA F 154 -37.00 16.39 43.76
N GLU F 155 -37.32 17.66 43.98
CA GLU F 155 -38.51 18.02 44.74
C GLU F 155 -39.78 17.98 43.90
N THR F 156 -39.66 18.10 42.59
CA THR F 156 -40.80 18.07 41.69
C THR F 156 -40.60 16.98 40.64
N ARG F 157 -41.72 16.63 40.00
CA ARG F 157 -41.67 15.65 38.91
C ARG F 157 -40.74 16.13 37.81
N GLN F 158 -40.75 17.45 37.55
CA GLN F 158 -39.98 18.05 36.48
C GLN F 158 -38.48 18.02 36.80
N ALA F 159 -38.11 18.31 38.04
CA ALA F 159 -36.72 18.15 38.47
C ALA F 159 -36.25 16.72 38.25
N ALA F 160 -37.06 15.74 38.64
CA ALA F 160 -36.70 14.34 38.46
C ALA F 160 -36.49 14.03 36.98
N GLU F 161 -37.41 14.51 36.14
CA GLU F 161 -37.30 14.27 34.71
C GLU F 161 -36.07 14.92 34.13
N SER F 162 -35.71 16.10 34.64
CA SER F 162 -34.57 16.82 34.12
C SER F 162 -33.26 16.14 34.49
N VAL F 163 -33.16 15.59 35.70
CA VAL F 163 -31.95 14.85 36.05
C VAL F 163 -31.81 13.63 35.15
N ILE F 164 -32.91 12.87 34.98
CA ILE F 164 -32.87 11.68 34.13
C ILE F 164 -32.49 12.05 32.69
N ASP F 165 -33.15 13.08 32.12
CA ASP F 165 -32.82 13.53 30.78
C ASP F 165 -31.36 13.93 30.68
N ALA F 166 -30.88 14.69 31.67
CA ALA F 166 -29.51 15.17 31.68
C ALA F 166 -28.50 14.04 31.55
N PHE F 167 -28.80 12.87 32.12
CA PHE F 167 -27.80 11.80 32.08
C PHE F 167 -28.00 10.79 30.93
N ARG F 168 -28.96 11.03 30.05
CA ARG F 168 -29.12 10.17 28.89
C ARG F 168 -27.91 10.28 27.97
N GLY F 169 -27.34 9.13 27.60
CA GLY F 169 -26.16 9.11 26.75
C GLY F 169 -24.86 9.24 27.50
N LEU F 170 -24.90 9.30 28.82
CA LEU F 170 -23.71 9.41 29.65
C LEU F 170 -23.28 8.08 30.27
N ASN F 171 -23.91 6.97 29.88
CA ASN F 171 -23.53 5.64 30.36
C ASN F 171 -23.49 5.60 31.88
N ALA F 172 -24.53 6.14 32.48
CA ALA F 172 -24.76 6.09 33.91
C ALA F 172 -26.15 5.51 34.13
N HIS F 173 -26.28 4.64 35.11
CA HIS F 173 -27.61 4.18 35.48
C HIS F 173 -28.11 4.89 36.72
N ILE F 174 -29.37 4.67 37.00
CA ILE F 174 -30.16 5.54 37.84
C ILE F 174 -30.98 4.68 38.77
N LEU F 175 -30.94 5.00 40.06
CA LEU F 175 -31.90 4.54 41.05
C LEU F 175 -32.79 5.72 41.40
N VAL F 176 -34.09 5.56 41.22
CA VAL F 176 -35.07 6.53 41.67
C VAL F 176 -35.71 5.96 42.92
N GLN F 177 -35.73 6.74 44.00
CA GLN F 177 -36.06 6.20 45.31
C GLN F 177 -37.02 7.14 46.01
N GLU F 178 -38.02 6.58 46.70
CA GLU F 178 -38.88 7.43 47.52
C GLU F 178 -38.05 8.21 48.54
N TYR F 179 -38.37 9.49 48.69
CA TYR F 179 -37.70 10.37 49.64
C TYR F 179 -38.29 10.14 51.02
N ILE F 180 -37.46 9.73 51.97
CA ILE F 180 -37.91 9.47 53.35
C ILE F 180 -37.77 10.78 54.11
N LYS F 181 -38.75 11.67 53.91
CA LYS F 181 -38.66 13.03 54.45
C LYS F 181 -38.74 13.04 55.98
N GLU F 182 -39.61 12.22 56.56
CA GLU F 182 -39.75 12.17 58.01
C GLU F 182 -38.46 11.78 58.72
N ALA F 183 -37.44 11.32 58.00
CA ALA F 183 -36.14 11.10 58.63
C ALA F 183 -35.46 12.41 58.96
N GLN F 184 -35.80 13.49 58.26
CA GLN F 184 -35.28 14.83 58.54
C GLN F 184 -33.74 14.86 58.45
N GLY F 185 -33.21 14.29 57.36
CA GLY F 185 -31.77 14.27 57.17
C GLY F 185 -31.00 13.49 58.21
N CYS F 186 -31.66 12.57 58.90
CA CYS F 186 -31.03 11.69 59.89
C CYS F 186 -31.09 10.26 59.40
N ASP F 187 -29.96 9.56 59.47
CA ASP F 187 -29.92 8.13 59.23
C ASP F 187 -29.22 7.46 60.41
N ILE F 188 -29.50 6.18 60.58
CA ILE F 188 -28.85 5.37 61.61
C ILE F 188 -27.83 4.50 60.92
N ARG F 189 -26.59 4.57 61.36
CA ARG F 189 -25.54 3.69 60.88
C ARG F 189 -25.27 2.65 61.95
N CYS F 190 -25.55 1.39 61.64
CA CYS F 190 -25.23 0.26 62.51
C CYS F 190 -23.97 -0.41 61.99
N LEU F 191 -23.03 -0.67 62.86
CA LEU F 191 -21.84 -1.40 62.47
C LEU F 191 -22.01 -2.86 62.91
N VAL F 192 -22.20 -3.74 61.94
CA VAL F 192 -22.35 -5.17 62.19
C VAL F 192 -20.98 -5.83 62.13
N VAL F 193 -20.65 -6.61 63.15
CA VAL F 193 -19.54 -7.54 63.14
C VAL F 193 -20.09 -8.92 63.43
N GLY F 194 -20.01 -9.81 62.44
CA GLY F 194 -20.50 -11.16 62.56
C GLY F 194 -21.99 -11.16 62.80
N ASP F 195 -22.42 -11.63 63.96
CA ASP F 195 -23.84 -11.72 64.29
C ASP F 195 -24.28 -10.65 65.28
N GLU F 196 -23.53 -9.55 65.42
CA GLU F 196 -23.94 -8.49 66.33
C GLU F 196 -23.84 -7.11 65.68
N VAL F 197 -24.74 -6.24 66.11
CA VAL F 197 -24.53 -4.79 65.97
C VAL F 197 -23.65 -4.39 67.15
N VAL F 198 -22.39 -4.04 66.87
CA VAL F 198 -21.48 -3.69 67.93
C VAL F 198 -21.48 -2.21 68.29
N ALA F 199 -22.01 -1.36 67.41
CA ALA F 199 -22.05 0.07 67.65
C ALA F 199 -23.02 0.67 66.65
N ALA F 200 -23.61 1.80 67.03
CA ALA F 200 -24.53 2.48 66.13
C ALA F 200 -24.48 3.98 66.41
N ILE F 201 -24.69 4.77 65.37
CA ILE F 201 -24.76 6.22 65.53
C ILE F 201 -25.92 6.75 64.69
N GLU F 202 -26.36 7.95 65.04
CA GLU F 202 -27.21 8.73 64.18
C GLU F 202 -26.35 9.80 63.52
N ARG F 203 -26.42 9.88 62.20
CA ARG F 203 -25.81 10.96 61.44
C ARG F 203 -26.92 11.93 61.05
N ARG F 204 -26.79 13.18 61.46
CA ARG F 204 -27.74 14.22 61.09
C ARG F 204 -27.05 15.16 60.12
N ALA F 205 -27.66 15.34 58.95
CA ALA F 205 -27.11 16.17 57.89
C ALA F 205 -26.99 17.62 58.35
N LYS F 206 -26.15 18.36 57.64
CA LYS F 206 -25.85 19.74 57.97
C LYS F 206 -26.93 20.67 57.42
N GLU F 207 -26.64 21.97 57.47
CA GLU F 207 -27.52 23.02 56.99
C GLU F 207 -28.04 22.73 55.58
N GLY F 208 -29.37 22.83 55.42
CA GLY F 208 -30.02 22.72 54.13
C GLY F 208 -29.62 21.54 53.27
N ASP F 209 -29.21 20.43 53.90
CA ASP F 209 -28.84 19.21 53.20
C ASP F 209 -29.62 18.03 53.77
N PHE F 210 -29.91 17.07 52.91
CA PHE F 210 -30.54 15.82 53.29
C PHE F 210 -29.53 14.68 53.46
N ARG F 211 -28.33 14.82 52.90
CA ARG F 211 -27.29 13.80 53.01
C ARG F 211 -26.54 13.98 54.32
N SER F 212 -26.55 12.93 55.15
CA SER F 212 -26.04 12.98 56.51
C SER F 212 -24.65 12.39 56.66
N ASN F 213 -23.99 12.04 55.56
CA ASN F 213 -22.68 11.38 55.64
C ASN F 213 -21.67 12.28 56.35
N LEU F 214 -20.86 11.67 57.23
CA LEU F 214 -19.95 12.44 58.06
C LEU F 214 -18.86 13.13 57.24
N HIS F 215 -18.40 12.49 56.16
CA HIS F 215 -17.36 13.08 55.33
C HIS F 215 -17.82 14.37 54.67
N ARG F 216 -19.13 14.58 54.61
CA ARG F 216 -19.73 15.80 54.07
C ARG F 216 -20.34 16.64 55.20
N GLY F 217 -19.78 16.52 56.40
CA GLY F 217 -20.04 17.45 57.47
C GLY F 217 -21.25 17.18 58.35
N GLY F 218 -21.54 15.92 58.66
CA GLY F 218 -22.70 15.55 59.44
C GLY F 218 -22.38 15.38 60.92
N ALA F 219 -23.39 15.61 61.76
CA ALA F 219 -23.21 15.46 63.20
C ALA F 219 -23.57 14.05 63.63
N ALA F 220 -22.69 13.41 64.38
CA ALA F 220 -22.90 12.06 64.86
C ALA F 220 -23.22 12.06 66.35
N SER F 221 -24.26 11.33 66.74
CA SER F 221 -24.53 11.08 68.15
C SER F 221 -24.77 9.59 68.33
N VAL F 222 -24.74 9.14 69.59
CA VAL F 222 -24.96 7.71 69.85
C VAL F 222 -26.41 7.36 69.58
N ALA F 223 -26.63 6.13 69.11
CA ALA F 223 -27.95 5.66 68.71
C ALA F 223 -28.44 4.57 69.64
N SER F 224 -29.70 4.65 70.02
CA SER F 224 -30.40 3.56 70.69
C SER F 224 -31.28 2.90 69.64
N ILE F 225 -30.87 1.76 69.18
CA ILE F 225 -31.60 1.08 68.10
C ILE F 225 -32.60 0.13 68.73
N THR F 226 -33.75 0.01 68.07
CA THR F 226 -34.77 -0.93 68.49
C THR F 226 -34.30 -2.36 68.24
N PRO F 227 -34.92 -3.35 68.91
CA PRO F 227 -34.62 -4.75 68.56
C PRO F 227 -34.81 -5.02 67.08
N GLN F 228 -35.81 -4.37 66.48
CA GLN F 228 -36.12 -4.57 65.06
C GLN F 228 -35.01 -4.00 64.17
N GLU F 229 -34.49 -2.81 64.50
CA GLU F 229 -33.41 -2.24 63.71
C GLU F 229 -32.14 -3.07 63.84
N ARG F 230 -31.86 -3.56 65.05
CA ARG F 230 -30.75 -4.47 65.28
C ARG F 230 -30.88 -5.71 64.41
N GLU F 231 -32.05 -6.34 64.42
CA GLU F 231 -32.22 -7.56 63.65
C GLU F 231 -32.10 -7.30 62.16
N ILE F 232 -32.66 -6.17 61.71
CA ILE F 232 -32.63 -5.83 60.29
C ILE F 232 -31.20 -5.62 59.83
N ALA F 233 -30.42 -4.87 60.60
CA ALA F 233 -29.02 -4.64 60.28
C ALA F 233 -28.26 -5.96 60.16
N ILE F 234 -28.40 -6.85 61.17
CA ILE F 234 -27.65 -8.11 61.13
C ILE F 234 -28.11 -8.96 59.96
N LYS F 235 -29.42 -8.96 59.66
CA LYS F 235 -29.93 -9.77 58.56
C LYS F 235 -29.47 -9.23 57.21
N ALA F 236 -29.45 -7.91 57.05
CA ALA F 236 -28.93 -7.31 55.84
C ALA F 236 -27.48 -7.71 55.63
N ALA F 237 -26.64 -7.57 56.67
CA ALA F 237 -25.25 -7.99 56.56
C ALA F 237 -25.15 -9.46 56.15
N ARG F 238 -25.95 -10.32 56.79
CA ARG F 238 -25.85 -11.75 56.49
C ARG F 238 -26.33 -12.06 55.08
N THR F 239 -27.41 -11.41 54.64
CA THR F 239 -27.89 -11.56 53.26
C THR F 239 -26.79 -11.24 52.26
N MET F 240 -26.01 -10.21 52.55
CA MET F 240 -24.88 -9.85 51.70
C MET F 240 -23.70 -10.77 51.88
N ALA F 241 -23.78 -11.74 52.79
CA ALA F 241 -22.66 -12.64 53.12
C ALA F 241 -21.45 -11.86 53.60
N LEU F 242 -21.67 -10.79 54.36
CA LEU F 242 -20.58 -9.95 54.86
C LEU F 242 -20.39 -10.17 56.34
N ASP F 243 -19.14 -10.41 56.73
CA ASP F 243 -18.80 -10.57 58.14
C ASP F 243 -18.76 -9.23 58.87
N VAL F 244 -18.35 -8.16 58.19
CA VAL F 244 -18.32 -6.81 58.75
C VAL F 244 -19.03 -5.89 57.78
N ALA F 245 -19.95 -5.08 58.27
CA ALA F 245 -20.62 -4.15 57.35
C ALA F 245 -21.13 -2.95 58.11
N GLY F 246 -21.20 -1.82 57.42
CA GLY F 246 -21.96 -0.68 57.89
C GLY F 246 -23.32 -0.75 57.23
N VAL F 247 -24.39 -0.77 58.02
CA VAL F 247 -25.75 -0.82 57.50
C VAL F 247 -26.42 0.51 57.82
N ASP F 248 -26.79 1.25 56.78
CA ASP F 248 -27.48 2.52 56.94
C ASP F 248 -28.97 2.28 56.80
N ILE F 249 -29.71 2.73 57.80
CA ILE F 249 -31.16 2.58 57.94
C ILE F 249 -31.79 3.96 58.01
N LEU F 250 -32.93 4.12 57.34
CA LEU F 250 -33.76 5.30 57.49
C LEU F 250 -34.96 4.96 58.37
N ARG F 251 -35.26 5.83 59.32
CA ARG F 251 -36.42 5.64 60.18
C ARG F 251 -37.62 6.28 59.49
N ALA F 252 -38.34 5.48 58.73
CA ALA F 252 -39.56 5.93 58.08
C ALA F 252 -40.74 5.66 59.01
N ASN F 253 -41.83 6.38 58.77
CA ASN F 253 -43.04 6.21 59.59
C ASN F 253 -43.42 4.75 59.69
N ARG F 254 -43.39 4.03 58.57
CA ARG F 254 -43.82 2.63 58.54
C ARG F 254 -42.82 1.69 59.19
N GLY F 255 -41.66 2.17 59.64
CA GLY F 255 -40.65 1.29 60.16
C GLY F 255 -39.27 1.59 59.60
N PRO F 256 -38.29 0.77 59.98
CA PRO F 256 -36.92 1.02 59.51
C PRO F 256 -36.65 0.46 58.12
N LEU F 257 -35.98 1.25 57.30
CA LEU F 257 -35.70 0.88 55.91
C LEU F 257 -34.21 0.87 55.66
N VAL F 258 -33.72 -0.23 55.11
CA VAL F 258 -32.30 -0.34 54.82
C VAL F 258 -31.99 0.49 53.59
N MET F 259 -31.01 1.37 53.71
CA MET F 259 -30.64 2.28 52.66
C MET F 259 -29.29 1.95 52.05
N GLU F 260 -28.37 1.40 52.83
CA GLU F 260 -27.09 1.02 52.24
C GLU F 260 -26.44 -0.05 53.08
N VAL F 261 -25.65 -0.91 52.42
CA VAL F 261 -24.77 -1.86 53.09
C VAL F 261 -23.36 -1.69 52.53
N ASN F 262 -22.41 -1.38 53.40
CA ASN F 262 -21.04 -1.02 53.05
C ASN F 262 -20.10 -2.06 53.65
N ALA F 263 -19.32 -2.74 52.80
CA ALA F 263 -18.42 -3.77 53.30
C ALA F 263 -17.19 -3.24 54.01
N SER F 264 -16.91 -1.94 53.93
CA SER F 264 -15.70 -1.37 54.52
C SER F 264 -16.07 -0.08 55.24
N PRO F 265 -16.90 -0.18 56.27
CA PRO F 265 -17.33 1.03 56.98
C PRO F 265 -16.15 1.72 57.64
N GLY F 266 -16.20 3.04 57.69
CA GLY F 266 -15.18 3.78 58.39
C GLY F 266 -15.33 3.62 59.90
N LEU F 267 -14.20 3.60 60.59
CA LEU F 267 -14.19 3.35 62.03
C LEU F 267 -14.09 4.62 62.86
N GLU F 268 -13.52 5.70 62.33
CA GLU F 268 -13.18 6.85 63.17
C GLU F 268 -14.42 7.53 63.75
N GLY F 269 -15.31 8.02 62.87
CA GLY F 269 -16.52 8.66 63.35
C GLY F 269 -17.25 7.85 64.40
N ILE F 270 -17.45 6.56 64.14
CA ILE F 270 -18.31 5.77 65.01
C ILE F 270 -17.59 5.36 66.29
N GLU F 271 -16.28 5.05 66.21
CA GLU F 271 -15.55 4.70 67.42
C GLU F 271 -15.44 5.91 68.35
N LYS F 272 -15.18 7.09 67.80
CA LYS F 272 -15.10 8.28 68.63
C LYS F 272 -16.46 8.64 69.21
N THR F 273 -17.52 8.55 68.42
CA THR F 273 -18.83 8.93 68.93
C THR F 273 -19.30 7.98 70.02
N THR F 274 -19.03 6.68 69.88
CA THR F 274 -19.58 5.68 70.80
C THR F 274 -18.60 5.23 71.87
N GLY F 275 -17.30 5.35 71.65
CA GLY F 275 -16.32 4.82 72.58
C GLY F 275 -16.15 3.32 72.57
N ILE F 276 -16.77 2.60 71.62
CA ILE F 276 -16.70 1.15 71.55
C ILE F 276 -15.44 0.74 70.80
N ASP F 277 -14.84 -0.37 71.23
CA ASP F 277 -13.63 -0.91 70.62
C ASP F 277 -14.05 -1.75 69.42
N ILE F 278 -14.34 -1.06 68.32
CA ILE F 278 -14.87 -1.76 67.15
C ILE F 278 -13.80 -2.62 66.51
N ALA F 279 -12.62 -2.04 66.30
CA ALA F 279 -11.50 -2.78 65.73
C ALA F 279 -11.25 -4.08 66.49
N GLY F 280 -11.28 -4.02 67.83
CA GLY F 280 -11.07 -5.21 68.62
C GLY F 280 -12.13 -6.27 68.37
N LYS F 281 -13.39 -5.86 68.25
CA LYS F 281 -14.44 -6.82 67.88
C LYS F 281 -14.16 -7.49 66.53
N MET F 282 -13.63 -6.73 65.57
CA MET F 282 -13.26 -7.34 64.29
C MET F 282 -12.15 -8.38 64.48
N ILE F 283 -11.14 -8.05 65.29
CA ILE F 283 -10.06 -9.00 65.56
C ILE F 283 -10.59 -10.23 66.27
N ARG F 284 -11.56 -10.04 67.16
CA ARG F 284 -12.15 -11.17 67.87
C ARG F 284 -12.92 -12.07 66.90
N TRP F 285 -13.61 -11.49 65.93
CA TRP F 285 -14.29 -12.34 64.95
C TRP F 285 -13.27 -13.18 64.19
N ILE F 286 -12.14 -12.57 63.83
CA ILE F 286 -11.09 -13.34 63.15
C ILE F 286 -10.54 -14.45 64.05
N GLU F 287 -10.35 -14.16 65.34
CA GLU F 287 -9.85 -15.18 66.25
C GLU F 287 -10.82 -16.34 66.32
N ARG F 288 -12.12 -16.05 66.31
CA ARG F 288 -13.12 -17.10 66.40
C ARG F 288 -13.28 -17.90 65.11
N HIS F 289 -12.80 -17.38 63.98
CA HIS F 289 -13.09 -18.08 62.72
C HIS F 289 -11.90 -18.47 61.88
N ALA F 290 -10.74 -17.84 62.05
CA ALA F 290 -9.53 -18.30 61.37
C ALA F 290 -8.88 -19.40 62.18
N THR F 291 -8.59 -20.54 61.55
CA THR F 291 -7.92 -21.63 62.26
C THR F 291 -6.40 -21.44 62.16
N THR F 292 -5.69 -22.11 63.08
CA THR F 292 -4.24 -21.94 63.36
C THR F 292 -3.80 -20.46 63.35
N MET G 1 -0.59 23.78 -7.13
CA MET G 1 0.34 23.68 -6.00
C MET G 1 0.20 22.30 -5.39
N LYS G 2 1.01 21.98 -4.38
CA LYS G 2 0.94 20.69 -3.72
C LYS G 2 0.29 20.89 -2.36
N ILE G 3 -0.75 20.10 -2.07
CA ILE G 3 -1.59 20.31 -0.90
C ILE G 3 -1.65 19.02 -0.11
N ALA G 4 -1.48 19.12 1.20
CA ALA G 4 -1.74 18.00 2.10
C ALA G 4 -3.00 18.28 2.89
N ILE G 5 -3.82 17.25 3.02
CA ILE G 5 -4.98 17.28 3.89
C ILE G 5 -4.60 16.49 5.13
N LEU G 6 -4.56 17.15 6.28
CA LEU G 6 -4.16 16.51 7.52
C LEU G 6 -5.40 15.95 8.20
N SER G 7 -5.64 14.65 8.07
CA SER G 7 -6.88 14.13 8.64
C SER G 7 -6.80 12.62 8.77
N ARG G 8 -7.46 12.09 9.81
CA ARG G 8 -7.57 10.64 9.98
C ARG G 8 -8.70 10.04 9.16
N ASP G 9 -9.62 10.89 8.67
CA ASP G 9 -10.85 10.45 8.02
C ASP G 9 -10.80 10.67 6.49
N GLY G 10 -9.72 10.20 5.86
CA GLY G 10 -9.55 10.39 4.43
C GLY G 10 -10.61 9.74 3.56
N THR G 11 -11.34 8.75 4.10
CA THR G 11 -12.44 8.15 3.37
C THR G 11 -13.78 8.85 3.61
N LEU G 12 -13.88 9.77 4.56
CA LEU G 12 -15.18 10.36 4.82
C LEU G 12 -15.45 11.53 3.87
N TYR G 13 -16.71 11.94 3.83
CA TYR G 13 -17.19 12.87 2.80
C TYR G 13 -16.36 14.14 2.71
N SER G 14 -16.09 14.78 3.84
CA SER G 14 -15.48 16.11 3.79
C SER G 14 -14.08 16.05 3.19
N CYS G 15 -13.25 15.10 3.65
CA CYS G 15 -11.91 14.97 3.11
C CYS G 15 -11.94 14.54 1.64
N LYS G 16 -12.80 13.58 1.32
CA LYS G 16 -13.00 13.20 -0.07
C LYS G 16 -13.32 14.40 -0.96
N ARG G 17 -14.18 15.32 -0.47
CA ARG G 17 -14.58 16.48 -1.25
C ARG G 17 -13.44 17.51 -1.36
N LEU G 18 -12.71 17.73 -0.28
CA LEU G 18 -11.57 18.63 -0.37
C LEU G 18 -10.54 18.11 -1.38
N ARG G 19 -10.25 16.80 -1.33
CA ARG G 19 -9.29 16.24 -2.26
C ARG G 19 -9.81 16.37 -3.70
N GLU G 20 -11.08 16.02 -3.92
CA GLU G 20 -11.63 16.08 -5.26
C GLU G 20 -11.69 17.51 -5.78
N ALA G 21 -12.05 18.48 -4.94
CA ALA G 21 -12.09 19.86 -5.40
C ALA G 21 -10.71 20.38 -5.74
N ALA G 22 -9.69 19.97 -4.96
CA ALA G 22 -8.34 20.44 -5.26
C ALA G 22 -7.80 19.81 -6.53
N ILE G 23 -8.18 18.55 -6.79
CA ILE G 23 -7.76 17.90 -8.02
C ILE G 23 -8.41 18.58 -9.22
N GLN G 24 -9.71 18.89 -9.12
CA GLN G 24 -10.42 19.58 -10.21
C GLN G 24 -9.75 20.90 -10.55
N ARG G 25 -9.24 21.60 -9.55
CA ARG G 25 -8.56 22.87 -9.78
C ARG G 25 -7.08 22.68 -10.06
N GLY G 26 -6.66 21.45 -10.38
CA GLY G 26 -5.33 21.18 -10.91
C GLY G 26 -4.22 21.06 -9.89
N HIS G 27 -4.54 20.91 -8.60
CA HIS G 27 -3.51 20.77 -7.60
C HIS G 27 -3.16 19.31 -7.37
N LEU G 28 -1.95 19.07 -6.88
CA LEU G 28 -1.58 17.76 -6.36
C LEU G 28 -2.04 17.66 -4.91
N VAL G 29 -2.62 16.52 -4.53
CA VAL G 29 -3.15 16.37 -3.17
C VAL G 29 -2.70 15.04 -2.57
N GLU G 30 -2.36 15.06 -1.30
CA GLU G 30 -2.35 13.79 -0.59
C GLU G 30 -3.01 13.97 0.77
N ILE G 31 -3.69 12.91 1.20
CA ILE G 31 -4.31 12.86 2.50
C ILE G 31 -3.34 12.17 3.44
N LEU G 32 -2.91 12.88 4.49
CA LEU G 32 -1.96 12.34 5.47
C LEU G 32 -2.67 12.18 6.81
N ASP G 33 -2.61 10.98 7.36
CA ASP G 33 -3.04 10.79 8.74
C ASP G 33 -2.02 11.49 9.64
N PRO G 34 -2.40 12.52 10.40
CA PRO G 34 -1.42 13.17 11.29
C PRO G 34 -0.76 12.18 12.22
N LEU G 35 -1.49 11.15 12.69
CA LEU G 35 -0.91 10.19 13.65
C LEU G 35 0.19 9.36 13.03
N SER G 36 0.23 9.27 11.69
CA SER G 36 1.30 8.59 10.98
C SER G 36 2.51 9.47 10.71
N CYS G 37 2.42 10.78 10.91
CA CYS G 37 3.58 11.63 10.75
C CYS G 37 4.49 11.50 11.97
N TYR G 38 5.79 11.49 11.72
CA TYR G 38 6.74 11.57 12.84
C TYR G 38 7.93 12.37 12.33
N MET G 39 8.66 13.00 13.25
CA MET G 39 9.56 14.06 12.85
C MET G 39 10.42 14.45 14.04
N ASN G 40 11.62 14.97 13.76
CA ASN G 40 12.41 15.69 14.76
C ASN G 40 11.84 17.08 14.93
N ILE G 41 11.48 17.44 16.17
CA ILE G 41 11.15 18.82 16.42
C ILE G 41 12.40 19.62 16.69
N ASN G 42 13.49 18.97 17.07
CA ASN G 42 14.74 19.67 17.18
C ASN G 42 15.81 18.75 16.58
N PRO G 43 16.64 19.27 15.65
CA PRO G 43 16.67 20.71 15.27
C PRO G 43 15.39 21.21 14.60
N ALA G 44 15.14 22.51 14.72
CA ALA G 44 13.86 23.08 14.32
C ALA G 44 13.62 22.87 12.82
N ALA G 45 12.36 22.62 12.46
CA ALA G 45 11.96 22.53 11.06
C ALA G 45 12.72 21.43 10.32
N SER G 46 12.88 20.29 11.00
CA SER G 46 13.35 19.08 10.34
C SER G 46 12.23 18.51 9.47
N SER G 47 12.63 17.74 8.46
CA SER G 47 11.65 17.14 7.57
C SER G 47 10.69 16.24 8.33
N ILE G 48 9.51 16.07 7.77
CA ILE G 48 8.48 15.21 8.35
C ILE G 48 8.50 13.87 7.64
N HIS G 49 8.63 12.80 8.41
CA HIS G 49 8.67 11.46 7.85
C HIS G 49 7.29 10.82 7.93
N TYR G 50 7.06 9.91 6.98
CA TYR G 50 5.76 9.28 6.81
C TYR G 50 6.02 7.97 6.11
N LYS G 51 5.67 6.86 6.75
CA LYS G 51 5.90 5.52 6.19
C LYS G 51 7.34 5.35 5.72
N GLY G 52 8.29 5.68 6.59
CA GLY G 52 9.68 5.42 6.31
C GLY G 52 10.33 6.37 5.33
N ARG G 53 9.62 7.37 4.84
CA ARG G 53 10.19 8.30 3.87
C ARG G 53 9.93 9.73 4.29
N LYS G 54 10.79 10.60 3.80
CA LYS G 54 10.69 12.03 3.98
C LYS G 54 9.59 12.61 3.08
N LEU G 55 8.63 13.32 3.68
CA LEU G 55 7.58 13.97 2.88
C LEU G 55 8.16 15.12 2.06
N PRO G 56 7.61 15.36 0.88
CA PRO G 56 7.99 16.54 0.10
C PRO G 56 7.47 17.80 0.77
N HIS G 57 7.96 18.94 0.30
CA HIS G 57 7.37 20.20 0.73
C HIS G 57 5.93 20.28 0.22
N PHE G 58 5.03 20.75 1.08
CA PHE G 58 3.68 21.08 0.64
C PHE G 58 3.51 22.59 0.70
N ASP G 59 2.95 23.15 -0.37
CA ASP G 59 2.65 24.58 -0.39
C ASP G 59 1.56 24.93 0.61
N ALA G 60 0.61 24.03 0.85
CA ALA G 60 -0.44 24.30 1.80
C ALA G 60 -0.84 23.01 2.50
N VAL G 61 -1.31 23.17 3.72
CA VAL G 61 -1.84 22.06 4.50
C VAL G 61 -3.26 22.40 4.93
N ILE G 62 -4.17 21.44 4.78
CA ILE G 62 -5.56 21.60 5.21
C ILE G 62 -5.76 20.76 6.45
N PRO G 63 -5.71 21.36 7.65
CA PRO G 63 -5.87 20.57 8.87
C PRO G 63 -7.34 20.28 9.11
N ARG G 64 -7.65 19.01 9.40
CA ARG G 64 -8.97 18.57 9.85
C ARG G 64 -8.73 17.68 11.08
N ILE G 65 -8.31 18.30 12.18
CA ILE G 65 -7.79 17.57 13.32
C ILE G 65 -8.92 17.31 14.32
N GLY G 66 -9.27 16.03 14.51
CA GLY G 66 -10.31 15.66 15.46
C GLY G 66 -9.95 16.05 16.89
N THR G 67 -11.01 16.22 17.69
CA THR G 67 -10.84 16.65 19.08
C THR G 67 -9.90 15.74 19.85
N ALA G 68 -10.10 14.43 19.74
CA ALA G 68 -9.32 13.46 20.52
C ALA G 68 -7.83 13.57 20.25
N ILE G 69 -7.43 14.12 19.10
CA ILE G 69 -6.01 14.16 18.74
C ILE G 69 -5.50 15.60 18.63
N THR G 70 -6.19 16.56 19.25
CA THR G 70 -5.84 17.97 19.06
C THR G 70 -4.36 18.23 19.31
N PHE G 71 -3.81 17.71 20.41
CA PHE G 71 -2.43 18.09 20.74
C PHE G 71 -1.42 17.46 19.78
N TYR G 72 -1.61 16.22 19.35
CA TYR G 72 -0.59 15.71 18.41
C TYR G 72 -0.82 16.28 17.01
N GLY G 73 -2.07 16.33 16.55
CA GLY G 73 -2.34 16.92 15.24
C GLY G 73 -1.78 18.32 15.09
N THR G 74 -2.03 19.19 16.07
CA THR G 74 -1.53 20.56 15.94
C THR G 74 -0.01 20.59 15.95
N ALA G 75 0.64 19.69 16.73
CA ALA G 75 2.10 19.61 16.64
C ALA G 75 2.53 19.26 15.23
N ALA G 76 1.89 18.25 14.63
CA ALA G 76 2.20 17.95 13.24
C ALA G 76 1.96 19.16 12.37
N LEU G 77 0.80 19.81 12.54
CA LEU G 77 0.50 20.97 11.71
C LEU G 77 1.57 22.05 11.89
N ARG G 78 1.96 22.28 13.15
CA ARG G 78 2.94 23.33 13.43
C ARG G 78 4.26 23.03 12.72
N GLN G 79 4.61 21.76 12.64
CA GLN G 79 5.84 21.42 11.96
C GLN G 79 5.74 21.76 10.48
N PHE G 80 4.58 21.44 9.86
CA PHE G 80 4.38 21.86 8.47
C PHE G 80 4.51 23.38 8.35
N GLU G 81 3.97 24.11 9.33
CA GLU G 81 4.06 25.57 9.27
C GLU G 81 5.51 26.02 9.35
N MET G 82 6.29 25.37 10.21
CA MET G 82 7.67 25.78 10.34
C MET G 82 8.44 25.45 9.09
N LEU G 83 8.01 24.40 8.37
CA LEU G 83 8.62 24.12 7.07
C LEU G 83 8.19 25.11 5.99
N GLY G 84 7.28 26.04 6.25
CA GLY G 84 6.87 27.01 5.26
C GLY G 84 5.54 26.76 4.56
N SER G 85 4.82 25.71 4.93
CA SER G 85 3.49 25.45 4.37
C SER G 85 2.45 26.47 4.84
N TYR G 86 1.56 26.83 3.94
CA TYR G 86 0.44 27.71 4.31
C TYR G 86 -0.65 26.88 4.99
N PRO G 87 -1.03 27.21 6.23
CA PRO G 87 -2.09 26.44 6.90
C PRO G 87 -3.48 27.04 6.69
N LEU G 88 -4.44 26.22 6.30
CA LEU G 88 -5.84 26.65 6.22
C LEU G 88 -6.43 26.48 7.62
N ASN G 89 -6.16 27.50 8.46
CA ASN G 89 -6.27 27.54 9.92
C ASN G 89 -4.92 27.21 10.53
N GLU G 90 -4.33 28.18 11.22
CA GLU G 90 -3.07 28.00 11.93
C GLU G 90 -3.24 27.15 13.18
N SER G 91 -2.15 26.45 13.54
CA SER G 91 -2.17 25.55 14.68
C SER G 91 -2.51 26.27 15.98
N VAL G 92 -2.05 27.51 16.14
CA VAL G 92 -2.34 28.27 17.36
C VAL G 92 -3.84 28.49 17.50
N ALA G 93 -4.49 28.86 16.39
CA ALA G 93 -5.93 29.11 16.40
C ALA G 93 -6.72 27.84 16.65
N ILE G 94 -6.32 26.72 16.03
CA ILE G 94 -6.99 25.45 16.27
C ILE G 94 -6.88 25.05 17.74
N ALA G 95 -5.68 25.17 18.31
CA ALA G 95 -5.47 24.82 19.72
C ALA G 95 -6.31 25.69 20.64
N ARG G 96 -6.38 27.00 20.39
CA ARG G 96 -7.26 27.82 21.22
C ARG G 96 -8.74 27.43 21.05
N ALA G 97 -9.16 27.15 19.80
CA ALA G 97 -10.57 26.88 19.53
C ALA G 97 -11.03 25.59 20.19
N ARG G 98 -10.11 24.64 20.41
CA ARG G 98 -10.45 23.43 21.14
C ARG G 98 -10.82 23.74 22.59
N ASP G 99 -10.30 24.84 23.15
CA ASP G 99 -10.61 25.26 24.51
C ASP G 99 -11.89 26.10 24.49
N LYS G 100 -13.03 25.46 24.74
CA LYS G 100 -14.32 26.17 24.61
C LYS G 100 -14.44 27.33 25.59
N LEU G 101 -13.94 27.18 26.82
CA LEU G 101 -14.03 28.26 27.80
C LEU G 101 -13.21 29.46 27.35
N ARG G 102 -11.95 29.22 26.97
CA ARG G 102 -11.09 30.29 26.50
C ARG G 102 -11.70 31.00 25.29
N SER G 103 -12.26 30.24 24.37
CA SER G 103 -12.83 30.84 23.16
C SER G 103 -14.03 31.72 23.49
N MET G 104 -14.94 31.22 24.34
CA MET G 104 -16.08 32.06 24.73
C MET G 104 -15.62 33.30 25.47
N GLN G 105 -14.57 33.18 26.30
CA GLN G 105 -14.06 34.37 27.02
C GLN G 105 -13.49 35.38 26.03
N LEU G 106 -12.77 34.91 25.01
CA LEU G 106 -12.24 35.79 23.98
C LEU G 106 -13.37 36.47 23.20
N LEU G 107 -14.33 35.67 22.71
CA LEU G 107 -15.45 36.27 21.98
C LEU G 107 -16.12 37.35 22.81
N ALA G 108 -16.45 37.04 24.07
CA ALA G 108 -17.08 38.03 24.95
C ALA G 108 -16.20 39.26 25.13
N ARG G 109 -14.92 39.05 25.39
CA ARG G 109 -14.01 40.17 25.61
C ARG G 109 -13.94 41.08 24.40
N GLN G 110 -14.17 40.53 23.20
CA GLN G 110 -14.08 41.30 21.98
C GLN G 110 -15.43 41.80 21.53
N GLY G 111 -16.45 41.74 22.38
CA GLY G 111 -17.73 42.34 22.08
C GLY G 111 -18.67 41.54 21.20
N ILE G 112 -18.37 40.27 20.93
CA ILE G 112 -19.32 39.40 20.24
C ILE G 112 -20.39 38.96 21.24
N ASP G 113 -21.65 39.16 20.89
CA ASP G 113 -22.75 38.87 21.80
C ASP G 113 -22.94 37.36 21.92
N LEU G 114 -23.05 36.88 23.15
CA LEU G 114 -23.26 35.49 23.50
C LEU G 114 -24.41 35.44 24.48
N PRO G 115 -25.05 34.29 24.66
CA PRO G 115 -26.00 34.18 25.77
C PRO G 115 -25.26 34.41 27.08
N VAL G 116 -25.96 35.01 28.05
CA VAL G 116 -25.41 35.10 29.39
C VAL G 116 -24.98 33.71 29.83
N THR G 117 -23.73 33.57 30.27
CA THR G 117 -23.12 32.26 30.45
C THR G 117 -22.27 32.28 31.71
N GLY G 118 -22.63 31.44 32.67
CA GLY G 118 -21.77 31.16 33.81
C GLY G 118 -21.03 29.85 33.62
N ILE G 119 -19.87 29.75 34.21
CA ILE G 119 -19.09 28.52 34.17
C ILE G 119 -18.85 28.04 35.59
N ALA G 120 -18.73 26.74 35.74
CA ALA G 120 -18.49 26.18 37.06
C ALA G 120 -17.81 24.84 36.90
N HIS G 121 -17.16 24.39 37.97
CA HIS G 121 -16.65 23.03 38.00
C HIS G 121 -17.16 22.33 39.26
N SER G 122 -16.75 22.83 40.43
CA SER G 122 -17.19 22.30 41.73
C SER G 122 -17.77 23.45 42.52
N PRO G 123 -18.89 24.00 42.09
CA PRO G 123 -19.49 25.11 42.84
C PRO G 123 -20.05 24.58 44.15
N ASP G 124 -19.86 25.38 45.20
CA ASP G 124 -20.29 25.04 46.56
C ASP G 124 -21.62 25.69 46.92
N ASP G 125 -22.20 26.50 46.02
CA ASP G 125 -23.47 27.17 46.24
C ASP G 125 -24.24 27.14 44.92
N THR G 126 -25.04 26.09 44.75
CA THR G 126 -25.87 25.94 43.55
C THR G 126 -26.84 27.09 43.38
N SER G 127 -27.49 27.53 44.46
CA SER G 127 -28.42 28.65 44.34
C SER G 127 -27.71 29.90 43.88
N ASP G 128 -26.54 30.17 44.43
CA ASP G 128 -25.82 31.38 44.04
C ASP G 128 -25.42 31.32 42.58
N LEU G 129 -24.96 30.17 42.10
CA LEU G 129 -24.66 30.02 40.68
C LEU G 129 -25.88 30.28 39.81
N ILE G 130 -27.05 29.72 40.18
CA ILE G 130 -28.27 29.90 39.42
C ILE G 130 -28.66 31.39 39.38
N ASP G 131 -28.59 32.08 40.51
CA ASP G 131 -28.92 33.50 40.53
C ASP G 131 -27.90 34.31 39.74
N MET G 132 -26.60 33.99 39.91
CA MET G 132 -25.54 34.66 39.18
C MET G 132 -25.80 34.65 37.68
N VAL G 133 -26.24 33.52 37.13
CA VAL G 133 -26.55 33.56 35.70
C VAL G 133 -27.83 34.34 35.42
N GLY G 134 -28.81 34.31 36.33
CA GLY G 134 -30.00 35.11 36.15
C GLY G 134 -31.30 34.38 36.47
N GLY G 135 -31.19 33.14 36.92
CA GLY G 135 -32.36 32.38 37.29
C GLY G 135 -32.90 31.53 36.16
N ALA G 136 -33.75 30.58 36.54
CA ALA G 136 -34.44 29.71 35.61
C ALA G 136 -35.33 30.53 34.68
N PRO G 137 -35.62 30.02 33.47
CA PRO G 137 -35.11 28.77 32.88
C PRO G 137 -33.66 28.86 32.43
N LEU G 138 -32.94 27.76 32.60
CA LEU G 138 -31.52 27.72 32.27
C LEU G 138 -31.23 26.48 31.44
N VAL G 139 -30.19 26.56 30.61
CA VAL G 139 -29.62 25.40 29.95
C VAL G 139 -28.33 25.06 30.67
N VAL G 140 -28.18 23.82 31.09
CA VAL G 140 -26.97 23.32 31.72
C VAL G 140 -26.31 22.37 30.75
N LYS G 141 -25.02 22.56 30.49
CA LYS G 141 -24.32 21.76 29.51
C LYS G 141 -22.94 21.37 30.00
N LEU G 142 -22.54 20.13 29.74
CA LEU G 142 -21.14 19.76 29.95
C LEU G 142 -20.26 20.46 28.93
N VAL G 143 -19.17 21.09 29.38
CA VAL G 143 -18.34 21.86 28.46
C VAL G 143 -17.77 20.96 27.37
N GLU G 144 -17.36 19.74 27.74
CA GLU G 144 -16.71 18.83 26.80
C GLU G 144 -17.69 17.89 26.11
N GLY G 145 -18.97 18.13 26.23
CA GLY G 145 -19.92 17.25 25.60
C GLY G 145 -20.13 17.56 24.14
N THR G 146 -20.58 16.54 23.40
CA THR G 146 -20.92 16.66 22.00
C THR G 146 -22.29 16.05 21.73
N GLN G 147 -22.80 16.37 20.55
CA GLN G 147 -24.02 15.79 19.98
C GLN G 147 -25.24 16.02 20.85
N GLY G 148 -25.22 17.05 21.68
CA GLY G 148 -26.36 17.32 22.55
C GLY G 148 -26.43 16.47 23.80
N ILE G 149 -25.50 15.53 23.96
CA ILE G 149 -25.47 14.70 25.16
C ILE G 149 -24.94 15.52 26.33
N GLY G 150 -25.70 15.54 27.42
CA GLY G 150 -25.34 16.36 28.56
C GLY G 150 -25.75 17.79 28.41
N VAL G 151 -26.71 18.07 27.54
CA VAL G 151 -27.25 19.42 27.34
C VAL G 151 -28.72 19.38 27.73
N VAL G 152 -29.10 20.08 28.78
CA VAL G 152 -30.43 19.90 29.33
C VAL G 152 -31.06 21.24 29.67
N LEU G 153 -32.37 21.32 29.49
CA LEU G 153 -33.14 22.51 29.82
C LEU G 153 -33.78 22.30 31.19
N ALA G 154 -33.43 23.16 32.13
CA ALA G 154 -34.04 23.18 33.43
C ALA G 154 -34.98 24.37 33.41
N GLU G 155 -36.27 24.10 33.37
CA GLU G 155 -37.26 25.17 33.22
C GLU G 155 -37.54 25.89 34.53
N THR G 156 -37.29 25.26 35.67
CA THR G 156 -37.61 25.82 36.97
C THR G 156 -36.36 25.85 37.84
N ARG G 157 -36.43 26.67 38.88
CA ARG G 157 -35.33 26.73 39.84
C ARG G 157 -35.00 25.35 40.40
N GLN G 158 -36.02 24.54 40.67
CA GLN G 158 -35.77 23.25 41.29
C GLN G 158 -35.09 22.31 40.31
N ALA G 159 -35.54 22.31 39.05
CA ALA G 159 -34.90 21.49 38.04
C ALA G 159 -33.45 21.90 37.86
N ALA G 160 -33.19 23.21 37.80
CA ALA G 160 -31.82 23.71 37.73
C ALA G 160 -31.00 23.22 38.90
N GLU G 161 -31.53 23.33 40.12
CA GLU G 161 -30.79 22.89 41.31
C GLU G 161 -30.45 21.40 41.24
N SER G 162 -31.44 20.56 40.94
CA SER G 162 -31.20 19.13 40.89
C SER G 162 -30.19 18.76 39.80
N VAL G 163 -30.31 19.38 38.61
CA VAL G 163 -29.41 19.09 37.51
C VAL G 163 -27.98 19.48 37.86
N ILE G 164 -27.81 20.70 38.41
CA ILE G 164 -26.47 21.16 38.75
C ILE G 164 -25.86 20.29 39.84
N ASP G 165 -26.65 19.93 40.85
CA ASP G 165 -26.14 19.06 41.89
C ASP G 165 -25.73 17.71 41.31
N ALA G 166 -26.51 17.17 40.38
CA ALA G 166 -26.20 15.86 39.81
C ALA G 166 -24.94 15.91 38.96
N PHE G 167 -24.73 17.00 38.22
CA PHE G 167 -23.53 17.17 37.42
C PHE G 167 -22.29 17.38 38.27
N ARG G 168 -22.44 17.85 39.52
CA ARG G 168 -21.27 18.09 40.38
C ARG G 168 -20.40 16.85 40.53
N GLY G 169 -21.01 15.69 40.82
CA GLY G 169 -20.21 14.48 40.96
C GLY G 169 -19.55 13.96 39.69
N LEU G 170 -19.70 14.64 38.56
CA LEU G 170 -19.02 14.21 37.33
C LEU G 170 -17.59 14.72 37.25
N ASN G 171 -17.20 15.65 38.12
CA ASN G 171 -15.84 16.21 38.12
C ASN G 171 -15.50 16.82 36.77
N ALA G 172 -16.39 17.69 36.29
CA ALA G 172 -16.26 18.19 34.92
C ALA G 172 -16.73 19.64 34.87
N HIS G 173 -16.21 20.37 33.88
CA HIS G 173 -16.63 21.76 33.71
C HIS G 173 -18.02 21.82 33.11
N ILE G 174 -18.84 22.74 33.61
CA ILE G 174 -20.18 22.96 33.09
C ILE G 174 -20.39 24.42 32.75
N LEU G 175 -21.30 24.63 31.79
CA LEU G 175 -21.93 25.91 31.47
C LEU G 175 -23.33 25.92 32.06
N VAL G 176 -23.69 27.05 32.65
CA VAL G 176 -25.05 27.37 33.05
C VAL G 176 -25.45 28.63 32.28
N GLN G 177 -26.45 28.52 31.42
CA GLN G 177 -26.59 29.47 30.33
C GLN G 177 -28.02 29.94 30.19
N GLU G 178 -28.16 31.23 29.90
CA GLU G 178 -29.44 31.79 29.50
C GLU G 178 -30.08 30.95 28.38
N TYR G 179 -31.34 30.59 28.59
CA TYR G 179 -32.09 29.80 27.63
C TYR G 179 -32.72 30.74 26.61
N ILE G 180 -32.39 30.54 25.33
CA ILE G 180 -32.93 31.38 24.26
C ILE G 180 -34.20 30.68 23.76
N LYS G 181 -35.29 30.94 24.46
CA LYS G 181 -36.52 30.21 24.18
C LYS G 181 -37.12 30.68 22.85
N GLU G 182 -36.99 31.98 22.53
CA GLU G 182 -37.55 32.51 21.29
C GLU G 182 -36.85 31.98 20.05
N ALA G 183 -35.71 31.29 20.19
CA ALA G 183 -35.14 30.58 19.04
C ALA G 183 -36.01 29.42 18.60
N GLN G 184 -36.90 28.94 19.47
CA GLN G 184 -37.81 27.84 19.15
C GLN G 184 -37.06 26.64 18.60
N GLY G 185 -35.94 26.30 19.25
CA GLY G 185 -35.18 25.13 18.87
C GLY G 185 -34.46 25.20 17.55
N CYS G 186 -34.36 26.38 16.93
CA CYS G 186 -33.56 26.57 15.74
C CYS G 186 -32.23 27.20 16.08
N ASP G 187 -31.18 26.74 15.41
CA ASP G 187 -29.97 27.51 15.33
C ASP G 187 -29.60 27.67 13.86
N ILE G 188 -28.77 28.67 13.58
CA ILE G 188 -28.26 28.94 12.25
C ILE G 188 -26.78 28.56 12.25
N ARG G 189 -26.41 27.60 11.42
CA ARG G 189 -25.01 27.23 11.24
C ARG G 189 -24.49 27.91 9.98
N CYS G 190 -23.54 28.81 10.16
CA CYS G 190 -22.87 29.53 9.09
C CYS G 190 -21.51 28.88 8.86
N LEU G 191 -21.06 28.83 7.61
CA LEU G 191 -19.70 28.38 7.35
C LEU G 191 -18.92 29.55 6.76
N VAL G 192 -17.92 30.02 7.50
CA VAL G 192 -17.06 31.13 7.11
C VAL G 192 -15.84 30.59 6.41
N VAL G 193 -15.56 31.14 5.23
CA VAL G 193 -14.29 30.93 4.58
C VAL G 193 -13.67 32.30 4.39
N GLY G 194 -12.56 32.53 5.06
CA GLY G 194 -11.90 33.81 4.96
C GLY G 194 -12.82 34.90 5.42
N ASP G 195 -13.10 35.86 4.54
CA ASP G 195 -13.86 37.02 4.97
C ASP G 195 -15.32 36.97 4.53
N GLU G 196 -15.87 35.78 4.27
CA GLU G 196 -17.30 35.70 3.93
C GLU G 196 -17.96 34.48 4.57
N VAL G 197 -19.27 34.55 4.74
CA VAL G 197 -20.06 33.35 4.94
C VAL G 197 -20.34 32.77 3.57
N VAL G 198 -19.89 31.54 3.32
CA VAL G 198 -20.17 30.92 2.03
C VAL G 198 -21.44 30.09 2.02
N ALA G 199 -21.96 29.72 3.19
CA ALA G 199 -23.15 28.89 3.22
C ALA G 199 -23.72 28.95 4.63
N ALA G 200 -25.03 28.82 4.73
CA ALA G 200 -25.71 28.78 6.01
C ALA G 200 -26.93 27.86 5.94
N ILE G 201 -27.14 27.08 7.00
CA ILE G 201 -28.31 26.23 7.14
C ILE G 201 -28.97 26.52 8.49
N GLU G 202 -30.25 26.21 8.54
CA GLU G 202 -31.03 26.27 9.76
C GLU G 202 -31.24 24.84 10.23
N ARG G 203 -31.01 24.59 11.51
CA ARG G 203 -31.26 23.29 12.11
C ARG G 203 -32.37 23.44 13.15
N ARG G 204 -33.40 22.60 13.01
CA ARG G 204 -34.58 22.57 13.88
C ARG G 204 -34.60 21.29 14.70
N ALA G 205 -34.68 21.45 16.01
CA ALA G 205 -34.90 20.33 16.91
C ALA G 205 -36.22 19.61 16.59
N LYS G 206 -36.24 18.30 16.83
CA LYS G 206 -37.46 17.52 16.75
C LYS G 206 -38.47 18.04 17.76
N GLU G 207 -39.74 17.70 17.52
CA GLU G 207 -40.83 18.12 18.40
C GLU G 207 -40.56 17.68 19.84
N GLY G 208 -40.92 18.54 20.78
CA GLY G 208 -40.69 18.24 22.18
C GLY G 208 -39.24 18.34 22.63
N ASP G 209 -38.32 18.78 21.77
CA ASP G 209 -36.92 18.94 22.14
C ASP G 209 -36.50 20.38 21.83
N PHE G 210 -35.39 20.80 22.40
CA PHE G 210 -34.86 22.13 22.12
C PHE G 210 -33.52 22.07 21.41
N ARG G 211 -32.94 20.88 21.22
CA ARG G 211 -31.57 20.74 20.76
C ARG G 211 -31.55 20.45 19.27
N SER G 212 -30.88 21.29 18.51
CA SER G 212 -30.90 21.14 17.06
C SER G 212 -29.91 20.10 16.54
N ASN G 213 -29.23 19.34 17.40
CA ASN G 213 -28.20 18.43 16.91
C ASN G 213 -28.77 17.40 15.96
N LEU G 214 -27.97 17.04 14.95
CA LEU G 214 -28.37 16.01 13.99
C LEU G 214 -28.68 14.71 14.70
N HIS G 215 -27.77 14.26 15.55
CA HIS G 215 -27.94 13.01 16.27
C HIS G 215 -29.09 13.05 17.27
N ARG G 216 -29.60 14.23 17.61
CA ARG G 216 -30.78 14.33 18.45
C ARG G 216 -32.05 14.53 17.64
N GLY G 217 -32.01 14.20 16.35
CA GLY G 217 -33.19 14.28 15.51
C GLY G 217 -33.48 15.66 14.94
N GLY G 218 -32.46 16.49 14.78
CA GLY G 218 -32.63 17.80 14.15
C GLY G 218 -32.62 17.73 12.63
N ALA G 219 -33.41 18.59 12.01
CA ALA G 219 -33.56 18.65 10.56
C ALA G 219 -32.91 19.93 10.04
N ALA G 220 -32.12 19.80 8.99
CA ALA G 220 -31.50 20.93 8.31
C ALA G 220 -32.38 21.42 7.17
N SER G 221 -32.33 22.73 6.94
CA SER G 221 -32.94 23.35 5.77
C SER G 221 -32.12 24.58 5.42
N VAL G 222 -32.39 25.18 4.25
CA VAL G 222 -31.61 26.36 3.87
C VAL G 222 -32.02 27.55 4.73
N ALA G 223 -31.04 28.33 5.15
CA ALA G 223 -31.35 29.48 5.99
C ALA G 223 -31.31 30.78 5.20
N SER G 224 -32.13 31.74 5.65
CA SER G 224 -32.02 33.13 5.22
C SER G 224 -31.29 33.89 6.31
N ILE G 225 -30.01 34.17 6.11
CA ILE G 225 -29.27 34.90 7.14
C ILE G 225 -29.31 36.38 6.84
N THR G 226 -29.42 37.16 7.91
CA THR G 226 -29.44 38.61 7.85
C THR G 226 -28.04 39.17 7.71
N PRO G 227 -27.91 40.43 7.28
CA PRO G 227 -26.57 41.02 7.20
C PRO G 227 -25.87 41.04 8.55
N GLN G 228 -26.63 41.22 9.63
CA GLN G 228 -26.03 41.26 10.96
C GLN G 228 -25.47 39.90 11.34
N GLU G 229 -26.19 38.82 10.98
CA GLU G 229 -25.72 37.46 11.25
C GLU G 229 -24.49 37.14 10.43
N ARG G 230 -24.49 37.51 9.15
CA ARG G 230 -23.31 37.39 8.30
C ARG G 230 -22.12 38.07 8.94
N GLU G 231 -22.33 39.27 9.44
CA GLU G 231 -21.22 40.07 9.92
C GLU G 231 -20.68 39.49 11.22
N ILE G 232 -21.57 39.03 12.09
CA ILE G 232 -21.11 38.46 13.36
C ILE G 232 -20.38 37.14 13.12
N ALA G 233 -20.85 36.33 12.15
CA ALA G 233 -20.16 35.08 11.87
C ALA G 233 -18.74 35.35 11.36
N ILE G 234 -18.61 36.27 10.40
CA ILE G 234 -17.29 36.61 9.88
C ILE G 234 -16.41 37.17 10.99
N LYS G 235 -16.98 37.98 11.89
CA LYS G 235 -16.19 38.58 12.96
C LYS G 235 -15.80 37.55 14.01
N ALA G 236 -16.65 36.57 14.28
CA ALA G 236 -16.31 35.54 15.25
C ALA G 236 -15.12 34.73 14.75
N ALA G 237 -15.18 34.29 13.48
CA ALA G 237 -14.04 33.61 12.88
C ALA G 237 -12.78 34.46 12.96
N ARG G 238 -12.89 35.73 12.58
CA ARG G 238 -11.71 36.59 12.59
C ARG G 238 -11.15 36.76 14.00
N THR G 239 -12.04 36.96 14.98
CA THR G 239 -11.61 37.14 16.36
C THR G 239 -10.86 35.91 16.84
N MET G 240 -11.32 34.74 16.44
CA MET G 240 -10.58 33.54 16.80
C MET G 240 -9.45 33.21 15.83
N ALA G 241 -9.21 34.09 14.86
CA ALA G 241 -8.09 33.94 13.91
C ALA G 241 -8.19 32.63 13.13
N LEU G 242 -9.41 32.27 12.73
CA LEU G 242 -9.64 31.07 11.94
C LEU G 242 -10.00 31.48 10.51
N ASP G 243 -9.34 30.87 9.53
CA ASP G 243 -9.67 31.12 8.14
C ASP G 243 -10.89 30.33 7.69
N VAL G 244 -11.16 29.20 8.33
CA VAL G 244 -12.34 28.41 8.02
C VAL G 244 -13.00 28.05 9.34
N ALA G 245 -14.29 28.33 9.46
CA ALA G 245 -14.92 28.07 10.75
C ALA G 245 -16.41 27.83 10.54
N GLY G 246 -16.98 26.90 11.28
CA GLY G 246 -18.41 26.84 11.44
C GLY G 246 -18.78 27.72 12.62
N VAL G 247 -19.79 28.55 12.45
CA VAL G 247 -20.24 29.45 13.50
C VAL G 247 -21.75 29.21 13.70
N ASP G 248 -22.14 28.78 14.90
CA ASP G 248 -23.57 28.58 15.21
C ASP G 248 -24.12 29.78 15.96
N ILE G 249 -25.33 30.18 15.58
CA ILE G 249 -25.99 31.38 16.08
C ILE G 249 -27.41 31.04 16.53
N LEU G 250 -27.80 31.60 17.67
CA LEU G 250 -29.17 31.53 18.15
C LEU G 250 -29.80 32.90 17.97
N ARG G 251 -31.02 32.92 17.47
CA ARG G 251 -31.72 34.18 17.24
C ARG G 251 -32.51 34.56 18.49
N ALA G 252 -31.94 35.46 19.30
CA ALA G 252 -32.61 35.97 20.49
C ALA G 252 -33.30 37.29 20.16
N ASN G 253 -34.14 37.75 21.10
CA ASN G 253 -34.84 39.02 20.94
C ASN G 253 -33.87 40.17 20.66
N ARG G 254 -32.84 40.28 21.50
CA ARG G 254 -31.86 41.34 21.36
C ARG G 254 -30.95 41.20 20.14
N GLY G 255 -31.09 40.16 19.34
CA GLY G 255 -30.23 39.98 18.20
C GLY G 255 -29.54 38.63 18.19
N PRO G 256 -28.63 38.43 17.23
CA PRO G 256 -27.99 37.13 17.10
C PRO G 256 -26.91 36.93 18.15
N LEU G 257 -26.88 35.73 18.73
CA LEU G 257 -25.90 35.31 19.72
C LEU G 257 -25.05 34.16 19.17
N VAL G 258 -23.74 34.28 19.29
CA VAL G 258 -22.85 33.18 18.89
C VAL G 258 -22.85 32.12 19.97
N MET G 259 -23.06 30.87 19.58
CA MET G 259 -23.03 29.85 20.59
C MET G 259 -21.93 28.83 20.39
N GLU G 260 -21.25 28.80 19.24
CA GLU G 260 -20.15 27.86 19.03
C GLU G 260 -19.36 28.26 17.80
N VAL G 261 -18.05 28.07 17.88
CA VAL G 261 -17.17 28.20 16.71
C VAL G 261 -16.37 26.92 16.61
N ASN G 262 -16.35 26.33 15.42
CA ASN G 262 -15.78 25.03 15.15
C ASN G 262 -14.73 25.22 14.07
N ALA G 263 -13.48 24.89 14.38
CA ALA G 263 -12.40 25.07 13.41
C ALA G 263 -12.46 24.04 12.28
N SER G 264 -13.22 22.97 12.43
CA SER G 264 -13.25 21.88 11.45
C SER G 264 -14.69 21.51 11.13
N PRO G 265 -15.45 22.44 10.56
CA PRO G 265 -16.89 22.17 10.32
C PRO G 265 -17.07 21.07 9.29
N GLY G 266 -18.05 20.19 9.55
CA GLY G 266 -18.42 19.19 8.57
C GLY G 266 -18.97 19.82 7.30
N LEU G 267 -18.71 19.17 6.17
CA LEU G 267 -19.19 19.71 4.90
C LEU G 267 -20.43 19.02 4.38
N GLU G 268 -20.73 17.80 4.84
CA GLU G 268 -21.73 16.99 4.14
C GLU G 268 -23.12 17.60 4.24
N GLY G 269 -23.62 17.80 5.46
CA GLY G 269 -24.96 18.33 5.60
C GLY G 269 -25.13 19.66 4.89
N ILE G 270 -24.18 20.57 5.11
CA ILE G 270 -24.36 21.91 4.59
C ILE G 270 -24.23 21.93 3.07
N GLU G 271 -23.29 21.16 2.49
CA GLU G 271 -23.21 21.15 1.02
C GLU G 271 -24.45 20.52 0.40
N LYS G 272 -24.92 19.41 0.98
CA LYS G 272 -26.07 18.74 0.39
C LYS G 272 -27.34 19.56 0.54
N THR G 273 -27.50 20.25 1.68
CA THR G 273 -28.67 21.09 1.88
C THR G 273 -28.66 22.32 0.98
N THR G 274 -27.50 22.95 0.76
CA THR G 274 -27.44 24.22 0.03
C THR G 274 -27.09 24.06 -1.43
N GLY G 275 -26.38 23.00 -1.82
CA GLY G 275 -25.85 22.88 -3.17
C GLY G 275 -24.68 23.80 -3.45
N ILE G 276 -24.10 24.37 -2.41
CA ILE G 276 -22.96 25.27 -2.55
C ILE G 276 -21.68 24.43 -2.53
N ASP G 277 -20.72 24.83 -3.38
CA ASP G 277 -19.44 24.13 -3.47
C ASP G 277 -18.50 24.72 -2.43
N ILE G 278 -18.56 24.16 -1.22
CA ILE G 278 -17.80 24.74 -0.12
C ILE G 278 -16.34 24.31 -0.17
N ALA G 279 -16.08 23.02 -0.41
CA ALA G 279 -14.69 22.58 -0.55
C ALA G 279 -13.95 23.40 -1.60
N GLY G 280 -14.62 23.68 -2.73
CA GLY G 280 -14.03 24.56 -3.73
C GLY G 280 -13.71 25.93 -3.17
N LYS G 281 -14.56 26.47 -2.31
CA LYS G 281 -14.24 27.79 -1.76
C LYS G 281 -13.05 27.72 -0.83
N MET G 282 -12.87 26.60 -0.12
CA MET G 282 -11.66 26.47 0.71
C MET G 282 -10.40 26.40 -0.15
N ILE G 283 -10.47 25.64 -1.25
CA ILE G 283 -9.32 25.56 -2.15
C ILE G 283 -8.99 26.92 -2.73
N ARG G 284 -10.03 27.66 -3.12
CA ARG G 284 -9.85 29.00 -3.70
C ARG G 284 -9.18 29.93 -2.71
N TRP G 285 -9.57 29.86 -1.42
CA TRP G 285 -8.89 30.67 -0.42
C TRP G 285 -7.42 30.31 -0.33
N ILE G 286 -7.11 29.01 -0.41
CA ILE G 286 -5.71 28.60 -0.45
C ILE G 286 -4.99 29.21 -1.66
N GLU G 287 -5.62 29.13 -2.84
CA GLU G 287 -5.01 29.69 -4.04
C GLU G 287 -4.69 31.16 -3.84
N ARG G 288 -5.58 31.87 -3.14
CA ARG G 288 -5.38 33.29 -2.94
C ARG G 288 -4.34 33.60 -1.88
N HIS G 289 -4.10 32.71 -0.91
CA HIS G 289 -3.23 33.14 0.18
C HIS G 289 -1.94 32.35 0.37
N ALA G 290 -1.81 31.17 -0.24
CA ALA G 290 -0.58 30.40 -0.14
C ALA G 290 0.37 30.85 -1.23
N THR G 291 1.57 31.26 -0.85
CA THR G 291 2.53 31.74 -1.82
C THR G 291 3.50 30.62 -2.21
N THR G 292 3.94 30.66 -3.47
CA THR G 292 5.11 29.91 -3.91
C THR G 292 5.96 30.82 -4.84
N MET H 1 -0.91 45.28 49.31
CA MET H 1 -1.54 44.73 48.13
C MET H 1 -2.30 43.45 48.48
N LYS H 2 -3.38 43.15 47.74
CA LYS H 2 -4.17 41.94 47.97
C LYS H 2 -3.88 40.88 46.90
N ILE H 3 -3.56 39.66 47.33
CA ILE H 3 -2.98 38.64 46.47
C ILE H 3 -3.76 37.33 46.64
N ALA H 4 -4.22 36.80 45.52
CA ALA H 4 -4.86 35.50 45.46
C ALA H 4 -3.81 34.49 45.01
N ILE H 5 -3.71 33.39 45.75
CA ILE H 5 -2.93 32.23 45.36
C ILE H 5 -3.93 31.22 44.80
N LEU H 6 -3.84 30.95 43.50
CA LEU H 6 -4.80 30.08 42.81
C LEU H 6 -4.24 28.66 42.81
N SER H 7 -4.80 27.79 43.64
CA SER H 7 -4.22 26.46 43.74
C SER H 7 -5.19 25.54 44.47
N ARG H 8 -5.17 24.27 44.08
CA ARG H 8 -5.89 23.24 44.81
C ARG H 8 -5.13 22.77 46.05
N ASP H 9 -3.85 23.12 46.19
CA ASP H 9 -3.01 22.61 47.28
C ASP H 9 -2.65 23.68 48.31
N GLY H 10 -3.64 24.31 48.93
CA GLY H 10 -3.36 25.36 49.89
C GLY H 10 -2.50 24.93 51.07
N THR H 11 -2.53 23.64 51.40
CA THR H 11 -1.82 23.11 52.57
C THR H 11 -0.43 22.59 52.25
N LEU H 12 0.03 22.72 51.01
CA LEU H 12 1.34 22.24 50.64
C LEU H 12 2.39 23.35 50.77
N TYR H 13 3.65 22.92 50.80
CA TYR H 13 4.76 23.79 51.19
C TYR H 13 4.81 25.05 50.33
N SER H 14 4.69 24.89 49.01
CA SER H 14 4.88 26.03 48.12
C SER H 14 3.83 27.10 48.34
N CYS H 15 2.56 26.70 48.49
CA CYS H 15 1.51 27.68 48.74
C CYS H 15 1.63 28.30 50.13
N LYS H 16 1.92 27.49 51.16
CA LYS H 16 2.14 28.06 52.49
C LYS H 16 3.26 29.10 52.45
N ARG H 17 4.38 28.76 51.82
CA ARG H 17 5.52 29.66 51.77
C ARG H 17 5.19 30.92 51.00
N LEU H 18 4.41 30.80 49.92
CA LEU H 18 4.02 31.98 49.17
C LEU H 18 3.12 32.88 50.01
N ARG H 19 2.16 32.30 50.73
CA ARG H 19 1.33 33.07 51.64
C ARG H 19 2.16 33.72 52.75
N GLU H 20 3.13 32.98 53.29
CA GLU H 20 3.93 33.47 54.40
C GLU H 20 4.84 34.61 53.96
N ALA H 21 5.50 34.45 52.82
CA ALA H 21 6.34 35.52 52.29
C ALA H 21 5.51 36.74 51.91
N ALA H 22 4.29 36.53 51.41
CA ALA H 22 3.42 37.65 51.12
C ALA H 22 3.05 38.42 52.38
N ILE H 23 2.71 37.68 53.46
CA ILE H 23 2.33 38.34 54.71
C ILE H 23 3.51 39.10 55.30
N GLN H 24 4.69 38.45 55.34
CA GLN H 24 5.88 39.10 55.88
C GLN H 24 6.11 40.48 55.29
N ARG H 25 5.66 40.69 54.05
CA ARG H 25 5.82 41.97 53.40
C ARG H 25 4.54 42.79 53.42
N GLY H 26 3.60 42.41 54.28
CA GLY H 26 2.43 43.24 54.53
C GLY H 26 1.34 43.16 53.49
N HIS H 27 1.23 42.03 52.80
CA HIS H 27 0.18 41.85 51.81
C HIS H 27 -0.96 41.02 52.40
N LEU H 28 -2.16 41.25 51.90
CA LEU H 28 -3.28 40.39 52.25
C LEU H 28 -3.37 39.24 51.24
N VAL H 29 -3.64 38.05 51.74
CA VAL H 29 -3.49 36.81 50.97
C VAL H 29 -4.70 35.94 51.17
N GLU H 30 -5.24 35.42 50.06
CA GLU H 30 -6.22 34.34 50.12
C GLU H 30 -5.79 33.22 49.19
N ILE H 31 -5.95 31.98 49.63
CA ILE H 31 -5.73 30.83 48.77
C ILE H 31 -7.09 30.37 48.25
N LEU H 32 -7.22 30.28 46.92
CA LEU H 32 -8.49 29.96 46.27
C LEU H 32 -8.30 28.74 45.37
N ASP H 33 -9.10 27.71 45.62
CA ASP H 33 -9.16 26.56 44.74
C ASP H 33 -9.83 26.99 43.43
N PRO H 34 -9.17 26.85 42.28
CA PRO H 34 -9.79 27.29 41.04
C PRO H 34 -11.09 26.57 40.75
N LEU H 35 -11.21 25.31 41.15
CA LEU H 35 -12.41 24.55 40.85
C LEU H 35 -13.60 25.03 41.66
N SER H 36 -13.36 25.77 42.73
CA SER H 36 -14.44 26.35 43.50
C SER H 36 -14.85 27.72 42.96
N CYS H 37 -14.08 28.32 42.05
CA CYS H 37 -14.48 29.58 41.46
C CYS H 37 -15.56 29.35 40.40
N TYR H 38 -16.59 30.19 40.38
CA TYR H 38 -17.58 30.16 39.31
C TYR H 38 -17.88 31.61 38.92
N MET H 39 -18.23 31.84 37.65
CA MET H 39 -18.29 33.22 37.19
C MET H 39 -19.04 33.31 35.87
N ASN H 40 -19.55 34.50 35.58
CA ASN H 40 -20.09 34.80 34.26
C ASN H 40 -18.93 35.16 33.36
N ILE H 41 -18.80 34.47 32.24
CA ILE H 41 -17.80 34.90 31.27
C ILE H 41 -18.44 35.85 30.27
N ASN H 42 -19.75 35.79 30.15
CA ASN H 42 -20.50 36.81 29.43
C ASN H 42 -21.65 37.23 30.34
N PRO H 43 -21.78 38.53 30.68
CA PRO H 43 -20.93 39.68 30.28
C PRO H 43 -19.45 39.48 30.56
N ALA H 44 -18.60 39.98 29.66
CA ALA H 44 -17.16 39.87 29.87
C ALA H 44 -16.76 40.50 31.21
N ALA H 45 -15.82 39.84 31.89
CA ALA H 45 -15.15 40.38 33.07
C ALA H 45 -16.14 40.63 34.22
N SER H 46 -17.11 39.75 34.37
CA SER H 46 -17.97 39.77 35.54
C SER H 46 -17.22 39.26 36.76
N SER H 47 -17.66 39.68 37.94
CA SER H 47 -17.01 39.30 39.18
C SER H 47 -16.98 37.78 39.34
N ILE H 48 -15.99 37.30 40.10
CA ILE H 48 -15.82 35.87 40.34
C ILE H 48 -16.43 35.54 41.70
N HIS H 49 -17.27 34.51 41.72
CA HIS H 49 -17.85 34.01 42.95
C HIS H 49 -17.11 32.77 43.41
N TYR H 50 -17.32 32.47 44.69
CA TYR H 50 -16.56 31.48 45.45
C TYR H 50 -17.34 31.21 46.72
N LYS H 51 -17.80 29.96 46.89
CA LYS H 51 -18.56 29.49 48.06
C LYS H 51 -19.60 30.51 48.51
N GLY H 52 -20.41 30.99 47.57
CA GLY H 52 -21.53 31.83 47.90
C GLY H 52 -21.29 33.32 47.86
N ARG H 53 -20.04 33.78 47.93
CA ARG H 53 -19.76 35.20 47.92
C ARG H 53 -19.11 35.63 46.60
N LYS H 54 -19.08 36.95 46.43
CA LYS H 54 -18.44 37.61 45.32
C LYS H 54 -17.04 38.05 45.78
N LEU H 55 -16.00 37.52 45.13
CA LEU H 55 -14.63 37.76 45.59
C LEU H 55 -14.28 39.24 45.45
N PRO H 56 -13.47 39.79 46.35
CA PRO H 56 -13.00 41.16 46.19
C PRO H 56 -12.03 41.25 45.02
N HIS H 57 -11.75 42.46 44.60
CA HIS H 57 -10.70 42.66 43.61
C HIS H 57 -9.36 42.23 44.19
N PHE H 58 -8.57 41.46 43.43
CA PHE H 58 -7.20 41.13 43.81
C PHE H 58 -6.22 41.85 42.89
N ASP H 59 -5.21 42.48 43.50
CA ASP H 59 -4.24 43.23 42.71
C ASP H 59 -3.29 42.30 41.97
N ALA H 60 -3.01 41.13 42.54
CA ALA H 60 -2.19 40.12 41.90
C ALA H 60 -2.79 38.74 42.11
N VAL H 61 -2.51 37.82 41.19
CA VAL H 61 -2.85 36.41 41.33
C VAL H 61 -1.59 35.58 41.10
N ILE H 62 -1.39 34.55 41.92
CA ILE H 62 -0.28 33.64 41.71
C ILE H 62 -0.81 32.28 41.31
N PRO H 63 -0.85 31.94 40.02
CA PRO H 63 -1.32 30.61 39.61
C PRO H 63 -0.33 29.52 40.00
N ARG H 64 -0.87 28.47 40.63
CA ARG H 64 -0.13 27.25 40.92
C ARG H 64 -1.05 26.09 40.55
N ILE H 65 -1.33 25.97 39.25
CA ILE H 65 -2.48 25.21 38.74
C ILE H 65 -2.07 23.78 38.44
N GLY H 66 -2.91 22.84 38.90
CA GLY H 66 -2.62 21.43 38.67
C GLY H 66 -2.71 21.08 37.20
N THR H 67 -1.85 20.14 36.80
CA THR H 67 -1.79 19.80 35.39
C THR H 67 -3.08 19.11 34.91
N ALA H 68 -3.82 18.47 35.82
CA ALA H 68 -5.04 17.78 35.44
C ALA H 68 -6.26 18.69 35.34
N ILE H 69 -6.16 19.93 35.81
CA ILE H 69 -7.32 20.83 35.82
C ILE H 69 -6.99 22.08 35.04
N THR H 70 -6.29 21.96 33.92
CA THR H 70 -5.76 23.17 33.31
C THR H 70 -6.86 24.01 32.67
N PHE H 71 -7.72 23.41 31.83
CA PHE H 71 -8.69 24.21 31.09
C PHE H 71 -9.46 25.14 32.04
N TYR H 72 -10.18 24.55 33.00
CA TYR H 72 -10.88 25.39 33.96
C TYR H 72 -9.92 26.25 34.77
N GLY H 73 -8.80 25.67 35.20
CA GLY H 73 -7.81 26.45 35.92
C GLY H 73 -7.45 27.73 35.16
N THR H 74 -7.13 27.58 33.87
CA THR H 74 -6.67 28.79 33.17
C THR H 74 -7.85 29.70 32.84
N ALA H 75 -9.05 29.14 32.64
CA ALA H 75 -10.23 30.00 32.53
C ALA H 75 -10.36 30.88 33.78
N ALA H 76 -10.23 30.27 34.97
CA ALA H 76 -10.33 31.06 36.18
C ALA H 76 -9.28 32.16 36.19
N LEU H 77 -8.04 31.80 35.87
CA LEU H 77 -6.98 32.79 35.90
C LEU H 77 -7.27 33.90 34.93
N ARG H 78 -7.78 33.55 33.73
CA ARG H 78 -7.99 34.55 32.71
C ARG H 78 -9.08 35.52 33.11
N GLN H 79 -10.09 35.02 33.84
CA GLN H 79 -11.10 35.92 34.39
C GLN H 79 -10.46 36.93 35.35
N PHE H 80 -9.58 36.46 36.25
CA PHE H 80 -8.89 37.40 37.13
C PHE H 80 -8.08 38.39 36.31
N GLU H 81 -7.52 37.95 35.19
CA GLU H 81 -6.76 38.87 34.37
C GLU H 81 -7.67 39.92 33.76
N MET H 82 -8.86 39.51 33.33
CA MET H 82 -9.80 40.44 32.71
C MET H 82 -10.34 41.42 33.73
N LEU H 83 -10.38 41.00 35.00
CA LEU H 83 -10.74 41.91 36.09
C LEU H 83 -9.62 42.88 36.42
N GLY H 84 -8.45 42.72 35.80
CA GLY H 84 -7.33 43.61 36.03
C GLY H 84 -6.30 43.13 37.02
N SER H 85 -6.41 41.89 37.51
CA SER H 85 -5.35 41.35 38.37
C SER H 85 -4.07 41.08 37.59
N TYR H 86 -2.94 41.45 38.18
CA TYR H 86 -1.64 41.12 37.62
C TYR H 86 -1.37 39.63 37.84
N PRO H 87 -1.11 38.86 36.79
CA PRO H 87 -0.84 37.44 37.02
C PRO H 87 0.65 37.17 37.07
N LEU H 88 1.08 36.30 37.98
CA LEU H 88 2.46 35.85 38.03
C LEU H 88 2.54 34.57 37.20
N ASN H 89 2.73 34.76 35.88
CA ASN H 89 2.54 33.83 34.77
C ASN H 89 1.14 34.06 34.23
N GLU H 90 1.04 34.52 32.99
CA GLU H 90 -0.25 34.70 32.32
C GLU H 90 -0.87 33.38 31.92
N SER H 91 -2.21 33.38 31.80
CA SER H 91 -2.94 32.16 31.47
C SER H 91 -2.51 31.61 30.12
N VAL H 92 -2.24 32.47 29.15
CA VAL H 92 -1.86 31.98 27.81
C VAL H 92 -0.50 31.28 27.86
N ALA H 93 0.47 31.87 28.56
CA ALA H 93 1.78 31.24 28.70
C ALA H 93 1.67 29.92 29.46
N ILE H 94 0.83 29.89 30.49
CA ILE H 94 0.68 28.64 31.26
C ILE H 94 0.06 27.55 30.40
N ALA H 95 -1.00 27.88 29.65
CA ALA H 95 -1.61 26.90 28.77
C ALA H 95 -0.60 26.36 27.76
N ARG H 96 0.17 27.25 27.13
CA ARG H 96 1.14 26.79 26.15
C ARG H 96 2.22 25.92 26.81
N ALA H 97 2.76 26.37 27.95
CA ALA H 97 3.87 25.66 28.57
C ALA H 97 3.49 24.24 28.97
N ARG H 98 2.22 23.99 29.23
CA ARG H 98 1.89 22.61 29.55
C ARG H 98 1.83 21.73 28.32
N ASP H 99 1.90 22.31 27.13
CA ASP H 99 1.99 21.56 25.88
C ASP H 99 3.48 21.41 25.59
N LYS H 100 4.04 20.26 26.00
CA LYS H 100 5.48 20.05 25.90
C LYS H 100 5.95 19.99 24.44
N LEU H 101 5.15 19.37 23.55
CA LEU H 101 5.53 19.36 22.14
C LEU H 101 5.63 20.77 21.59
N ARG H 102 4.60 21.58 21.84
CA ARG H 102 4.57 22.95 21.33
C ARG H 102 5.64 23.80 21.99
N SER H 103 5.89 23.58 23.29
CA SER H 103 6.93 24.35 23.98
C SER H 103 8.30 24.02 23.42
N MET H 104 8.59 22.74 23.23
CA MET H 104 9.88 22.37 22.64
C MET H 104 10.01 22.94 21.23
N GLN H 105 8.96 22.81 20.41
CA GLN H 105 8.99 23.40 19.07
C GLN H 105 9.27 24.89 19.14
N LEU H 106 8.66 25.57 20.11
CA LEU H 106 8.89 26.99 20.29
C LEU H 106 10.36 27.28 20.63
N LEU H 107 10.88 26.61 21.65
CA LEU H 107 12.26 26.83 22.07
C LEU H 107 13.25 26.53 20.96
N ALA H 108 13.00 25.45 20.21
CA ALA H 108 13.87 25.07 19.11
C ALA H 108 13.84 26.10 18.00
N ARG H 109 12.64 26.61 17.68
CA ARG H 109 12.50 27.64 16.67
C ARG H 109 13.24 28.91 17.05
N GLN H 110 13.33 29.21 18.34
CA GLN H 110 13.97 30.43 18.82
C GLN H 110 15.45 30.25 19.12
N GLY H 111 16.03 29.11 18.77
CA GLY H 111 17.46 28.92 18.86
C GLY H 111 17.97 28.47 20.21
N ILE H 112 17.11 27.92 21.06
CA ILE H 112 17.55 27.39 22.34
C ILE H 112 17.90 25.93 22.13
N ASP H 113 19.11 25.55 22.51
CA ASP H 113 19.61 24.23 22.20
C ASP H 113 18.91 23.17 23.04
N LEU H 114 18.44 22.13 22.40
CA LEU H 114 17.75 21.04 23.06
C LEU H 114 18.42 19.74 22.64
N PRO H 115 18.22 18.67 23.39
CA PRO H 115 18.59 17.35 22.86
C PRO H 115 17.87 17.13 21.55
N VAL H 116 18.46 16.29 20.70
CA VAL H 116 17.76 15.91 19.49
C VAL H 116 16.52 15.12 19.89
N THR H 117 15.38 15.55 19.38
CA THR H 117 14.09 15.07 19.84
C THR H 117 13.18 14.84 18.65
N GLY H 118 12.61 13.64 18.57
CA GLY H 118 11.60 13.31 17.58
C GLY H 118 10.30 13.03 18.29
N ILE H 119 9.19 13.22 17.60
CA ILE H 119 7.88 12.92 18.15
C ILE H 119 7.19 11.96 17.22
N ALA H 120 6.29 11.17 17.79
CA ALA H 120 5.58 10.19 17.00
C ALA H 120 4.33 9.85 17.76
N HIS H 121 3.45 9.13 17.10
CA HIS H 121 2.21 8.71 17.74
C HIS H 121 1.93 7.28 17.31
N SER H 122 1.64 7.10 16.02
CA SER H 122 1.38 5.79 15.45
C SER H 122 2.24 5.60 14.20
N PRO H 123 3.56 5.65 14.33
CA PRO H 123 4.43 5.54 13.16
C PRO H 123 4.42 4.13 12.58
N ASP H 124 4.61 4.05 11.27
CA ASP H 124 4.57 2.78 10.57
C ASP H 124 5.95 2.25 10.26
N ASP H 125 6.99 2.91 10.72
CA ASP H 125 8.37 2.43 10.53
C ASP H 125 9.14 2.89 11.76
N THR H 126 9.14 2.06 12.79
CA THR H 126 9.82 2.44 14.03
C THR H 126 11.33 2.50 13.86
N SER H 127 11.89 1.66 12.99
CA SER H 127 13.32 1.74 12.72
C SER H 127 13.67 3.11 12.14
N ASP H 128 12.85 3.61 11.22
CA ASP H 128 13.10 4.93 10.66
C ASP H 128 13.05 6.00 11.74
N LEU H 129 12.09 5.91 12.66
CA LEU H 129 11.98 6.89 13.75
C LEU H 129 13.23 6.87 14.62
N ILE H 130 13.62 5.66 15.04
CA ILE H 130 14.82 5.47 15.85
C ILE H 130 16.05 6.00 15.14
N ASP H 131 16.18 5.69 13.84
CA ASP H 131 17.31 6.21 13.05
C ASP H 131 17.28 7.72 12.95
N MET H 132 16.07 8.29 12.88
CA MET H 132 15.92 9.74 12.72
C MET H 132 16.44 10.47 13.95
N VAL H 133 16.22 9.89 15.14
CA VAL H 133 16.78 10.58 16.31
C VAL H 133 18.28 10.30 16.46
N GLY H 134 18.77 9.12 16.05
CA GLY H 134 20.17 8.77 16.18
C GLY H 134 20.40 7.41 16.80
N GLY H 135 19.33 6.62 16.89
CA GLY H 135 19.43 5.24 17.33
C GLY H 135 19.57 5.09 18.83
N ALA H 136 19.36 3.84 19.28
CA ALA H 136 19.49 3.50 20.69
C ALA H 136 20.90 3.86 21.19
N PRO H 137 21.04 4.18 22.49
CA PRO H 137 20.01 4.20 23.53
C PRO H 137 19.19 5.49 23.49
N LEU H 138 17.89 5.41 23.77
CA LEU H 138 17.05 6.59 23.65
C LEU H 138 16.15 6.71 24.88
N VAL H 139 15.83 7.94 25.23
CA VAL H 139 14.78 8.17 26.22
C VAL H 139 13.44 8.24 25.48
N VAL H 140 12.48 7.43 25.89
CA VAL H 140 11.13 7.47 25.34
C VAL H 140 10.18 7.99 26.42
N LYS H 141 9.43 9.05 26.08
CA LYS H 141 8.52 9.71 27.01
C LYS H 141 7.10 9.61 26.46
N LEU H 142 6.19 9.02 27.22
CA LEU H 142 4.82 8.84 26.78
C LEU H 142 3.92 9.93 27.34
N VAL H 143 2.95 10.38 26.52
CA VAL H 143 2.11 11.52 26.89
C VAL H 143 0.69 11.30 26.34
N GLU H 144 -0.30 11.41 27.22
CA GLU H 144 -1.71 11.47 26.83
C GLU H 144 -2.16 12.93 26.85
N GLY H 145 -2.49 13.47 25.67
CA GLY H 145 -2.82 14.88 25.56
C GLY H 145 -1.65 15.75 25.94
N THR H 146 -1.65 16.27 27.19
CA THR H 146 -0.51 17.01 27.71
C THR H 146 -0.07 16.47 29.07
N GLN H 147 -0.50 15.27 29.44
CA GLN H 147 -0.20 14.68 30.74
C GLN H 147 0.75 13.50 30.54
N GLY H 148 1.97 13.62 31.05
CA GLY H 148 2.94 12.55 30.94
C GLY H 148 2.49 11.23 31.54
N ILE H 149 2.62 10.14 30.78
CA ILE H 149 2.36 8.81 31.31
C ILE H 149 3.60 8.27 32.02
N GLY H 150 4.76 8.39 31.40
CA GLY H 150 6.00 7.95 32.01
C GLY H 150 7.19 8.26 31.13
N VAL H 151 8.38 7.97 31.67
CA VAL H 151 9.64 8.19 30.98
C VAL H 151 10.49 6.96 31.19
N VAL H 152 10.91 6.30 30.11
CA VAL H 152 11.77 5.14 30.25
C VAL H 152 13.00 5.29 29.37
N LEU H 153 14.08 4.68 29.82
CA LEU H 153 15.26 4.52 28.99
C LEU H 153 15.11 3.25 28.17
N ALA H 154 15.54 3.31 26.93
CA ALA H 154 15.65 2.13 26.08
C ALA H 154 17.12 1.97 25.78
N GLU H 155 17.73 0.94 26.35
CA GLU H 155 19.13 0.68 26.11
C GLU H 155 19.37 0.12 24.72
N THR H 156 18.41 -0.66 24.19
CA THR H 156 18.57 -1.33 22.91
C THR H 156 17.49 -0.94 21.91
N ARG H 157 17.83 -1.18 20.63
CA ARG H 157 16.88 -1.01 19.55
C ARG H 157 15.58 -1.76 19.83
N GLN H 158 15.69 -3.06 20.15
CA GLN H 158 14.50 -3.89 20.34
C GLN H 158 13.64 -3.36 21.50
N ALA H 159 14.27 -2.79 22.53
CA ALA H 159 13.52 -2.18 23.63
C ALA H 159 12.71 -0.97 23.16
N ALA H 160 13.39 -0.02 22.49
CA ALA H 160 12.68 1.07 21.81
C ALA H 160 11.50 0.55 21.01
N GLU H 161 11.74 -0.44 20.15
CA GLU H 161 10.71 -0.92 19.25
C GLU H 161 9.55 -1.54 20.00
N SER H 162 9.85 -2.24 21.09
CA SER H 162 8.78 -2.86 21.87
C SER H 162 7.95 -1.81 22.59
N VAL H 163 8.58 -0.72 23.08
CA VAL H 163 7.82 0.36 23.70
C VAL H 163 6.87 0.98 22.68
N ILE H 164 7.41 1.31 21.50
CA ILE H 164 6.62 1.98 20.48
C ILE H 164 5.47 1.08 20.02
N ASP H 165 5.75 -0.23 19.85
CA ASP H 165 4.68 -1.16 19.52
C ASP H 165 3.67 -1.26 20.65
N ALA H 166 4.15 -1.24 21.89
CA ALA H 166 3.28 -1.40 23.05
C ALA H 166 2.19 -0.35 23.05
N PHE H 167 2.54 0.87 22.69
CA PHE H 167 1.52 1.91 22.79
C PHE H 167 0.71 2.10 21.50
N ARG H 168 1.01 1.35 20.45
CA ARG H 168 0.22 1.43 19.22
C ARG H 168 -1.24 1.09 19.50
N GLY H 169 -2.12 2.06 19.26
CA GLY H 169 -3.53 1.91 19.54
C GLY H 169 -3.96 2.37 20.91
N LEU H 170 -3.04 2.86 21.73
CA LEU H 170 -3.35 3.31 23.08
C LEU H 170 -3.58 4.81 23.18
N ASN H 171 -3.57 5.52 22.06
CA ASN H 171 -3.80 6.98 21.98
C ASN H 171 -2.92 7.76 22.97
N ALA H 172 -1.64 7.39 23.02
CA ALA H 172 -0.58 8.19 23.60
C ALA H 172 0.40 8.55 22.50
N HIS H 173 0.96 9.75 22.58
CA HIS H 173 2.08 10.05 21.71
C HIS H 173 3.39 9.95 22.48
N ILE H 174 4.47 9.98 21.72
CA ILE H 174 5.78 9.52 22.12
C ILE H 174 6.77 10.61 21.78
N LEU H 175 7.67 10.93 22.72
CA LEU H 175 8.91 11.64 22.42
C LEU H 175 10.04 10.64 22.46
N VAL H 176 10.85 10.64 21.41
CA VAL H 176 12.05 9.85 21.35
C VAL H 176 13.22 10.81 21.34
N GLN H 177 14.08 10.70 22.34
CA GLN H 177 15.06 11.75 22.61
C GLN H 177 16.46 11.17 22.79
N GLU H 178 17.44 11.85 22.23
CA GLU H 178 18.82 11.42 22.41
C GLU H 178 19.15 11.41 23.90
N TYR H 179 19.55 10.24 24.38
CA TYR H 179 19.88 10.06 25.78
C TYR H 179 21.23 10.73 26.05
N ILE H 180 21.24 11.69 26.95
CA ILE H 180 22.48 12.42 27.28
C ILE H 180 23.15 11.63 28.39
N LYS H 181 23.88 10.59 27.99
CA LYS H 181 24.46 9.68 28.98
C LYS H 181 25.55 10.36 29.82
N GLU H 182 26.28 11.30 29.22
CA GLU H 182 27.37 11.99 29.88
C GLU H 182 26.92 12.97 30.95
N ALA H 183 25.63 13.03 31.26
CA ALA H 183 25.15 13.81 32.40
C ALA H 183 25.19 13.04 33.71
N GLN H 184 25.12 11.69 33.62
CA GLN H 184 25.28 10.81 34.78
C GLN H 184 24.12 10.96 35.77
N GLY H 185 22.90 10.89 35.25
CA GLY H 185 21.73 10.95 36.10
C GLY H 185 21.58 12.30 36.77
N CYS H 186 22.34 13.29 36.30
CA CYS H 186 22.33 14.64 36.86
C CYS H 186 21.64 15.61 35.91
N ASP H 187 20.84 16.49 36.49
CA ASP H 187 20.41 17.67 35.76
C ASP H 187 20.52 18.88 36.66
N ILE H 188 20.35 20.04 36.05
CA ILE H 188 20.53 21.33 36.69
C ILE H 188 19.20 22.06 36.62
N ARG H 189 18.56 22.24 37.77
CA ARG H 189 17.28 22.94 37.87
C ARG H 189 17.53 24.38 38.28
N CYS H 190 17.26 25.30 37.37
CA CYS H 190 17.35 26.73 37.62
C CYS H 190 15.95 27.29 37.81
N LEU H 191 15.68 27.90 38.96
CA LEU H 191 14.43 28.59 39.14
C LEU H 191 14.60 30.05 38.71
N VAL H 192 13.94 30.41 37.61
CA VAL H 192 13.94 31.78 37.10
C VAL H 192 12.74 32.53 37.71
N VAL H 193 13.01 33.74 38.16
CA VAL H 193 12.00 34.71 38.56
C VAL H 193 12.31 35.98 37.77
N GLY H 194 11.40 36.35 36.88
CA GLY H 194 11.63 37.46 35.98
C GLY H 194 12.91 37.31 35.19
N ASP H 195 13.85 38.25 35.38
CA ASP H 195 15.07 38.26 34.59
C ASP H 195 16.26 37.69 35.35
N GLU H 196 16.05 36.92 36.42
CA GLU H 196 17.16 36.32 37.12
C GLU H 196 16.92 34.84 37.33
N VAL H 197 18.01 34.06 37.32
CA VAL H 197 18.02 32.78 38.01
C VAL H 197 18.25 33.10 39.48
N VAL H 198 17.29 32.76 40.33
CA VAL H 198 17.41 33.16 41.73
C VAL H 198 17.94 32.03 42.61
N ALA H 199 17.93 30.80 42.12
CA ALA H 199 18.52 29.66 42.83
C ALA H 199 18.74 28.59 41.78
N ALA H 200 19.61 27.64 42.10
CA ALA H 200 19.90 26.57 41.15
C ALA H 200 20.41 25.37 41.93
N ILE H 201 19.81 24.21 41.70
CA ILE H 201 20.23 22.98 42.36
C ILE H 201 20.67 21.99 41.30
N GLU H 202 21.41 21.00 41.75
CA GLU H 202 21.85 19.88 40.94
C GLU H 202 21.14 18.66 41.49
N ARG H 203 20.37 18.00 40.65
CA ARG H 203 19.64 16.80 41.02
C ARG H 203 20.38 15.59 40.47
N ARG H 204 20.41 14.51 41.25
CA ARG H 204 21.20 13.34 40.94
C ARG H 204 20.34 12.10 41.16
N ALA H 205 20.47 11.16 40.23
CA ALA H 205 19.66 9.96 40.16
C ALA H 205 20.22 8.87 41.06
N LYS H 206 19.33 7.99 41.49
CA LYS H 206 19.61 6.99 42.53
C LYS H 206 20.18 5.73 41.88
N GLU H 207 20.17 4.64 42.64
CA GLU H 207 20.60 3.32 42.20
C GLU H 207 19.81 2.87 40.98
N GLY H 208 20.55 2.52 39.91
CA GLY H 208 19.96 1.97 38.71
C GLY H 208 18.84 2.83 38.11
N ASP H 209 19.08 4.13 38.01
CA ASP H 209 18.08 5.06 37.53
C ASP H 209 18.78 6.27 36.92
N PHE H 210 18.15 6.80 35.87
CA PHE H 210 18.50 8.08 35.24
C PHE H 210 17.50 9.17 35.58
N ARG H 211 16.24 8.81 35.85
CA ARG H 211 15.27 9.76 36.38
C ARG H 211 15.81 10.40 37.64
N SER H 212 15.59 11.71 37.80
CA SER H 212 16.28 12.44 38.86
C SER H 212 15.49 13.66 39.34
N ASN H 213 14.19 13.54 39.52
CA ASN H 213 13.43 14.57 40.21
C ASN H 213 13.58 14.38 41.70
N LEU H 214 13.75 15.49 42.43
CA LEU H 214 14.30 15.36 43.77
C LEU H 214 13.29 14.75 44.74
N HIS H 215 12.05 15.28 44.76
CA HIS H 215 11.04 14.74 45.70
C HIS H 215 10.65 13.30 45.36
N ARG H 216 10.89 12.86 44.12
CA ARG H 216 10.63 11.47 43.73
C ARG H 216 11.90 10.85 43.14
N GLY H 217 12.73 10.29 44.02
CA GLY H 217 13.88 9.48 43.61
C GLY H 217 15.17 10.21 43.27
N GLY H 218 15.68 11.05 44.17
CA GLY H 218 16.89 11.78 43.84
C GLY H 218 17.47 12.51 45.03
N ALA H 219 18.74 12.91 44.88
CA ALA H 219 19.45 13.70 45.87
C ALA H 219 19.89 15.02 45.24
N ALA H 220 19.80 16.12 46.00
CA ALA H 220 20.01 17.45 45.45
C ALA H 220 21.10 18.19 46.20
N SER H 221 21.95 18.90 45.45
CA SER H 221 23.01 19.73 46.00
C SER H 221 22.94 21.12 45.39
N VAL H 222 23.67 22.09 45.96
CA VAL H 222 23.68 23.42 45.38
C VAL H 222 24.52 23.39 44.11
N ALA H 223 24.04 24.07 43.08
CA ALA H 223 24.73 24.16 41.80
C ALA H 223 25.30 25.56 41.64
N SER H 224 26.51 25.63 41.10
CA SER H 224 27.04 26.87 40.56
C SER H 224 26.93 26.76 39.05
N ILE H 225 26.25 27.70 38.44
CA ILE H 225 25.92 27.62 37.03
C ILE H 225 26.80 28.62 36.28
N THR H 226 27.25 28.20 35.09
CA THR H 226 28.03 29.05 34.22
C THR H 226 27.19 30.22 33.74
N PRO H 227 27.83 31.34 33.34
CA PRO H 227 27.04 32.44 32.78
C PRO H 227 26.20 32.01 31.60
N GLN H 228 26.68 31.00 30.86
CA GLN H 228 25.92 30.48 29.74
C GLN H 228 24.64 29.83 30.20
N GLU H 229 24.72 28.99 31.25
CA GLU H 229 23.51 28.32 31.72
C GLU H 229 22.54 29.32 32.31
N ARG H 230 23.06 30.34 33.01
CA ARG H 230 22.22 31.40 33.56
C ARG H 230 21.47 32.10 32.42
N GLU H 231 22.21 32.53 31.41
CA GLU H 231 21.60 33.18 30.26
C GLU H 231 20.56 32.29 29.61
N ILE H 232 20.87 31.00 29.47
CA ILE H 232 19.99 30.07 28.76
C ILE H 232 18.69 29.92 29.52
N ALA H 233 18.76 29.72 30.84
CA ALA H 233 17.56 29.54 31.64
C ALA H 233 16.68 30.79 31.59
N ILE H 234 17.30 31.96 31.72
CA ILE H 234 16.54 33.20 31.63
C ILE H 234 15.89 33.32 30.26
N LYS H 235 16.62 32.93 29.22
CA LYS H 235 16.07 33.08 27.87
C LYS H 235 14.93 32.10 27.63
N ALA H 236 15.08 30.86 28.08
CA ALA H 236 14.01 29.89 27.94
C ALA H 236 12.74 30.37 28.60
N ALA H 237 12.84 30.96 29.80
CA ALA H 237 11.66 31.48 30.48
C ALA H 237 11.05 32.65 29.72
N ARG H 238 11.87 33.56 29.19
CA ARG H 238 11.36 34.67 28.39
C ARG H 238 10.70 34.20 27.10
N THR H 239 11.34 33.29 26.38
CA THR H 239 10.77 32.77 25.15
C THR H 239 9.39 32.16 25.40
N MET H 240 9.23 31.49 26.53
CA MET H 240 7.94 30.94 26.92
C MET H 240 7.00 31.97 27.53
N ALA H 241 7.45 33.22 27.67
CA ALA H 241 6.62 34.29 28.27
C ALA H 241 6.20 33.97 29.70
N LEU H 242 7.07 33.29 30.45
CA LEU H 242 6.78 32.93 31.83
C LEU H 242 7.56 33.85 32.77
N ASP H 243 6.85 34.40 33.77
CA ASP H 243 7.52 35.21 34.77
C ASP H 243 8.24 34.36 35.80
N VAL H 244 7.74 33.16 36.07
CA VAL H 244 8.33 32.25 37.03
C VAL H 244 8.39 30.87 36.38
N ALA H 245 9.59 30.27 36.36
CA ALA H 245 9.74 29.02 35.64
C ALA H 245 10.88 28.21 36.23
N GLY H 246 10.67 26.89 36.39
CA GLY H 246 11.77 25.97 36.59
C GLY H 246 12.29 25.55 35.23
N VAL H 247 13.60 25.67 35.03
CA VAL H 247 14.26 25.29 33.78
C VAL H 247 15.25 24.18 34.10
N ASP H 248 15.02 23.00 33.55
CA ASP H 248 15.92 21.88 33.72
C ASP H 248 16.86 21.78 32.54
N ILE H 249 18.16 21.74 32.84
CA ILE H 249 19.26 21.75 31.87
C ILE H 249 20.09 20.49 32.07
N LEU H 250 20.42 19.82 30.97
CA LEU H 250 21.33 18.68 30.99
C LEU H 250 22.68 19.14 30.48
N ARG H 251 23.74 18.73 31.16
CA ARG H 251 25.09 19.17 30.81
C ARG H 251 25.64 18.16 29.81
N ALA H 252 25.64 18.54 28.54
CA ALA H 252 26.06 17.67 27.45
C ALA H 252 27.41 18.12 26.92
N ASN H 253 28.09 17.19 26.24
CA ASN H 253 29.43 17.47 25.75
C ASN H 253 29.48 18.72 24.87
N ARG H 254 28.41 19.00 24.12
CA ARG H 254 28.40 20.20 23.27
C ARG H 254 27.87 21.44 23.95
N GLY H 255 27.42 21.36 25.20
CA GLY H 255 26.91 22.53 25.87
C GLY H 255 25.64 22.22 26.65
N PRO H 256 25.10 23.23 27.33
CA PRO H 256 23.86 23.01 28.10
C PRO H 256 22.67 22.89 27.15
N LEU H 257 21.87 21.85 27.36
CA LEU H 257 20.65 21.60 26.61
C LEU H 257 19.46 21.77 27.54
N VAL H 258 18.49 22.58 27.13
CA VAL H 258 17.27 22.72 27.93
C VAL H 258 16.45 21.44 27.79
N MET H 259 16.09 20.87 28.93
CA MET H 259 15.30 19.65 28.97
C MET H 259 13.86 19.92 29.34
N GLU H 260 13.61 20.89 30.22
CA GLU H 260 12.23 21.14 30.64
C GLU H 260 12.06 22.59 31.06
N VAL H 261 10.86 23.13 30.84
CA VAL H 261 10.44 24.42 31.40
C VAL H 261 9.08 24.22 32.06
N ASN H 262 9.00 24.52 33.35
CA ASN H 262 7.87 24.21 34.21
C ASN H 262 7.34 25.54 34.73
N ALA H 263 6.05 25.82 34.51
CA ALA H 263 5.48 27.11 34.89
C ALA H 263 5.15 27.21 36.38
N SER H 264 5.07 26.08 37.07
CA SER H 264 4.76 26.06 38.50
C SER H 264 5.76 25.13 39.16
N PRO H 265 7.02 25.55 39.28
CA PRO H 265 8.04 24.69 39.90
C PRO H 265 7.81 24.59 41.39
N GLY H 266 8.10 23.42 41.96
CA GLY H 266 8.00 23.26 43.40
C GLY H 266 9.07 24.04 44.13
N LEU H 267 8.76 24.45 45.36
CA LEU H 267 9.67 25.29 46.13
C LEU H 267 10.41 24.55 47.23
N GLU H 268 9.94 23.35 47.60
CA GLU H 268 10.43 22.65 48.78
C GLU H 268 11.89 22.26 48.63
N GLY H 269 12.18 21.35 47.71
CA GLY H 269 13.54 20.87 47.53
C GLY H 269 14.54 21.98 47.27
N ILE H 270 14.20 22.90 46.36
CA ILE H 270 15.19 23.91 45.97
C ILE H 270 15.43 24.91 47.10
N GLU H 271 14.36 25.28 47.83
CA GLU H 271 14.56 26.24 48.93
C GLU H 271 15.33 25.61 50.08
N LYS H 272 15.00 24.36 50.42
CA LYS H 272 15.74 23.68 51.47
C LYS H 272 17.20 23.52 51.08
N THR H 273 17.45 23.01 49.87
CA THR H 273 18.82 22.72 49.46
C THR H 273 19.65 24.00 49.34
N THR H 274 19.06 25.09 48.87
CA THR H 274 19.85 26.32 48.72
C THR H 274 19.64 27.34 49.83
N GLY H 275 18.58 27.21 50.63
CA GLY H 275 18.30 28.21 51.65
C GLY H 275 17.93 29.57 51.10
N ILE H 276 17.65 29.67 49.80
CA ILE H 276 17.21 30.93 49.21
C ILE H 276 15.73 31.15 49.53
N ASP H 277 15.36 32.40 49.76
CA ASP H 277 13.96 32.77 49.95
C ASP H 277 13.36 32.97 48.56
N ILE H 278 12.93 31.87 47.96
CA ILE H 278 12.42 31.94 46.59
C ILE H 278 11.01 32.54 46.55
N ALA H 279 10.13 32.12 47.48
CA ALA H 279 8.81 32.74 47.57
C ALA H 279 8.92 34.25 47.69
N GLY H 280 9.89 34.72 48.49
CA GLY H 280 10.06 36.16 48.66
C GLY H 280 10.43 36.87 47.38
N LYS H 281 11.27 36.22 46.56
CA LYS H 281 11.60 36.81 45.28
C LYS H 281 10.37 36.90 44.37
N MET H 282 9.51 35.89 44.42
CA MET H 282 8.27 35.94 43.64
C MET H 282 7.39 37.11 44.08
N ILE H 283 7.22 37.26 45.40
CA ILE H 283 6.44 38.39 45.92
C ILE H 283 7.06 39.72 45.49
N ARG H 284 8.39 39.82 45.52
CA ARG H 284 9.04 41.07 45.11
C ARG H 284 8.79 41.38 43.64
N TRP H 285 8.79 40.36 42.79
CA TRP H 285 8.51 40.60 41.39
C TRP H 285 7.09 41.13 41.23
N ILE H 286 6.16 40.57 42.00
CA ILE H 286 4.79 41.09 41.98
C ILE H 286 4.77 42.56 42.40
N GLU H 287 5.51 42.91 43.46
CA GLU H 287 5.56 44.30 43.89
C GLU H 287 6.10 45.21 42.80
N ARG H 288 7.09 44.71 42.05
CA ARG H 288 7.65 45.55 41.00
C ARG H 288 6.70 45.70 39.82
N HIS H 289 5.78 44.76 39.61
CA HIS H 289 5.00 44.79 38.38
C HIS H 289 3.50 44.91 38.55
N ALA H 290 2.94 44.66 39.73
CA ALA H 290 1.52 44.89 39.93
C ALA H 290 1.29 46.37 40.23
N THR H 291 0.05 46.75 40.55
CA THR H 291 -0.29 48.12 40.89
C THR H 291 -1.23 48.12 42.09
N THR H 292 -1.41 49.32 42.68
CA THR H 292 -2.29 49.59 43.84
C THR H 292 -2.02 48.65 45.05
PG ANP I . -5.49 -5.91 -22.17
O1G ANP I . -6.62 -5.58 -21.11
O2G ANP I . -6.13 -6.50 -23.48
O3G ANP I . -4.93 -4.60 -22.60
PB ANP I . -4.68 -8.11 -20.20
O1B ANP I . -6.16 -8.26 -20.27
O2B ANP I . -4.03 -9.67 -20.22
N3B ANP I . -4.30 -7.00 -21.46
PA ANP I . -5.33 -6.68 -17.68
O1A ANP I . -6.77 -6.62 -18.11
O2A ANP I . -4.77 -5.34 -17.20
O3A ANP I . -4.35 -7.28 -18.86
O5' ANP I . -5.29 -7.66 -16.47
C5' ANP I . -5.79 -9.00 -16.59
C4' ANP I . -6.80 -9.26 -15.51
O4' ANP I . -6.16 -9.25 -14.22
C3' ANP I . -7.92 -8.23 -15.40
O3' ANP I . -8.92 -8.47 -16.39
C2' ANP I . -8.34 -8.37 -13.94
O2' ANP I . -9.19 -9.50 -13.72
C1' ANP I . -7.00 -8.62 -13.26
N9 ANP I . -6.34 -7.39 -12.79
C8 ANP I . -5.56 -6.56 -13.54
N7 ANP I . -5.11 -5.51 -12.90
C5 ANP I . -5.64 -5.66 -11.62
C6 ANP I . -5.55 -4.87 -10.46
N6 ANP I . -4.84 -3.75 -10.38
N1 ANP I . -6.21 -5.30 -9.36
C2 ANP I . -6.91 -6.43 -9.44
N3 ANP I . -7.07 -7.25 -10.47
C4 ANP I . -6.40 -6.81 -11.54
MG MG J . -7.80 -6.89 -20.02
S SO4 K . -33.02 3.37 -31.62
O1 SO4 K . -34.06 2.62 -32.31
O2 SO4 K . -33.55 4.65 -31.17
O3 SO4 K . -32.58 2.65 -30.44
O4 SO4 K . -31.95 3.67 -32.57
S SO4 L . -10.19 -11.22 -22.02
O1 SO4 L . -10.87 -10.53 -23.13
O2 SO4 L . -10.32 -10.38 -20.81
O3 SO4 L . -10.80 -12.54 -21.77
O4 SO4 L . -8.79 -11.41 -22.39
S SO4 M . -4.43 13.44 -25.82
O1 SO4 M . -5.82 13.90 -25.76
O2 SO4 M . -3.55 14.43 -25.18
O3 SO4 M . -4.09 13.24 -27.23
O4 SO4 M . -4.31 12.14 -25.14
PG ANP N . 16.13 8.86 -44.01
O1G ANP N . 15.50 10.26 -44.48
O2G ANP N . 17.37 8.51 -44.99
O3G ANP N . 16.61 9.04 -42.57
PB ANP N . 13.48 8.33 -44.11
O1B ANP N . 13.49 9.82 -43.60
O2B ANP N . 12.55 7.61 -43.19
N3B ANP N . 14.99 7.61 -44.05
PA ANP N . 13.16 9.56 -46.61
O1A ANP N . 11.76 9.74 -47.23
O2A ANP N . 13.67 10.77 -45.94
O3A ANP N . 13.01 8.30 -45.61
O5' ANP N . 14.23 9.22 -47.76
C5' ANP N . 15.63 9.61 -47.70
C4' ANP N . 16.06 10.37 -48.94
O4' ANP N . 15.54 9.73 -50.13
C3' ANP N . 15.55 11.80 -49.04
O3' ANP N . 16.33 12.72 -48.28
C2' ANP N . 15.64 12.08 -50.54
O2' ANP N . 16.92 12.56 -50.92
C1' ANP N . 15.35 10.70 -51.15
N9 ANP N . 13.98 10.58 -51.66
C8 ANP N . 12.88 10.15 -50.97
N7 ANP N . 11.77 10.17 -51.67
C5 ANP N . 12.17 10.68 -52.90
C6 ANP N . 11.46 10.98 -54.08
N6 ANP N . 10.14 10.79 -54.23
N1 ANP N . 12.16 11.48 -55.12
C2 ANP N . 13.47 11.68 -54.98
N3 ANP N . 14.24 11.44 -53.91
C4 ANP N . 13.52 10.95 -52.89
MG MG O . 14.95 12.03 -43.99
S SO4 P . -5.38 14.44 -37.46
O1 SO4 P . -6.83 14.33 -37.63
O2 SO4 P . -4.97 15.83 -37.70
O3 SO4 P . -4.97 14.01 -36.10
O4 SO4 P . -4.73 13.57 -38.44
PG ANP Q . 11.80 -23.24 -45.19
O1G ANP Q . 10.74 -23.96 -44.23
O2G ANP Q . 13.10 -23.17 -44.44
O3G ANP Q . 11.97 -24.07 -46.52
PB ANP Q . 10.49 -21.50 -47.05
O1B ANP Q . 9.53 -20.28 -46.93
O2B ANP Q . 9.62 -22.65 -47.39
N3B ANP Q . 11.26 -21.68 -45.56
PA ANP Q . 12.06 -22.16 -49.34
O1A ANP Q . 11.63 -23.57 -49.11
O2A ANP Q . 13.58 -21.95 -49.42
O3A ANP Q . 11.57 -21.20 -48.15
O5' ANP Q . 11.42 -21.66 -50.68
C5' ANP Q . 10.00 -21.68 -50.94
C4' ANP Q . 9.72 -22.28 -52.30
O4' ANP Q . 10.21 -21.41 -53.34
C3' ANP Q . 10.40 -23.62 -52.58
O3' ANP Q . 9.68 -24.71 -52.02
C2' ANP Q . 10.44 -23.65 -54.10
O2' ANP Q . 9.21 -24.07 -54.66
C1' ANP Q . 10.70 -22.17 -54.43
N9 ANP Q . 12.12 -21.85 -54.58
C8 ANP Q . 12.96 -21.49 -53.56
N7 ANP Q . 14.19 -21.26 -53.96
C5 ANP Q . 14.15 -21.48 -55.33
C6 ANP Q . 15.14 -21.40 -56.32
N6 ANP Q . 16.41 -21.06 -56.09
N1 ANP Q . 14.77 -21.69 -57.59
C2 ANP Q . 13.51 -22.03 -57.83
N3 ANP Q . 12.49 -22.14 -56.97
C4 ANP Q . 12.88 -21.86 -55.73
MG MG R . 10.37 -24.70 -48.02
S SO4 S . 5.75 -26.00 -47.11
O1 SO4 S . 4.46 -26.28 -47.77
O2 SO4 S . 5.76 -24.64 -46.58
O3 SO4 S . 6.07 -26.97 -46.04
O4 SO4 S . 6.80 -26.14 -48.11
S SO4 T . 29.21 -28.47 -38.20
O1 SO4 T . 28.64 -27.29 -38.84
O2 SO4 T . 28.66 -28.65 -36.86
O3 SO4 T . 30.66 -28.31 -38.10
O4 SO4 T . 28.89 -29.66 -39.00
S SO4 U . 12.01 -53.17 -41.14
O1 SO4 U . 11.69 -52.40 -42.33
O2 SO4 U . 12.21 -52.27 -40.02
O3 SO4 U . 10.93 -54.07 -40.74
O4 SO4 U . 13.25 -53.90 -41.41
PG ANP V . 24.64 -13.53 -18.44
O1G ANP V . 24.44 -13.63 -20.00
O2G ANP V . 23.74 -14.54 -17.80
O3G ANP V . 26.14 -13.80 -18.05
PB ANP V . 24.88 -11.80 -16.36
O1B ANP V . 24.30 -10.52 -15.64
O2B ANP V . 26.35 -11.58 -16.49
N3B ANP V . 24.25 -11.97 -17.90
PA ANP V . 25.46 -14.05 -14.67
O1A ANP V . 24.86 -15.46 -14.59
O2A ANP V . 26.86 -14.06 -15.18
O3A ANP V . 24.49 -13.13 -15.58
O5' ANP V . 25.47 -13.44 -13.22
C5' ANP V . 25.61 -12.06 -12.86
C4' ANP V . 26.23 -12.07 -11.49
O4' ANP V . 25.26 -12.51 -10.51
C3' ANP V . 27.40 -13.03 -11.33
O3' ANP V . 28.63 -12.49 -11.79
C2' ANP V . 27.41 -13.27 -9.82
O2' ANP V . 28.12 -12.23 -9.14
C1' ANP V . 25.91 -13.25 -9.49
N9 ANP V . 25.32 -14.60 -9.43
C8 ANP V . 24.89 -15.35 -10.48
N7 ANP V . 24.43 -16.53 -10.14
C5 ANP V . 24.59 -16.55 -8.77
C6 ANP V . 24.29 -17.54 -7.80
N6 ANP V . 23.75 -18.73 -8.08
N1 ANP V . 24.58 -17.26 -6.51
C2 ANP V . 25.12 -16.06 -6.22
N3 ANP V . 25.43 -15.06 -7.05
C4 ANP V . 25.14 -15.38 -8.30
MG MG W . 28.07 -13.19 -17.14
S SO4 X . 26.86 -31.34 -26.98
O1 SO4 X . 26.87 -30.80 -28.34
O2 SO4 X . 26.07 -30.43 -26.15
O3 SO4 X . 26.25 -32.67 -26.96
O4 SO4 X . 28.23 -31.45 -26.49
S SO4 Y . -10.79 -11.32 18.08
O1 SO4 Y . -12.19 -11.67 18.43
O2 SO4 Y . -10.37 -10.19 18.91
O3 SO4 Y . -9.98 -12.54 18.32
O4 SO4 Y . -10.67 -10.93 16.66
PG ANP Z . -9.28 -10.23 24.69
O1G ANP Z . -10.73 -9.94 24.13
O2G ANP Z . -9.45 -10.31 26.17
O3G ANP Z . -8.83 -11.67 24.21
PB ANP Z . -7.05 -9.36 23.00
O1B ANP Z . -6.59 -8.12 22.04
O2B ANP Z . -7.73 -10.37 22.14
N3B ANP Z . -8.17 -8.99 24.23
PA ANP Z . -5.37 -11.63 23.77
O1A ANP Z . -6.34 -12.65 23.36
O2A ANP Z . -4.93 -11.97 25.21
O3A ANP Z . -5.83 -10.05 23.74
O5' ANP Z . -4.16 -11.72 22.77
C5' ANP Z . -4.29 -11.53 21.35
C4' ANP Z . -3.66 -12.70 20.62
O4' ANP Z . -2.23 -12.74 20.85
C3' ANP Z . -4.16 -14.09 20.99
O3' ANP Z . -5.37 -14.45 20.32
C2' ANP Z . -3.00 -14.97 20.55
O2' ANP Z . -3.01 -15.20 19.14
C1' ANP Z . -1.79 -14.09 20.92
N9 ANP Z . -1.31 -14.35 22.28
C8 ANP Z . -1.82 -13.82 23.44
N7 ANP Z . -1.22 -14.24 24.53
C5 ANP Z . -0.26 -15.12 24.06
C6 ANP Z . 0.70 -15.92 24.71
N6 ANP Z . 0.86 -15.95 26.04
N1 ANP Z . 1.51 -16.69 23.95
C2 ANP Z . 1.35 -16.68 22.62
N3 ANP Z . 0.47 -15.97 21.89
C4 ANP Z . -0.30 -15.22 22.67
MG MG AA . -8.15 -12.52 22.58
S SO4 BA . -15.52 -17.01 42.35
O1 SO4 BA . -16.95 -16.72 42.31
O2 SO4 BA . -14.77 -15.91 41.77
O3 SO4 BA . -15.27 -18.26 41.64
O4 SO4 BA . -15.03 -17.15 43.73
PG ANP CA . -21.97 8.57 50.41
O1G ANP CA . -21.49 9.88 50.96
O2G ANP CA . -22.81 7.83 51.53
O3G ANP CA . -20.72 7.67 50.02
PB ANP CA . -23.74 7.45 48.57
O1B ANP CA . -23.30 7.01 47.19
O2B ANP CA . -23.42 6.24 49.52
N3B ANP CA . -22.95 8.85 49.05
PA ANP CA . -26.29 7.39 49.71
O1A ANP CA . -27.38 6.55 49.02
O2A ANP CA . -25.65 6.75 50.89
O3A ANP CA . -25.26 7.77 48.55
O5' ANP CA . -26.88 8.75 50.26
C5' ANP CA . -26.18 9.60 51.18
C4' ANP CA . -27.19 10.16 52.16
O4' ANP CA . -28.35 10.64 51.46
C3' ANP CA . -27.74 9.15 53.17
O3' ANP CA . -26.84 8.96 54.25
C2' ANP CA . -29.07 9.80 53.57
O2' ANP CA . -28.93 10.73 54.65
C1' ANP CA . -29.51 10.48 52.27
N9 ANP CA . -30.48 9.69 51.54
C8 ANP CA . -30.20 8.71 50.61
N7 ANP CA . -31.27 8.10 50.13
C5 ANP CA . -32.32 8.71 50.81
C6 ANP CA . -33.71 8.52 50.74
N6 ANP CA . -34.31 7.63 49.95
N1 ANP CA . -34.48 9.30 51.54
C2 ANP CA . -33.89 10.19 52.34
N3 ANP CA . -32.59 10.46 52.48
C4 ANP CA . -31.85 9.68 51.67
MG MG DA . -24.03 6.17 52.00
S SO4 EA . -26.51 -12.35 43.32
O1 SO4 EA . -26.87 -11.81 44.63
O2 SO4 EA . -26.58 -11.28 42.33
O3 SO4 EA . -27.46 -13.41 42.98
O4 SO4 EA . -25.14 -12.87 43.35
PG ANP FA . -20.46 21.24 20.69
O1G ANP FA . -21.24 22.50 20.18
O2G ANP FA . -20.08 20.29 19.48
O3G ANP FA . -19.22 21.71 21.36
PB ANP FA . -23.05 20.37 21.60
O1B ANP FA . -23.45 20.50 20.16
O2B ANP FA . -23.56 18.98 22.06
N3B ANP FA . -21.38 20.36 21.80
PA ANP FA . -24.50 22.79 22.07
O1A ANP FA . -24.03 23.94 22.97
O2A ANP FA . -24.30 23.16 20.65
O3A ANP FA . -23.66 21.48 22.52
O5' ANP FA . -26.04 22.52 22.35
C5' ANP FA . -26.87 21.58 21.62
C4' ANP FA . -28.06 22.31 21.08
O4' ANP FA . -28.93 22.75 22.15
C3' ANP FA . -27.73 23.58 20.30
O3' ANP FA . -27.29 23.29 18.98
C2' ANP FA . -29.06 24.36 20.40
O2' ANP FA . -30.03 23.88 19.47
C1' ANP FA . -29.50 24.02 21.83
N9 ANP FA . -29.04 25.00 22.83
C8 ANP FA . -27.82 25.03 23.45
N7 ANP FA . -27.68 26.03 24.28
C5 ANP FA . -28.87 26.73 24.18
C6 ANP FA . -29.34 27.90 24.80
N6 ANP FA . -28.64 28.61 25.69
N1 ANP FA . -30.59 28.33 24.48
C2 ANP FA . -31.28 27.63 23.57
N3 ANP FA . -30.94 26.52 22.92
C4 ANP FA . -29.72 26.11 23.28
MG MG GA . -23.10 22.32 19.18
S SO4 HA . -24.22 18.76 15.37
O1 SO4 HA . -25.38 18.77 14.45
O2 SO4 HA . -24.31 19.93 16.23
O3 SO4 HA . -24.27 17.53 16.18
O4 SO4 HA . -22.95 18.85 14.66
S SO4 IA . -6.40 34.44 24.19
O1 SO4 IA . -7.59 34.80 23.43
O2 SO4 IA . -5.98 35.58 24.99
O3 SO4 IA . -6.76 33.32 25.06
O4 SO4 IA . -5.34 34.03 23.27
PG ANP JA . 9.65 14.83 36.04
O1G ANP JA . 8.34 15.33 36.80
O2G ANP JA . 10.37 16.09 35.38
O3G ANP JA . 10.57 14.23 37.06
PB ANP JA . 8.87 14.36 33.45
O1B ANP JA . 8.86 15.93 33.58
O2B ANP JA . 7.49 13.93 33.05
N3B ANP JA . 9.25 13.64 34.91
PA ANP JA . 11.49 14.32 32.57
O1A ANP JA . 11.72 15.31 33.64
O2A ANP JA . 11.95 14.80 31.18
O3A ANP JA . 9.94 13.95 32.41
O5' ANP JA . 12.22 12.96 32.98
C5' ANP JA . 12.65 12.64 34.32
C4' ANP JA . 14.16 12.64 34.39
O4' ANP JA . 14.71 11.77 33.38
C3' ANP JA . 14.84 13.98 34.13
O3' ANP JA . 14.82 14.84 35.27
C2' ANP JA . 16.25 13.55 33.72
O2' ANP JA . 17.15 13.36 34.80
C1' ANP JA . 15.99 12.23 32.98
N9 ANP JA . 16.01 12.41 31.53
C8 ANP JA . 14.95 12.74 30.72
N7 ANP JA . 15.27 12.87 29.45
C5 ANP JA . 16.64 12.62 29.43
C6 ANP JA . 17.58 12.59 28.39
N6 ANP JA . 17.28 12.83 27.10
N1 ANP JA . 18.86 12.30 28.71
C2 ANP JA . 19.17 12.06 29.98
N3 ANP JA . 18.37 12.06 31.05
C4 ANP JA . 17.10 12.34 30.71
MG MG KA . 12.27 17.20 35.16
S SO4 LA . 3.21 29.42 19.75
O1 SO4 LA . 2.76 29.55 18.37
O2 SO4 LA . 2.13 29.78 20.68
O3 SO4 LA . 4.35 30.33 19.91
O4 SO4 LA . 3.59 28.04 20.02
#